data_3VZ0
#
_entry.id   3VZ0
#
_cell.length_a   92.523
_cell.length_b   254.602
_cell.length_c   76.778
_cell.angle_alpha   90.00
_cell.angle_beta   90.00
_cell.angle_gamma   90.00
#
_symmetry.space_group_name_H-M   'P 21 21 2'
#
loop_
_entity.id
_entity.type
_entity.pdbx_description
1 polymer 'Putative NAD-dependent aldehyde dehydrogenase'
2 non-polymer 'NONAETHYLENE GLYCOL'
3 water water
#
_entity_poly.entity_id   1
_entity_poly.type   'polypeptide(L)'
_entity_poly.pdbx_seq_one_letter_code
;GSH(MSE)IVYQTLNPTTETVERSFDLHTPAQ(MSE)KDITDRAEHVWKTDWKLRSIAQRKEIVSRAADLLRRDRQHHAS
LIATE(MSE)GKALPDALEEIDVTADILSFYANGAEEFLAPTPLKVKTGQAKIINQPLGIIYCIEPWNFPYYQLARVAGP
NL(MSE)AGNVVIAKHAPNVPQCALAFEKLFHDAGAPVGAYANIFLDNDQSAELIKDERIRGVALTGSERAGQAVAAQAG
AALKKDT(MSE)ELGGSDAFIVLDDADLDLAVKWAVWGRFANNGQVCTAAKR(MSE)IVHEKVYDAFLDGLKTAITRFRI
GNPLDRDTTHGP(MSE)SSLRA(MSE)ELALDQTAEAVKGGATLVAGGKR(MSE)DRKGFF(MSE)EPTILTDVSKDNPV
FYQEIFGPVAVVHKVASEQAAIDLANDSPYGLGGAVFSRDIARAEKVAEQVETG(MSE)VFINTATAAAPELPFGGIKNS
GFGRELSFLGIEEFINRKLVRIG
;
_entity_poly.pdbx_strand_id   A,B,C,D
#
# COMPACT_ATOMS: atom_id res chain seq x y z
N ILE A 5 -6.17 40.74 -29.42
CA ILE A 5 -7.10 39.87 -28.68
C ILE A 5 -8.36 40.65 -28.27
N VAL A 6 -9.53 40.03 -28.44
CA VAL A 6 -10.80 40.65 -28.08
C VAL A 6 -11.60 39.69 -27.22
N TYR A 7 -11.78 40.01 -25.94
CA TYR A 7 -12.75 39.27 -25.11
C TYR A 7 -14.16 39.80 -25.40
N GLN A 8 -15.04 38.91 -25.83
CA GLN A 8 -16.39 39.31 -26.21
C GLN A 8 -17.24 38.06 -26.38
N THR A 9 -18.55 38.24 -26.30
CA THR A 9 -19.51 37.24 -26.71
C THR A 9 -19.90 37.53 -28.16
N LEU A 10 -19.51 36.63 -29.06
CA LEU A 10 -20.01 36.60 -30.39
C LEU A 10 -20.82 35.30 -30.44
N ASN A 11 -22.14 35.42 -30.48
CA ASN A 11 -23.05 34.27 -30.43
C ASN A 11 -22.91 33.48 -31.75
N PRO A 12 -22.47 32.19 -31.68
CA PRO A 12 -22.26 31.47 -32.94
C PRO A 12 -23.52 30.99 -33.69
N THR A 13 -24.69 31.06 -33.06
CA THR A 13 -25.95 30.67 -33.71
C THR A 13 -26.42 31.82 -34.55
N THR A 14 -26.07 33.01 -34.11
CA THR A 14 -26.66 34.21 -34.63
C THR A 14 -25.61 35.08 -35.36
N GLU A 15 -24.32 34.76 -35.13
CA GLU A 15 -23.15 35.50 -35.68
C GLU A 15 -22.96 36.92 -35.14
N THR A 16 -23.63 37.23 -34.03
CA THR A 16 -23.70 38.60 -33.53
C THR A 16 -22.88 38.81 -32.27
N VAL A 17 -22.14 39.92 -32.23
CA VAL A 17 -21.50 40.35 -31.01
C VAL A 17 -22.53 40.85 -29.99
N GLU A 18 -22.64 40.12 -28.88
CA GLU A 18 -23.59 40.49 -27.83
C GLU A 18 -22.97 41.38 -26.77
N ARG A 19 -21.72 41.13 -26.41
CA ARG A 19 -21.08 41.86 -25.34
C ARG A 19 -19.58 41.94 -25.55
N SER A 20 -19.00 43.08 -25.18
CA SER A 20 -17.59 43.33 -25.29
C SER A 20 -17.02 43.60 -23.91
N PHE A 21 -15.76 43.24 -23.70
CA PHE A 21 -15.12 43.36 -22.40
C PHE A 21 -13.70 43.94 -22.60
N ASP A 22 -13.29 44.83 -21.71
CA ASP A 22 -11.93 45.37 -21.76
C ASP A 22 -10.93 44.42 -21.13
N LEU A 23 -9.71 44.46 -21.66
CA LEU A 23 -8.58 43.85 -20.98
C LEU A 23 -8.34 44.56 -19.66
N HIS A 24 -7.98 43.78 -18.64
CA HIS A 24 -7.40 44.34 -17.43
C HIS A 24 -6.08 45.01 -17.80
N THR A 25 -5.85 46.18 -17.19
CA THR A 25 -4.63 46.92 -17.39
C THR A 25 -3.51 46.29 -16.55
N PRO A 26 -2.24 46.67 -16.83
CA PRO A 26 -1.12 46.25 -16.00
C PRO A 26 -1.37 46.49 -14.52
N ALA A 27 -1.90 47.67 -14.18
CA ALA A 27 -2.24 48.05 -12.81
C ALA A 27 -3.28 47.12 -12.21
N GLN A 28 -4.36 46.87 -12.96
CA GLN A 28 -5.42 45.96 -12.52
C GLN A 28 -4.94 44.52 -12.31
N LYS A 30 -1.89 43.83 -11.49
CA LYS A 30 -1.09 43.92 -10.28
C LYS A 30 -2.00 43.83 -9.04
N ASP A 31 -3.10 44.57 -9.06
CA ASP A 31 -4.09 44.55 -7.97
C ASP A 31 -4.65 43.16 -7.74
N ILE A 32 -4.92 42.43 -8.83
CA ILE A 32 -5.49 41.08 -8.76
C ILE A 32 -4.51 40.09 -8.12
N THR A 33 -3.25 40.16 -8.52
CA THR A 33 -2.20 39.34 -7.95
C THR A 33 -1.92 39.74 -6.48
N ASP A 34 -1.82 41.05 -6.21
CA ASP A 34 -1.71 41.58 -4.84
C ASP A 34 -2.81 41.02 -3.91
N ARG A 35 -4.07 41.10 -4.35
CA ARG A 35 -5.20 40.57 -3.60
C ARG A 35 -5.14 39.05 -3.39
N ALA A 36 -4.66 38.32 -4.39
CA ALA A 36 -4.61 36.86 -4.32
C ALA A 36 -3.57 36.41 -3.30
N GLU A 37 -2.38 37.02 -3.37
CA GLU A 37 -1.32 36.76 -2.42
C GLU A 37 -1.77 37.04 -0.98
N HIS A 38 -2.43 38.18 -0.77
CA HIS A 38 -2.81 38.56 0.57
C HIS A 38 -3.82 37.61 1.22
N VAL A 39 -4.90 37.33 0.48
CA VAL A 39 -5.92 36.41 0.91
C VAL A 39 -5.35 35.00 1.09
N TRP A 40 -4.56 34.53 0.14
CA TRP A 40 -3.89 33.26 0.34
C TRP A 40 -3.20 33.22 1.71
N LYS A 41 -2.27 34.15 1.96
CA LYS A 41 -1.34 34.01 3.09
C LYS A 41 -2.02 34.25 4.42
N THR A 42 -3.04 35.09 4.38
CA THR A 42 -3.59 35.73 5.56
C THR A 42 -4.93 35.13 5.96
N ASP A 43 -5.54 34.39 5.03
CA ASP A 43 -6.90 33.93 5.18
C ASP A 43 -7.04 32.50 4.67
N TRP A 44 -6.97 32.30 3.34
CA TRP A 44 -7.36 31.02 2.74
C TRP A 44 -6.57 29.77 3.18
N LYS A 45 -5.24 29.89 3.23
CA LYS A 45 -4.40 28.77 3.61
C LYS A 45 -4.55 28.44 5.09
N LEU A 46 -5.15 29.38 5.84
CA LEU A 46 -5.29 29.27 7.28
C LEU A 46 -6.63 28.64 7.66
N ARG A 47 -7.61 28.71 6.76
CA ARG A 47 -8.88 28.03 7.01
C ARG A 47 -8.70 26.53 7.03
N SER A 48 -9.43 25.86 7.92
CA SER A 48 -9.42 24.41 7.97
C SER A 48 -10.03 23.86 6.67
N ILE A 49 -9.74 22.60 6.38
CA ILE A 49 -10.34 21.90 5.23
C ILE A 49 -11.86 22.00 5.30
N ALA A 50 -12.41 21.86 6.51
CA ALA A 50 -13.84 21.86 6.74
C ALA A 50 -14.49 23.20 6.42
N GLN A 51 -13.80 24.30 6.68
CA GLN A 51 -14.30 25.64 6.32
C GLN A 51 -14.29 25.84 4.82
N ARG A 52 -13.24 25.35 4.17
CA ARG A 52 -13.14 25.46 2.73
C ARG A 52 -14.22 24.61 2.08
N LYS A 53 -14.43 23.41 2.64
CA LYS A 53 -15.45 22.48 2.17
C LYS A 53 -16.82 23.14 2.14
N GLU A 54 -17.17 23.89 3.19
CA GLU A 54 -18.42 24.68 3.20
C GLU A 54 -18.57 25.46 1.91
N ILE A 55 -17.57 26.28 1.61
CA ILE A 55 -17.57 27.15 0.43
C ILE A 55 -17.67 26.34 -0.88
N VAL A 56 -16.78 25.38 -1.06
CA VAL A 56 -16.68 24.66 -2.33
C VAL A 56 -17.92 23.82 -2.54
N SER A 57 -18.37 23.12 -1.50
CA SER A 57 -19.64 22.41 -1.58
C SER A 57 -20.85 23.34 -1.86
N ARG A 58 -20.89 24.50 -1.21
CA ARG A 58 -21.92 25.50 -1.46
C ARG A 58 -21.95 25.93 -2.96
N ALA A 59 -20.77 26.13 -3.54
CA ALA A 59 -20.64 26.40 -4.98
C ALA A 59 -21.20 25.29 -5.89
N ALA A 60 -21.00 24.02 -5.52
CA ALA A 60 -21.65 22.90 -6.20
C ALA A 60 -23.17 23.03 -6.15
N ASP A 61 -23.69 23.28 -4.93
CA ASP A 61 -25.10 23.50 -4.68
C ASP A 61 -25.66 24.65 -5.55
N LEU A 62 -24.96 25.77 -5.59
CA LEU A 62 -25.39 26.88 -6.43
C LEU A 62 -25.45 26.52 -7.95
N LEU A 63 -24.44 25.83 -8.47
CA LEU A 63 -24.48 25.37 -9.86
C LEU A 63 -25.67 24.48 -10.21
N ARG A 64 -25.96 23.50 -9.33
CA ARG A 64 -27.10 22.61 -9.52
C ARG A 64 -28.43 23.36 -9.53
N ARG A 65 -28.59 24.27 -8.57
CA ARG A 65 -29.80 25.07 -8.41
C ARG A 65 -30.01 25.93 -9.66
N ASP A 66 -28.92 26.58 -10.09
CA ASP A 66 -28.92 27.50 -11.20
C ASP A 66 -28.39 26.90 -12.51
N ARG A 67 -28.54 25.59 -12.69
CA ARG A 67 -27.97 24.86 -13.84
C ARG A 67 -28.43 25.40 -15.18
N GLN A 68 -29.72 25.72 -15.30
CA GLN A 68 -30.30 26.26 -16.54
C GLN A 68 -29.63 27.56 -16.96
N HIS A 69 -29.43 28.46 -16.00
CA HIS A 69 -28.74 29.73 -16.23
C HIS A 69 -27.31 29.51 -16.76
N HIS A 70 -26.56 28.64 -16.10
CA HIS A 70 -25.17 28.40 -16.47
C HIS A 70 -25.04 27.66 -17.81
N ALA A 71 -25.92 26.71 -18.05
CA ALA A 71 -25.90 25.97 -19.29
C ALA A 71 -26.25 26.87 -20.46
N SER A 72 -27.16 27.81 -20.23
CA SER A 72 -27.54 28.76 -21.27
C SER A 72 -26.43 29.76 -21.65
N LEU A 73 -25.56 30.09 -20.71
CA LEU A 73 -24.37 30.88 -20.99
C LEU A 73 -23.39 30.12 -21.86
N ILE A 74 -23.21 28.83 -21.58
CA ILE A 74 -22.38 27.96 -22.41
C ILE A 74 -22.91 27.93 -23.87
N ALA A 75 -24.19 27.62 -24.03
CA ALA A 75 -24.83 27.53 -25.36
C ALA A 75 -24.76 28.87 -26.12
N THR A 76 -24.92 29.96 -25.38
CA THR A 76 -24.92 31.29 -25.97
C THR A 76 -23.54 31.67 -26.48
N GLU A 77 -22.53 31.49 -25.64
CA GLU A 77 -21.17 31.95 -25.97
C GLU A 77 -20.43 31.10 -27.01
N GLY A 79 -22.00 27.84 -28.40
CA GLY A 79 -22.89 27.06 -29.26
C GLY A 79 -23.27 25.66 -28.85
N LYS A 80 -22.80 25.19 -27.71
CA LYS A 80 -23.06 23.81 -27.26
C LYS A 80 -24.57 23.53 -27.07
N ALA A 81 -25.08 22.47 -27.69
CA ALA A 81 -26.48 22.08 -27.51
C ALA A 81 -26.81 22.02 -26.02
N LEU A 82 -27.97 22.56 -25.64
CA LEU A 82 -28.39 22.63 -24.24
C LEU A 82 -28.25 21.30 -23.46
N PRO A 83 -28.80 20.17 -23.96
CA PRO A 83 -28.57 18.89 -23.22
C PRO A 83 -27.10 18.59 -22.85
N ASP A 84 -26.16 18.87 -23.75
CA ASP A 84 -24.72 18.71 -23.49
C ASP A 84 -24.24 19.80 -22.48
N ALA A 85 -24.72 21.04 -22.65
CA ALA A 85 -24.39 22.12 -21.72
C ALA A 85 -24.89 21.80 -20.29
N LEU A 86 -26.10 21.27 -20.17
CA LEU A 86 -26.66 20.83 -18.89
C LEU A 86 -25.91 19.65 -18.31
N GLU A 87 -25.45 18.75 -19.17
CA GLU A 87 -24.56 17.71 -18.70
C GLU A 87 -23.24 18.27 -18.19
N GLU A 88 -22.65 19.23 -18.93
CA GLU A 88 -21.42 19.86 -18.48
C GLU A 88 -21.58 20.41 -17.05
N ILE A 89 -22.67 21.14 -16.82
CA ILE A 89 -22.91 21.78 -15.55
C ILE A 89 -23.04 20.77 -14.40
N ASP A 90 -23.73 19.65 -14.66
CA ASP A 90 -23.92 18.58 -13.67
C ASP A 90 -22.61 17.94 -13.26
N VAL A 91 -21.77 17.61 -14.23
CA VAL A 91 -20.45 17.09 -13.90
C VAL A 91 -19.53 18.14 -13.26
N THR A 92 -19.69 19.41 -13.63
CA THR A 92 -18.93 20.50 -13.00
C THR A 92 -19.26 20.55 -11.51
N ALA A 93 -20.55 20.47 -11.19
CA ALA A 93 -21.01 20.42 -9.82
C ALA A 93 -20.48 19.17 -9.10
N ASP A 94 -20.58 18.01 -9.74
CA ASP A 94 -20.00 16.76 -9.20
C ASP A 94 -18.50 16.83 -8.85
N ILE A 95 -17.72 17.46 -9.72
CA ILE A 95 -16.28 17.68 -9.51
C ILE A 95 -16.01 18.54 -8.29
N LEU A 96 -16.79 19.58 -8.09
CA LEU A 96 -16.61 20.45 -6.94
C LEU A 96 -16.96 19.70 -5.65
N SER A 97 -18.08 18.97 -5.65
CA SER A 97 -18.44 18.08 -4.53
C SER A 97 -17.43 16.99 -4.26
N PHE A 98 -16.84 16.46 -5.32
CA PHE A 98 -15.85 15.39 -5.18
C PHE A 98 -14.69 15.87 -4.33
N TYR A 99 -14.17 17.05 -4.64
CA TYR A 99 -13.04 17.58 -3.89
C TYR A 99 -13.46 18.14 -2.54
N ALA A 100 -14.64 18.77 -2.50
CA ALA A 100 -15.17 19.28 -1.24
C ALA A 100 -15.26 18.14 -0.24
N ASN A 101 -15.88 17.03 -0.64
CA ASN A 101 -16.09 15.87 0.25
C ASN A 101 -14.84 14.99 0.47
N GLY A 102 -13.98 14.87 -0.52
CA GLY A 102 -12.81 14.01 -0.43
C GLY A 102 -11.53 14.66 0.10
N ALA A 103 -11.50 16.00 0.17
CA ALA A 103 -10.24 16.72 0.45
C ALA A 103 -9.57 16.31 1.73
N GLU A 104 -10.36 16.06 2.77
CA GLU A 104 -9.84 15.62 4.06
C GLU A 104 -9.13 14.25 3.97
N GLU A 105 -9.74 13.30 3.26
CA GLU A 105 -9.08 12.04 2.90
C GLU A 105 -7.78 12.31 2.11
N PHE A 106 -7.86 13.13 1.06
CA PHE A 106 -6.70 13.34 0.18
C PHE A 106 -5.60 14.17 0.86
N LEU A 107 -6.00 15.16 1.65
CA LEU A 107 -5.03 16.07 2.31
C LEU A 107 -4.63 15.68 3.75
N ALA A 108 -4.95 14.45 4.15
CA ALA A 108 -4.48 13.90 5.42
C ALA A 108 -2.98 13.66 5.33
N PRO A 109 -2.26 13.83 6.46
CA PRO A 109 -0.85 13.46 6.48
C PRO A 109 -0.69 12.02 6.04
N THR A 110 0.34 11.79 5.24
CA THR A 110 0.71 10.44 4.79
C THR A 110 1.87 9.93 5.65
N PRO A 111 1.56 9.12 6.67
CA PRO A 111 2.63 8.55 7.48
C PRO A 111 3.33 7.43 6.72
N LEU A 112 4.64 7.35 6.89
CA LEU A 112 5.47 6.41 6.15
C LEU A 112 6.02 5.32 7.07
N LYS A 113 6.04 4.09 6.57
CA LYS A 113 6.64 2.98 7.32
C LYS A 113 8.17 3.01 7.27
N VAL A 114 8.78 3.18 8.43
CA VAL A 114 10.23 3.26 8.57
C VAL A 114 10.68 2.38 9.75
N LYS A 115 11.86 1.78 9.63
CA LYS A 115 12.40 0.90 10.66
C LYS A 115 13.13 1.65 11.77
N THR A 116 13.28 2.96 11.57
CA THR A 116 14.00 3.83 12.51
C THR A 116 13.23 5.15 12.65
N GLY A 117 12.84 5.49 13.88
CA GLY A 117 12.07 6.70 14.14
C GLY A 117 10.76 6.79 13.36
N GLN A 118 10.42 8.00 12.94
CA GLN A 118 9.14 8.25 12.26
C GLN A 118 9.38 9.13 11.03
N ALA A 119 8.48 9.04 10.07
CA ALA A 119 8.48 9.93 8.92
C ALA A 119 7.05 10.10 8.43
N LYS A 120 6.68 11.34 8.06
CA LYS A 120 5.43 11.58 7.35
C LYS A 120 5.56 12.65 6.27
N ILE A 121 4.62 12.63 5.33
CA ILE A 121 4.47 13.69 4.34
C ILE A 121 3.28 14.56 4.72
N ILE A 122 3.52 15.85 4.91
CA ILE A 122 2.47 16.79 5.28
C ILE A 122 2.08 17.56 4.01
N ASN A 123 0.79 17.67 3.73
CA ASN A 123 0.36 18.33 2.52
C ASN A 123 0.02 19.81 2.77
N GLN A 124 0.81 20.69 2.18
CA GLN A 124 0.61 22.11 2.37
C GLN A 124 0.39 22.85 1.03
N PRO A 125 -0.41 23.93 1.05
CA PRO A 125 -0.59 24.73 -0.15
C PRO A 125 0.66 25.48 -0.63
N LEU A 126 0.69 25.77 -1.92
CA LEU A 126 1.83 26.43 -2.54
C LEU A 126 1.63 27.94 -2.61
N GLY A 127 0.44 28.36 -3.01
CA GLY A 127 0.21 29.77 -3.25
C GLY A 127 -0.79 30.03 -4.34
N ILE A 128 -0.48 30.97 -5.21
CA ILE A 128 -1.34 31.32 -6.31
C ILE A 128 -1.08 30.36 -7.46
N ILE A 129 -2.15 29.75 -7.95
CA ILE A 129 -2.08 28.96 -9.18
C ILE A 129 -2.73 29.74 -10.32
N TYR A 130 -2.02 29.90 -11.42
CA TYR A 130 -2.51 30.59 -12.59
C TYR A 130 -3.04 29.53 -13.57
N CYS A 131 -4.31 29.62 -13.95
CA CYS A 131 -4.91 28.62 -14.84
C CYS A 131 -5.31 29.25 -16.15
N ILE A 132 -4.97 28.56 -17.25
CA ILE A 132 -5.31 29.00 -18.60
C ILE A 132 -6.23 27.95 -19.22
N GLU A 133 -7.48 28.33 -19.51
CA GLU A 133 -8.52 27.34 -19.79
C GLU A 133 -9.17 27.54 -21.16
N PRO A 134 -9.71 26.47 -21.78
CA PRO A 134 -10.27 26.58 -23.13
C PRO A 134 -11.79 26.78 -23.19
N TRP A 135 -12.29 27.10 -24.38
CA TRP A 135 -13.71 27.41 -24.57
C TRP A 135 -14.65 26.20 -24.71
N ASN A 136 -14.12 25.00 -24.96
CA ASN A 136 -14.96 23.86 -25.33
C ASN A 136 -15.79 23.26 -24.19
N PHE A 137 -15.27 23.41 -22.97
CA PHE A 137 -15.97 23.02 -21.74
C PHE A 137 -15.67 24.12 -20.73
N PRO A 138 -16.34 25.29 -20.86
CA PRO A 138 -15.97 26.49 -20.11
C PRO A 138 -16.22 26.41 -18.60
N TYR A 139 -17.13 25.55 -18.15
CA TYR A 139 -17.31 25.34 -16.70
C TYR A 139 -16.42 24.26 -16.14
N TYR A 140 -16.44 23.11 -16.81
CA TYR A 140 -15.77 21.91 -16.34
C TYR A 140 -14.25 22.06 -16.29
N GLN A 141 -13.66 22.78 -17.26
CA GLN A 141 -12.22 23.03 -17.23
C GLN A 141 -11.82 23.90 -16.04
N LEU A 142 -12.70 24.84 -15.67
CA LEU A 142 -12.43 25.69 -14.51
C LEU A 142 -12.54 24.90 -13.22
N ALA A 143 -13.59 24.11 -13.08
CA ALA A 143 -13.80 23.24 -11.92
C ALA A 143 -12.67 22.20 -11.72
N ARG A 144 -12.17 21.67 -12.83
CA ARG A 144 -11.15 20.62 -12.83
C ARG A 144 -9.86 21.12 -12.12
N VAL A 145 -9.68 22.44 -12.14
CA VAL A 145 -8.53 23.10 -11.58
C VAL A 145 -8.88 23.80 -10.26
N ALA A 146 -10.03 24.47 -10.23
CA ALA A 146 -10.42 25.26 -9.06
C ALA A 146 -10.84 24.41 -7.87
N GLY A 147 -11.49 23.29 -8.13
CA GLY A 147 -11.96 22.43 -7.06
C GLY A 147 -10.83 21.88 -6.21
N PRO A 148 -9.89 21.12 -6.83
CA PRO A 148 -8.76 20.60 -6.06
C PRO A 148 -7.90 21.68 -5.43
N ASN A 149 -7.62 22.75 -6.17
CA ASN A 149 -6.67 23.74 -5.69
C ASN A 149 -7.18 24.58 -4.56
N LEU A 150 -8.46 25.00 -4.61
CA LEU A 150 -9.03 25.70 -3.46
C LEU A 150 -9.17 24.75 -2.26
N ALA A 152 -7.12 22.45 -1.53
CA ALA A 152 -5.74 22.31 -1.05
C ALA A 152 -5.26 23.57 -0.34
N GLY A 153 -6.04 24.64 -0.39
CA GLY A 153 -5.68 25.88 0.28
C GLY A 153 -4.87 26.80 -0.63
N ASN A 154 -4.90 26.52 -1.94
CA ASN A 154 -4.27 27.36 -2.95
C ASN A 154 -5.28 28.43 -3.34
N VAL A 155 -4.82 29.51 -3.96
CA VAL A 155 -5.75 30.43 -4.61
C VAL A 155 -5.51 30.36 -6.13
N VAL A 156 -6.49 30.83 -6.89
CA VAL A 156 -6.51 30.68 -8.34
C VAL A 156 -6.73 32.02 -9.07
N ILE A 157 -5.90 32.28 -10.08
CA ILE A 157 -6.17 33.32 -11.07
C ILE A 157 -6.41 32.54 -12.36
N ALA A 158 -7.54 32.80 -13.00
CA ALA A 158 -7.95 32.03 -14.16
C ALA A 158 -8.09 32.94 -15.39
N LYS A 159 -7.30 32.69 -16.43
CA LYS A 159 -7.47 33.40 -17.70
C LYS A 159 -8.23 32.50 -18.65
N HIS A 160 -9.44 32.89 -19.01
CA HIS A 160 -10.23 32.07 -19.91
C HIS A 160 -10.05 32.41 -21.37
N ALA A 161 -10.58 31.55 -22.23
CA ALA A 161 -10.55 31.79 -23.64
C ALA A 161 -11.38 33.06 -23.90
N PRO A 162 -10.90 33.92 -24.84
CA PRO A 162 -11.50 35.24 -25.05
C PRO A 162 -12.95 35.22 -25.53
N ASN A 163 -13.45 34.06 -25.95
CA ASN A 163 -14.81 33.92 -26.47
C ASN A 163 -15.83 33.35 -25.48
N VAL A 164 -15.41 33.07 -24.24
CA VAL A 164 -16.35 32.73 -23.17
C VAL A 164 -16.28 33.67 -21.95
N PRO A 165 -16.19 35.00 -22.18
CA PRO A 165 -15.98 35.86 -21.02
C PRO A 165 -17.12 35.82 -20.00
N GLN A 166 -18.36 35.65 -20.42
CA GLN A 166 -19.49 35.58 -19.51
C GLN A 166 -19.53 34.32 -18.66
N CYS A 167 -19.17 33.17 -19.23
CA CYS A 167 -18.91 31.97 -18.46
C CYS A 167 -17.83 32.22 -17.42
N ALA A 168 -16.74 32.86 -17.85
CA ALA A 168 -15.62 33.20 -16.98
C ALA A 168 -16.08 34.05 -15.79
N LEU A 169 -16.83 35.11 -16.07
CA LEU A 169 -17.40 35.96 -15.01
C LEU A 169 -18.40 35.23 -14.12
N ALA A 170 -19.24 34.38 -14.72
CA ALA A 170 -20.20 33.56 -13.94
C ALA A 170 -19.52 32.60 -12.95
N PHE A 171 -18.37 32.05 -13.34
CA PHE A 171 -17.64 31.19 -12.43
C PHE A 171 -16.99 31.93 -11.25
N GLU A 172 -16.44 33.10 -11.52
CA GLU A 172 -15.89 33.92 -10.47
C GLU A 172 -17.01 34.32 -9.53
N LYS A 173 -18.17 34.70 -10.10
CA LYS A 173 -19.34 35.13 -9.31
C LYS A 173 -19.85 34.00 -8.44
N LEU A 174 -19.87 32.79 -9.01
CA LEU A 174 -20.32 31.59 -8.29
C LEU A 174 -19.57 31.45 -6.99
N PHE A 175 -18.25 31.59 -7.05
CA PHE A 175 -17.43 31.50 -5.84
C PHE A 175 -17.65 32.63 -4.84
N HIS A 176 -17.83 33.84 -5.36
CA HIS A 176 -18.28 34.97 -4.56
C HIS A 176 -19.61 34.65 -3.84
N ASP A 177 -20.59 34.15 -4.60
CA ASP A 177 -21.90 33.79 -4.05
C ASP A 177 -21.84 32.61 -3.07
N ALA A 178 -20.86 31.73 -3.24
CA ALA A 178 -20.64 30.61 -2.33
C ALA A 178 -19.96 31.02 -1.00
N GLY A 179 -19.45 32.25 -0.94
CA GLY A 179 -18.80 32.79 0.24
C GLY A 179 -17.28 32.81 0.25
N ALA A 180 -16.63 32.49 -0.86
CA ALA A 180 -15.17 32.60 -0.95
C ALA A 180 -14.76 34.09 -0.85
N PRO A 181 -13.65 34.38 -0.14
CA PRO A 181 -13.25 35.77 -0.06
C PRO A 181 -12.76 36.24 -1.43
N VAL A 182 -12.88 37.54 -1.68
CA VAL A 182 -12.32 38.16 -2.90
C VAL A 182 -10.83 37.84 -2.90
N GLY A 183 -10.32 37.32 -4.02
CA GLY A 183 -8.92 36.94 -4.11
C GLY A 183 -8.69 35.44 -4.08
N ALA A 184 -9.61 34.69 -3.49
CA ALA A 184 -9.54 33.21 -3.55
C ALA A 184 -9.62 32.68 -4.99
N TYR A 185 -10.57 33.21 -5.77
CA TYR A 185 -10.74 32.82 -7.17
C TYR A 185 -11.06 34.07 -7.96
N ALA A 186 -10.24 34.37 -8.96
CA ALA A 186 -10.45 35.58 -9.76
C ALA A 186 -10.31 35.29 -11.25
N ASN A 187 -11.17 35.94 -12.02
CA ASN A 187 -11.06 35.93 -13.46
C ASN A 187 -10.00 36.97 -13.86
N ILE A 188 -9.37 36.78 -15.02
CA ILE A 188 -8.51 37.83 -15.60
C ILE A 188 -8.57 37.83 -17.16
N PHE A 189 -8.60 39.03 -17.74
CA PHE A 189 -8.66 39.25 -19.19
C PHE A 189 -7.33 39.87 -19.58
N LEU A 190 -6.49 39.11 -20.28
CA LEU A 190 -5.12 39.52 -20.61
C LEU A 190 -4.76 39.22 -22.07
N ASP A 191 -3.86 40.02 -22.64
CA ASP A 191 -3.19 39.64 -23.87
C ASP A 191 -2.02 38.67 -23.58
N ASN A 192 -1.40 38.12 -24.62
CA ASN A 192 -0.31 37.15 -24.47
C ASN A 192 0.91 37.70 -23.73
N ASP A 193 1.26 38.96 -24.02
CA ASP A 193 2.33 39.67 -23.31
C ASP A 193 2.10 39.75 -21.79
N GLN A 194 0.92 40.24 -21.39
CA GLN A 194 0.56 40.32 -19.98
C GLN A 194 0.56 38.93 -19.31
N SER A 195 0.07 37.92 -20.03
CA SER A 195 0.09 36.53 -19.54
C SER A 195 1.52 36.04 -19.26
N ALA A 196 2.43 36.31 -20.19
CA ALA A 196 3.85 35.97 -20.02
C ALA A 196 4.48 36.69 -18.82
N GLU A 197 4.08 37.93 -18.59
CA GLU A 197 4.59 38.72 -17.46
C GLU A 197 4.07 38.21 -16.13
N LEU A 198 2.82 37.77 -16.11
CA LEU A 198 2.21 37.09 -14.97
C LEU A 198 2.92 35.76 -14.62
N ILE A 199 3.31 34.99 -15.63
CA ILE A 199 4.07 33.75 -15.38
C ILE A 199 5.41 34.04 -14.67
N LYS A 200 6.07 35.15 -15.04
CA LYS A 200 7.33 35.60 -14.40
C LYS A 200 7.20 36.07 -12.95
N ASP A 201 5.97 36.35 -12.50
CA ASP A 201 5.73 36.88 -11.16
C ASP A 201 5.99 35.78 -10.15
N GLU A 202 6.93 36.03 -9.23
CA GLU A 202 7.39 34.98 -8.31
C GLU A 202 6.33 34.50 -7.32
N ARG A 203 5.21 35.21 -7.24
CA ARG A 203 4.06 34.80 -6.42
C ARG A 203 3.21 33.72 -7.09
N ILE A 204 3.24 33.67 -8.41
CA ILE A 204 2.63 32.56 -9.15
C ILE A 204 3.48 31.32 -8.97
N ARG A 205 2.91 30.32 -8.31
CA ARG A 205 3.70 29.16 -7.94
C ARG A 205 3.45 27.95 -8.83
N GLY A 206 2.47 28.06 -9.72
CA GLY A 206 2.12 26.96 -10.60
C GLY A 206 1.31 27.48 -11.77
N VAL A 207 1.42 26.77 -12.90
CA VAL A 207 0.65 27.09 -14.10
C VAL A 207 -0.03 25.84 -14.59
N ALA A 208 -1.35 25.89 -14.67
CA ALA A 208 -2.14 24.81 -15.25
C ALA A 208 -2.71 25.30 -16.56
N LEU A 209 -2.43 24.60 -17.65
CA LEU A 209 -3.00 24.92 -18.95
C LEU A 209 -3.76 23.74 -19.57
N THR A 210 -4.98 24.02 -20.03
CA THR A 210 -5.66 23.14 -20.96
C THR A 210 -5.83 23.89 -22.28
N GLY A 211 -5.46 23.25 -23.39
CA GLY A 211 -5.56 23.91 -24.70
C GLY A 211 -4.78 23.25 -25.84
N SER A 212 -4.32 24.08 -26.78
CA SER A 212 -3.66 23.59 -28.00
C SER A 212 -2.16 23.44 -27.81
N GLU A 213 -1.54 22.60 -28.64
CA GLU A 213 -0.09 22.38 -28.65
C GLU A 213 0.72 23.67 -28.65
N ARG A 214 0.32 24.57 -29.56
CA ARG A 214 0.98 25.83 -29.80
C ARG A 214 0.96 26.68 -28.55
N ALA A 215 -0.24 26.80 -27.96
CA ALA A 215 -0.42 27.49 -26.70
C ALA A 215 0.42 26.82 -25.63
N GLY A 216 0.43 25.49 -25.63
CA GLY A 216 1.20 24.72 -24.65
C GLY A 216 2.70 24.95 -24.74
N GLN A 217 3.21 24.98 -25.96
CA GLN A 217 4.65 25.21 -26.23
C GLN A 217 5.13 26.57 -25.76
N ALA A 218 4.31 27.60 -25.97
CA ALA A 218 4.68 28.97 -25.54
C ALA A 218 4.70 29.06 -24.02
N VAL A 219 3.61 28.59 -23.41
CA VAL A 219 3.42 28.63 -21.96
C VAL A 219 4.33 27.70 -21.16
N ALA A 220 4.51 26.46 -21.61
CA ALA A 220 5.41 25.53 -20.91
C ALA A 220 6.84 26.04 -20.89
N ALA A 221 7.31 26.56 -22.02
CA ALA A 221 8.62 27.23 -22.10
C ALA A 221 8.75 28.42 -21.14
N GLN A 222 7.68 29.20 -21.01
CA GLN A 222 7.65 30.33 -20.06
C GLN A 222 7.73 29.84 -18.59
N ALA A 223 6.96 28.81 -18.28
CA ALA A 223 6.92 28.28 -16.93
C ALA A 223 8.26 27.65 -16.56
N GLY A 224 8.85 26.91 -17.50
CA GLY A 224 10.21 26.38 -17.37
C GLY A 224 11.24 27.45 -17.07
N ALA A 225 11.23 28.52 -17.86
CA ALA A 225 12.18 29.63 -17.64
C ALA A 225 12.00 30.32 -16.28
N ALA A 226 10.76 30.38 -15.79
CA ALA A 226 10.44 30.93 -14.46
C ALA A 226 10.57 29.88 -13.35
N LEU A 227 10.98 28.67 -13.75
CA LEU A 227 11.22 27.54 -12.85
C LEU A 227 10.01 27.24 -11.96
N LYS A 228 8.83 27.17 -12.58
CA LYS A 228 7.57 26.87 -11.91
C LYS A 228 7.04 25.49 -12.29
N LYS A 229 6.34 24.88 -11.35
CA LYS A 229 5.53 23.71 -11.60
C LYS A 229 4.44 24.08 -12.64
N ASP A 230 4.16 23.17 -13.55
CA ASP A 230 3.08 23.36 -14.51
C ASP A 230 2.50 22.03 -14.93
N THR A 231 1.28 22.08 -15.44
CA THR A 231 0.66 20.93 -16.08
C THR A 231 0.12 21.37 -17.44
N GLU A 233 -2.38 20.06 -20.53
CA GLU A 233 -3.40 19.16 -21.09
C GLU A 233 -3.70 19.70 -22.48
N LEU A 234 -3.27 18.95 -23.49
CA LEU A 234 -3.21 19.46 -24.84
C LEU A 234 -4.16 18.68 -25.76
N GLY A 235 -4.01 18.78 -27.08
CA GLY A 235 -4.91 18.02 -27.95
C GLY A 235 -4.69 16.50 -27.94
N GLY A 236 -5.62 15.79 -28.57
CA GLY A 236 -5.41 14.38 -28.87
C GLY A 236 -5.93 14.03 -30.26
N SER A 237 -5.49 12.90 -30.79
CA SER A 237 -6.13 12.26 -31.93
C SER A 237 -6.37 10.81 -31.53
N ASP A 238 -7.32 10.63 -30.62
CA ASP A 238 -7.52 9.34 -29.98
C ASP A 238 -8.04 8.24 -30.91
N ALA A 239 -7.49 7.05 -30.76
CA ALA A 239 -7.97 5.88 -31.47
C ALA A 239 -9.25 5.40 -30.82
N PHE A 240 -10.17 4.98 -31.65
CA PHE A 240 -11.40 4.33 -31.25
C PHE A 240 -11.34 2.96 -31.94
N ILE A 241 -10.94 1.94 -31.20
CA ILE A 241 -10.57 0.66 -31.79
C ILE A 241 -11.73 -0.32 -31.69
N VAL A 242 -12.14 -0.85 -32.84
CA VAL A 242 -13.26 -1.77 -32.93
C VAL A 242 -12.78 -3.11 -33.47
N LEU A 243 -12.64 -4.06 -32.56
CA LEU A 243 -12.14 -5.40 -32.86
C LEU A 243 -13.19 -6.25 -33.56
N ASP A 244 -12.81 -7.36 -34.21
CA ASP A 244 -13.82 -8.17 -34.92
C ASP A 244 -14.92 -8.76 -34.04
N ASP A 245 -14.64 -9.01 -32.76
CA ASP A 245 -15.65 -9.54 -31.83
C ASP A 245 -16.28 -8.46 -30.96
N ALA A 246 -16.30 -7.22 -31.46
CA ALA A 246 -16.99 -6.14 -30.77
C ALA A 246 -18.51 -6.34 -30.86
N ASP A 247 -19.22 -5.89 -29.83
CA ASP A 247 -20.65 -5.65 -29.91
C ASP A 247 -20.81 -4.44 -30.85
N LEU A 248 -21.07 -4.73 -32.12
CA LEU A 248 -21.12 -3.71 -33.17
C LEU A 248 -22.09 -2.55 -32.91
N ASP A 249 -23.31 -2.86 -32.50
CA ASP A 249 -24.33 -1.84 -32.25
C ASP A 249 -23.88 -0.88 -31.14
N LEU A 250 -23.23 -1.43 -30.12
CA LEU A 250 -22.68 -0.64 -29.03
C LEU A 250 -21.52 0.24 -29.50
N ALA A 251 -20.56 -0.35 -30.23
CA ALA A 251 -19.42 0.42 -30.70
C ALA A 251 -19.84 1.64 -31.52
N VAL A 252 -20.84 1.44 -32.39
CA VAL A 252 -21.39 2.48 -33.25
C VAL A 252 -21.97 3.62 -32.42
N LYS A 253 -22.80 3.29 -31.43
CA LYS A 253 -23.45 4.30 -30.60
C LYS A 253 -22.44 5.13 -29.81
N TRP A 254 -21.41 4.45 -29.30
CA TRP A 254 -20.38 5.10 -28.55
C TRP A 254 -19.45 5.89 -29.46
N ALA A 255 -19.32 5.45 -30.72
CA ALA A 255 -18.48 6.13 -31.71
C ALA A 255 -19.13 7.43 -32.13
N VAL A 256 -20.45 7.41 -32.31
CA VAL A 256 -21.20 8.59 -32.69
C VAL A 256 -21.11 9.65 -31.59
N TRP A 257 -21.33 9.25 -30.34
CA TRP A 257 -21.22 10.16 -29.19
C TRP A 257 -19.79 10.65 -29.05
N GLY A 258 -18.85 9.71 -29.07
CA GLY A 258 -17.42 10.02 -29.00
C GLY A 258 -16.89 11.02 -30.01
N ARG A 259 -17.35 10.91 -31.26
CA ARG A 259 -16.86 11.83 -32.31
C ARG A 259 -17.65 13.13 -32.36
N PHE A 260 -18.97 13.05 -32.22
CA PHE A 260 -19.84 14.18 -32.51
C PHE A 260 -20.44 14.90 -31.31
N ALA A 261 -20.30 14.37 -30.10
CA ALA A 261 -20.78 15.15 -28.96
C ALA A 261 -19.96 16.44 -28.89
N ASN A 262 -20.64 17.55 -28.58
CA ASN A 262 -20.03 18.87 -28.59
C ASN A 262 -19.41 19.22 -29.95
N ASN A 263 -20.02 18.67 -31.01
CA ASN A 263 -19.54 18.78 -32.40
C ASN A 263 -18.11 18.35 -32.61
N GLY A 264 -17.64 17.41 -31.79
CA GLY A 264 -16.27 16.92 -31.92
C GLY A 264 -15.20 17.88 -31.42
N GLN A 265 -15.63 18.98 -30.79
CA GLN A 265 -14.71 19.97 -30.19
C GLN A 265 -14.25 19.51 -28.81
N VAL A 266 -13.65 18.31 -28.78
CA VAL A 266 -13.33 17.61 -27.52
C VAL A 266 -11.94 16.99 -27.73
N CYS A 267 -11.04 17.26 -26.79
CA CYS A 267 -9.67 16.78 -26.92
C CYS A 267 -9.62 15.25 -26.88
N THR A 268 -10.56 14.66 -26.15
CA THR A 268 -10.70 13.20 -26.08
C THR A 268 -11.79 12.65 -27.03
N ALA A 269 -12.12 13.41 -28.08
CA ALA A 269 -13.06 12.92 -29.11
C ALA A 269 -12.50 11.67 -29.77
N ALA A 270 -13.40 10.80 -30.24
CA ALA A 270 -12.98 9.62 -31.00
C ALA A 270 -12.59 10.06 -32.42
N LYS A 271 -11.36 10.57 -32.58
CA LYS A 271 -10.90 11.14 -33.87
C LYS A 271 -10.37 10.13 -34.88
N ARG A 272 -9.78 9.03 -34.40
CA ARG A 272 -9.31 8.00 -35.34
C ARG A 272 -10.00 6.70 -35.05
N ILE A 274 -10.64 3.03 -35.72
CA ILE A 274 -9.75 1.98 -36.21
C ILE A 274 -10.49 0.65 -36.13
N VAL A 275 -11.01 0.23 -37.28
CA VAL A 275 -12.04 -0.81 -37.32
C VAL A 275 -11.55 -2.04 -38.10
N HIS A 276 -11.59 -3.20 -37.44
CA HIS A 276 -11.15 -4.45 -38.05
C HIS A 276 -11.92 -4.72 -39.34
N GLU A 277 -11.18 -5.12 -40.38
CA GLU A 277 -11.72 -5.65 -41.64
C GLU A 277 -13.10 -6.31 -41.59
N LYS A 278 -13.28 -7.21 -40.61
CA LYS A 278 -14.44 -8.11 -40.60
C LYS A 278 -15.73 -7.45 -40.22
N VAL A 279 -15.64 -6.30 -39.54
CA VAL A 279 -16.83 -5.58 -39.14
C VAL A 279 -16.86 -4.14 -39.70
N TYR A 280 -15.92 -3.83 -40.58
CA TYR A 280 -15.81 -2.48 -41.14
C TYR A 280 -17.09 -1.98 -41.85
N ASP A 281 -17.63 -2.79 -42.76
CA ASP A 281 -18.76 -2.37 -43.57
C ASP A 281 -19.98 -2.05 -42.73
N ALA A 282 -20.28 -2.95 -41.77
CA ALA A 282 -21.39 -2.77 -40.86
C ALA A 282 -21.19 -1.57 -39.92
N PHE A 283 -20.01 -1.44 -39.33
CA PHE A 283 -19.70 -0.23 -38.53
C PHE A 283 -19.94 1.10 -39.29
N LEU A 284 -19.44 1.17 -40.51
CA LEU A 284 -19.52 2.35 -41.36
C LEU A 284 -20.97 2.63 -41.78
N ASP A 285 -21.73 1.58 -42.10
CA ASP A 285 -23.15 1.73 -42.38
C ASP A 285 -23.94 2.22 -41.17
N GLY A 286 -23.60 1.72 -39.99
CA GLY A 286 -24.20 2.19 -38.74
C GLY A 286 -23.86 3.66 -38.47
N LEU A 287 -22.65 4.06 -38.85
CA LEU A 287 -22.18 5.42 -38.68
C LEU A 287 -22.93 6.38 -39.61
N LYS A 288 -22.97 6.05 -40.90
CA LYS A 288 -23.72 6.82 -41.88
C LYS A 288 -25.14 7.14 -41.39
N THR A 289 -25.85 6.08 -40.99
CA THR A 289 -27.24 6.16 -40.56
C THR A 289 -27.40 7.03 -39.33
N ALA A 290 -26.58 6.79 -38.30
CA ALA A 290 -26.66 7.55 -37.06
C ALA A 290 -26.54 9.07 -37.25
N ILE A 291 -25.63 9.53 -38.09
CA ILE A 291 -25.48 10.99 -38.26
C ILE A 291 -26.66 11.68 -38.97
N THR A 292 -27.52 10.88 -39.60
CA THR A 292 -28.74 11.41 -40.23
C THR A 292 -29.83 11.68 -39.22
N ARG A 293 -29.69 11.13 -38.01
CA ARG A 293 -30.68 11.34 -36.94
C ARG A 293 -30.43 12.58 -36.05
N PHE A 294 -29.30 13.25 -36.24
CA PHE A 294 -28.99 14.45 -35.47
C PHE A 294 -30.00 15.54 -35.75
N ARG A 295 -30.42 16.25 -34.71
CA ARG A 295 -31.18 17.47 -34.86
C ARG A 295 -30.29 18.71 -34.67
N ILE A 296 -29.88 19.31 -35.78
CA ILE A 296 -28.86 20.35 -35.77
C ILE A 296 -29.51 21.73 -35.91
N GLY A 297 -29.29 22.60 -34.94
CA GLY A 297 -29.97 23.87 -34.94
C GLY A 297 -29.59 24.74 -33.76
N ASN A 298 -30.56 25.50 -33.30
CA ASN A 298 -30.37 26.46 -32.22
C ASN A 298 -30.21 25.71 -30.90
N PRO A 299 -29.03 25.83 -30.26
CA PRO A 299 -28.67 25.05 -29.07
C PRO A 299 -29.66 25.18 -27.90
N LEU A 300 -30.47 26.22 -27.92
CA LEU A 300 -31.49 26.42 -26.90
C LEU A 300 -32.86 25.87 -27.30
N ASP A 301 -33.02 25.47 -28.57
CA ASP A 301 -34.29 24.85 -29.02
C ASP A 301 -34.44 23.47 -28.39
N ARG A 302 -35.68 23.00 -28.33
CA ARG A 302 -36.03 21.84 -27.49
C ARG A 302 -35.29 20.57 -27.91
N ASP A 303 -35.43 20.25 -29.18
CA ASP A 303 -35.02 18.98 -29.66
C ASP A 303 -33.63 19.01 -30.29
N THR A 304 -32.89 20.12 -30.12
CA THR A 304 -31.55 20.26 -30.69
C THR A 304 -30.55 19.33 -30.03
N THR A 305 -29.87 18.51 -30.83
CA THR A 305 -28.79 17.66 -30.35
C THR A 305 -27.41 18.28 -30.62
N HIS A 306 -27.30 19.11 -31.65
CA HIS A 306 -26.01 19.68 -32.03
C HIS A 306 -26.25 21.11 -32.46
N GLY A 307 -25.53 22.04 -31.82
CA GLY A 307 -25.58 23.45 -32.17
C GLY A 307 -24.60 23.81 -33.28
N PRO A 308 -24.27 25.10 -33.42
CA PRO A 308 -23.25 25.41 -34.41
C PRO A 308 -21.85 25.12 -33.85
N SER A 310 -18.13 26.63 -32.62
CA SER A 310 -17.97 27.68 -31.62
C SER A 310 -17.68 29.01 -32.24
N SER A 311 -17.11 29.01 -33.45
CA SER A 311 -16.71 30.23 -34.12
C SER A 311 -16.55 29.96 -35.59
N LEU A 312 -16.53 31.03 -36.39
CA LEU A 312 -16.17 30.91 -37.80
C LEU A 312 -14.86 30.13 -38.00
N ARG A 313 -13.81 30.58 -37.30
CA ARG A 313 -12.49 29.92 -37.30
C ARG A 313 -12.53 28.40 -37.04
N ALA A 314 -13.21 27.97 -35.98
CA ALA A 314 -13.26 26.54 -35.64
C ALA A 314 -13.95 25.75 -36.76
N GLU A 316 -14.15 26.85 -40.05
CA GLU A 316 -13.27 26.96 -41.22
C GLU A 316 -12.04 26.03 -41.18
N LEU A 317 -11.45 25.85 -39.99
CA LEU A 317 -10.38 24.86 -39.79
C LEU A 317 -10.81 23.43 -40.15
N ALA A 318 -11.97 23.02 -39.66
CA ALA A 318 -12.48 21.65 -39.93
C ALA A 318 -12.90 21.47 -41.38
N LEU A 319 -13.46 22.51 -41.99
CA LEU A 319 -13.85 22.44 -43.41
C LEU A 319 -12.60 22.37 -44.26
N ASP A 320 -11.58 23.12 -43.83
CA ASP A 320 -10.26 23.14 -44.47
C ASP A 320 -9.61 21.76 -44.42
N GLN A 321 -9.56 21.20 -43.22
CA GLN A 321 -8.99 19.88 -43.00
C GLN A 321 -9.71 18.81 -43.77
N THR A 322 -11.02 18.95 -43.90
CA THR A 322 -11.83 18.02 -44.68
C THR A 322 -11.45 18.07 -46.17
N ALA A 323 -11.32 19.28 -46.72
CA ALA A 323 -10.99 19.44 -48.13
C ALA A 323 -9.53 19.01 -48.43
N GLU A 324 -8.58 19.37 -47.56
CA GLU A 324 -7.22 18.78 -47.57
C GLU A 324 -7.22 17.24 -47.68
N ALA A 325 -8.01 16.59 -46.84
CA ALA A 325 -8.05 15.14 -46.79
C ALA A 325 -8.54 14.56 -48.11
N VAL A 326 -9.60 15.14 -48.65
CA VAL A 326 -10.12 14.75 -49.97
C VAL A 326 -9.10 14.98 -51.11
N LYS A 327 -8.42 16.13 -51.12
CA LYS A 327 -7.37 16.35 -52.12
C LYS A 327 -6.21 15.37 -51.95
N GLY A 328 -5.98 14.92 -50.72
CA GLY A 328 -4.93 13.95 -50.42
C GLY A 328 -5.30 12.50 -50.71
N GLY A 329 -6.51 12.28 -51.20
CA GLY A 329 -6.93 10.92 -51.61
C GLY A 329 -8.08 10.29 -50.83
N ALA A 330 -8.60 11.00 -49.84
CA ALA A 330 -9.63 10.43 -48.98
C ALA A 330 -10.98 10.46 -49.66
N THR A 331 -11.89 9.61 -49.21
CA THR A 331 -13.25 9.59 -49.74
C THR A 331 -14.16 10.36 -48.78
N LEU A 332 -14.92 11.30 -49.34
CA LEU A 332 -15.89 12.04 -48.58
C LEU A 332 -17.17 11.21 -48.60
N VAL A 333 -17.43 10.51 -47.50
CA VAL A 333 -18.60 9.64 -47.37
C VAL A 333 -19.89 10.45 -47.13
N ALA A 334 -19.83 11.45 -46.24
CA ALA A 334 -20.96 12.33 -45.95
C ALA A 334 -20.42 13.69 -45.51
N GLY A 335 -21.20 14.74 -45.77
CA GLY A 335 -20.97 16.06 -45.21
C GLY A 335 -19.91 16.87 -45.94
N GLY A 336 -19.08 17.56 -45.15
CA GLY A 336 -17.93 18.29 -45.66
C GLY A 336 -18.23 19.71 -46.12
N LYS A 337 -19.40 20.24 -45.74
CA LYS A 337 -19.84 21.55 -46.19
C LYS A 337 -20.55 22.31 -45.07
N ARG A 338 -20.47 23.63 -45.13
CA ARG A 338 -21.24 24.51 -44.29
C ARG A 338 -22.73 24.37 -44.62
N ASP A 340 -26.45 25.88 -45.22
CA ASP A 340 -27.01 27.09 -45.84
C ASP A 340 -28.01 27.76 -44.87
N ARG A 341 -27.48 28.28 -43.76
CA ARG A 341 -28.25 29.09 -42.77
C ARG A 341 -27.31 30.01 -42.01
N LYS A 342 -27.87 30.95 -41.25
CA LYS A 342 -27.09 31.85 -40.37
C LYS A 342 -26.47 31.08 -39.20
N GLY A 343 -25.31 31.55 -38.74
CA GLY A 343 -24.60 30.87 -37.66
C GLY A 343 -23.56 29.91 -38.21
N PHE A 344 -22.68 29.40 -37.35
CA PHE A 344 -21.55 28.59 -37.85
C PHE A 344 -21.86 27.08 -37.85
N PHE A 345 -22.79 26.68 -38.71
CA PHE A 345 -23.25 25.29 -38.77
C PHE A 345 -22.55 24.54 -39.86
N GLU A 347 -22.12 20.55 -41.55
CA GLU A 347 -22.64 19.18 -41.68
C GLU A 347 -21.74 18.13 -40.99
N PRO A 348 -22.35 17.21 -40.23
CA PRO A 348 -21.57 16.08 -39.72
C PRO A 348 -20.97 15.33 -40.89
N THR A 349 -19.69 15.01 -40.79
CA THR A 349 -18.90 14.55 -41.94
C THR A 349 -18.27 13.19 -41.64
N ILE A 350 -18.12 12.38 -42.68
CA ILE A 350 -17.38 11.11 -42.59
C ILE A 350 -16.37 11.01 -43.71
N LEU A 351 -15.14 10.69 -43.34
CA LEU A 351 -14.05 10.47 -44.30
C LEU A 351 -13.52 9.04 -44.19
N THR A 352 -13.22 8.43 -45.32
CA THR A 352 -12.59 7.10 -45.27
C THR A 352 -11.38 7.16 -46.17
N ASP A 353 -10.64 6.05 -46.26
CA ASP A 353 -9.43 5.92 -47.09
C ASP A 353 -8.42 7.04 -46.83
N VAL A 354 -8.19 7.36 -45.56
CA VAL A 354 -7.22 8.39 -45.18
C VAL A 354 -5.86 7.70 -44.96
N SER A 355 -4.97 7.80 -45.94
CA SER A 355 -3.72 7.07 -45.87
C SER A 355 -2.66 7.75 -44.97
N LYS A 356 -1.61 6.97 -44.68
CA LYS A 356 -0.52 7.40 -43.82
C LYS A 356 0.19 8.63 -44.41
N ASP A 357 0.13 8.77 -45.73
CA ASP A 357 0.73 9.91 -46.43
C ASP A 357 -0.24 11.10 -46.63
N ASN A 358 -1.49 10.96 -46.16
CA ASN A 358 -2.52 12.00 -46.27
C ASN A 358 -2.25 13.14 -45.27
N PRO A 359 -2.37 14.39 -45.72
CA PRO A 359 -1.98 15.53 -44.88
C PRO A 359 -2.69 15.63 -43.51
N VAL A 360 -3.91 15.10 -43.41
CA VAL A 360 -4.63 15.14 -42.12
C VAL A 360 -4.38 13.92 -41.23
N PHE A 361 -3.62 12.95 -41.73
CA PHE A 361 -3.39 11.70 -40.99
C PHE A 361 -2.91 11.96 -39.57
N TYR A 362 -2.01 12.92 -39.40
CA TYR A 362 -1.45 13.21 -38.08
C TYR A 362 -2.03 14.46 -37.42
N GLN A 363 -3.07 15.05 -38.03
CA GLN A 363 -3.65 16.31 -37.53
C GLN A 363 -4.75 16.01 -36.53
N GLU A 364 -4.96 16.96 -35.63
CA GLU A 364 -6.13 16.93 -34.78
C GLU A 364 -7.28 17.64 -35.51
N ILE A 365 -8.34 16.89 -35.77
CA ILE A 365 -9.55 17.48 -36.36
C ILE A 365 -10.55 17.74 -35.23
N PHE A 366 -10.73 19.02 -34.90
CA PHE A 366 -11.53 19.46 -33.77
C PHE A 366 -12.91 19.89 -34.27
N GLY A 367 -13.71 18.95 -34.76
CA GLY A 367 -14.96 19.28 -35.42
C GLY A 367 -15.68 18.00 -35.78
N PRO A 368 -16.92 18.11 -36.31
CA PRO A 368 -17.79 16.97 -36.59
C PRO A 368 -17.37 16.14 -37.82
N VAL A 369 -16.19 15.51 -37.73
CA VAL A 369 -15.58 14.86 -38.87
C VAL A 369 -14.95 13.51 -38.50
N ALA A 370 -15.65 12.42 -38.80
CA ALA A 370 -15.15 11.06 -38.51
C ALA A 370 -14.10 10.63 -39.51
N VAL A 371 -13.08 9.96 -39.02
CA VAL A 371 -12.09 9.36 -39.89
C VAL A 371 -12.13 7.88 -39.57
N VAL A 372 -12.50 7.07 -40.57
CA VAL A 372 -12.60 5.61 -40.35
C VAL A 372 -11.48 4.87 -41.10
N HIS A 373 -10.61 4.20 -40.37
CA HIS A 373 -9.53 3.39 -40.96
C HIS A 373 -9.90 1.93 -40.88
N LYS A 374 -9.52 1.20 -41.92
CA LYS A 374 -9.73 -0.24 -41.97
C LYS A 374 -8.40 -0.93 -41.64
N VAL A 375 -8.42 -1.78 -40.61
CA VAL A 375 -7.23 -2.59 -40.28
C VAL A 375 -7.47 -4.11 -40.36
N ALA A 376 -6.39 -4.83 -40.63
CA ALA A 376 -6.47 -6.27 -40.95
C ALA A 376 -6.29 -7.19 -39.74
N SER A 377 -5.99 -6.63 -38.58
CA SER A 377 -5.77 -7.43 -37.38
C SER A 377 -5.80 -6.60 -36.11
N GLU A 378 -5.63 -7.27 -34.97
CA GLU A 378 -5.43 -6.64 -33.69
C GLU A 378 -4.12 -5.86 -33.69
N GLN A 379 -3.03 -6.51 -34.07
CA GLN A 379 -1.73 -5.88 -34.03
C GLN A 379 -1.70 -4.64 -34.91
N ALA A 380 -2.37 -4.71 -36.06
CA ALA A 380 -2.36 -3.61 -37.01
C ALA A 380 -3.13 -2.44 -36.45
N ALA A 381 -4.15 -2.73 -35.64
CA ALA A 381 -4.96 -1.67 -34.99
C ALA A 381 -4.15 -0.92 -33.94
N ILE A 382 -3.38 -1.69 -33.15
CA ILE A 382 -2.48 -1.17 -32.13
C ILE A 382 -1.40 -0.32 -32.80
N ASP A 383 -0.81 -0.86 -33.86
CA ASP A 383 0.20 -0.16 -34.64
C ASP A 383 -0.34 1.16 -35.18
N LEU A 384 -1.57 1.15 -35.68
CA LEU A 384 -2.16 2.34 -36.26
C LEU A 384 -2.40 3.41 -35.17
N ALA A 385 -2.97 2.97 -34.05
CA ALA A 385 -3.28 3.81 -32.92
C ALA A 385 -2.04 4.53 -32.41
N ASN A 386 -0.91 3.82 -32.47
CA ASN A 386 0.38 4.35 -32.02
C ASN A 386 1.11 5.20 -33.04
N ASP A 387 0.65 5.13 -34.28
CA ASP A 387 1.25 5.96 -35.32
C ASP A 387 0.64 7.36 -35.17
N SER A 388 0.98 8.00 -34.06
CA SER A 388 0.42 9.31 -33.68
C SER A 388 1.45 10.10 -32.87
N PRO A 389 1.52 11.43 -33.07
CA PRO A 389 2.37 12.23 -32.17
C PRO A 389 1.64 12.55 -30.85
N TYR A 390 0.36 12.20 -30.80
CA TYR A 390 -0.52 12.42 -29.63
C TYR A 390 -0.67 11.16 -28.78
N GLY A 391 -1.23 11.33 -27.59
CA GLY A 391 -1.55 10.22 -26.72
C GLY A 391 -2.38 10.63 -25.51
N LEU A 392 -3.59 11.16 -25.74
CA LEU A 392 -4.48 11.54 -24.65
C LEU A 392 -5.37 10.36 -24.13
N GLY A 393 -6.48 10.08 -24.82
CA GLY A 393 -7.32 8.95 -24.50
C GLY A 393 -7.32 7.87 -25.59
N GLY A 394 -8.33 7.01 -25.56
CA GLY A 394 -8.39 5.85 -26.44
C GLY A 394 -9.56 5.00 -26.01
N ALA A 395 -10.12 4.24 -26.95
CA ALA A 395 -11.19 3.30 -26.64
C ALA A 395 -10.94 1.96 -27.35
N VAL A 396 -11.29 0.86 -26.67
CA VAL A 396 -11.23 -0.47 -27.29
C VAL A 396 -12.55 -1.19 -27.13
N PHE A 397 -13.08 -1.71 -28.25
CA PHE A 397 -14.31 -2.52 -28.27
C PHE A 397 -14.09 -3.99 -28.68
N SER A 398 -14.46 -4.88 -27.77
CA SER A 398 -14.33 -6.34 -27.92
C SER A 398 -15.20 -6.98 -26.85
N ARG A 399 -15.96 -8.01 -27.22
CA ARG A 399 -16.71 -8.81 -26.23
C ARG A 399 -15.79 -9.59 -25.30
N ASP A 400 -14.55 -9.77 -25.71
CA ASP A 400 -13.55 -10.47 -24.92
C ASP A 400 -12.79 -9.44 -24.09
N ILE A 401 -13.05 -9.41 -22.78
CA ILE A 401 -12.57 -8.34 -21.91
C ILE A 401 -11.06 -8.38 -21.76
N ALA A 402 -10.52 -9.60 -21.71
CA ALA A 402 -9.09 -9.82 -21.56
C ALA A 402 -8.35 -9.37 -22.82
N ARG A 403 -8.93 -9.63 -23.97
CA ARG A 403 -8.37 -9.18 -25.23
C ARG A 403 -8.33 -7.64 -25.31
N ALA A 404 -9.42 -7.01 -24.87
CA ALA A 404 -9.52 -5.56 -24.83
C ALA A 404 -8.52 -5.00 -23.82
N GLU A 405 -8.35 -5.68 -22.69
CA GLU A 405 -7.32 -5.34 -21.71
C GLU A 405 -5.90 -5.36 -22.29
N LYS A 406 -5.60 -6.40 -23.07
CA LYS A 406 -4.28 -6.57 -23.68
C LYS A 406 -4.00 -5.46 -24.66
N VAL A 407 -5.02 -5.12 -25.45
CA VAL A 407 -4.95 -4.04 -26.44
C VAL A 407 -4.72 -2.72 -25.70
N ALA A 408 -5.44 -2.54 -24.60
CA ALA A 408 -5.35 -1.33 -23.79
C ALA A 408 -3.91 -1.11 -23.26
N GLU A 409 -3.27 -2.20 -22.86
CA GLU A 409 -1.89 -2.16 -22.36
C GLU A 409 -0.88 -1.74 -23.41
N GLN A 410 -1.22 -1.98 -24.68
CA GLN A 410 -0.31 -1.73 -25.80
C GLN A 410 -0.53 -0.43 -26.56
N VAL A 411 -1.66 0.24 -26.37
CA VAL A 411 -1.87 1.56 -26.99
C VAL A 411 -1.19 2.65 -26.14
N GLU A 412 -0.31 3.41 -26.79
CA GLU A 412 0.45 4.45 -26.15
C GLU A 412 -0.37 5.72 -25.97
N THR A 413 -1.16 5.78 -24.90
CA THR A 413 -1.91 6.94 -24.48
C THR A 413 -2.03 6.99 -22.98
N GLY A 414 -2.65 8.04 -22.48
CA GLY A 414 -2.79 8.26 -21.05
C GLY A 414 -3.97 7.52 -20.46
N VAL A 416 -7.38 4.61 -21.52
CA VAL A 416 -8.09 3.72 -22.46
C VAL A 416 -9.40 3.26 -21.86
N PHE A 417 -10.49 3.50 -22.58
CA PHE A 417 -11.80 3.06 -22.13
C PHE A 417 -12.23 1.79 -22.88
N ILE A 418 -12.74 0.83 -22.12
CA ILE A 418 -13.13 -0.45 -22.69
C ILE A 418 -14.65 -0.59 -22.79
N ASN A 419 -15.10 -0.77 -24.03
CA ASN A 419 -16.50 -0.88 -24.38
C ASN A 419 -17.36 0.33 -24.06
N THR A 420 -16.74 1.44 -23.72
CA THR A 420 -17.36 2.77 -23.79
C THR A 420 -16.37 3.72 -24.49
N ALA A 421 -16.86 4.93 -24.82
CA ALA A 421 -16.02 6.03 -25.23
C ALA A 421 -15.38 6.70 -24.01
N THR A 422 -14.26 7.37 -24.26
CA THR A 422 -13.61 8.23 -23.29
C THR A 422 -14.56 9.29 -22.82
N ALA A 423 -14.85 9.26 -21.52
CA ALA A 423 -15.90 10.07 -20.92
C ALA A 423 -15.51 10.52 -19.52
N ALA A 424 -15.80 11.79 -19.21
CA ALA A 424 -15.48 12.42 -17.94
C ALA A 424 -16.16 11.80 -16.74
N ALA A 425 -15.42 11.78 -15.63
CA ALA A 425 -15.98 11.55 -14.29
C ALA A 425 -14.94 11.98 -13.24
N PRO A 426 -15.39 12.60 -12.12
CA PRO A 426 -14.53 13.16 -11.07
C PRO A 426 -13.54 12.16 -10.47
N GLU A 427 -14.00 10.91 -10.33
CA GLU A 427 -13.22 9.81 -9.79
C GLU A 427 -12.02 9.43 -10.65
N LEU A 428 -12.09 9.77 -11.94
CA LEU A 428 -11.15 9.27 -12.93
C LEU A 428 -10.04 10.27 -13.23
N PRO A 429 -8.78 9.82 -13.08
CA PRO A 429 -7.62 10.66 -13.42
C PRO A 429 -7.63 10.92 -14.92
N PHE A 430 -7.33 12.15 -15.30
CA PHE A 430 -7.33 12.55 -16.70
C PHE A 430 -5.97 13.15 -17.06
N GLY A 431 -5.39 12.70 -18.17
CA GLY A 431 -4.17 13.31 -18.73
C GLY A 431 -3.55 12.45 -19.82
N GLY A 432 -2.65 13.04 -20.61
CA GLY A 432 -2.04 12.32 -21.74
C GLY A 432 -0.55 12.09 -21.62
N ILE A 433 0.01 11.46 -22.64
CA ILE A 433 1.46 11.39 -22.84
C ILE A 433 1.80 11.97 -24.23
N LYS A 434 3.08 11.90 -24.63
CA LYS A 434 3.57 12.41 -25.92
C LYS A 434 3.16 13.88 -26.11
N ASN A 435 2.72 14.25 -27.32
CA ASN A 435 2.32 15.65 -27.57
C ASN A 435 0.99 16.08 -26.93
N SER A 436 0.31 15.14 -26.28
CA SER A 436 -0.92 15.46 -25.55
C SER A 436 -0.70 16.05 -24.18
N GLY A 437 0.56 16.05 -23.75
CA GLY A 437 0.96 16.77 -22.57
C GLY A 437 1.55 15.89 -21.49
N PHE A 438 1.43 16.36 -20.26
CA PHE A 438 1.91 15.64 -19.10
C PHE A 438 1.17 16.09 -17.83
N GLY A 439 1.16 15.23 -16.82
CA GLY A 439 0.37 15.46 -15.61
C GLY A 439 -1.02 14.83 -15.68
N ARG A 440 -1.61 14.62 -14.52
CA ARG A 440 -2.95 14.08 -14.42
C ARG A 440 -3.84 15.02 -13.61
N GLU A 441 -4.90 15.53 -14.24
CA GLU A 441 -5.96 16.24 -13.52
C GLU A 441 -7.03 15.23 -13.05
N LEU A 442 -8.01 15.69 -12.25
CA LEU A 442 -9.07 14.84 -11.68
C LEU A 442 -8.56 13.65 -10.83
N SER A 443 -9.49 12.92 -10.20
CA SER A 443 -9.20 11.90 -9.17
C SER A 443 -8.37 12.44 -7.99
N PHE A 444 -7.83 11.53 -7.18
CA PHE A 444 -6.90 11.88 -6.09
C PHE A 444 -5.59 12.46 -6.64
N LEU A 445 -5.23 12.06 -7.86
CA LEU A 445 -4.01 12.52 -8.52
C LEU A 445 -4.04 14.02 -8.85
N GLY A 446 -5.20 14.52 -9.31
CA GLY A 446 -5.41 15.95 -9.56
C GLY A 446 -5.01 16.90 -8.43
N ILE A 447 -5.25 16.51 -7.19
CA ILE A 447 -4.96 17.38 -6.04
C ILE A 447 -3.45 17.41 -5.63
N GLU A 448 -2.68 16.43 -6.12
CA GLU A 448 -1.23 16.32 -5.85
C GLU A 448 -0.36 17.34 -6.61
N GLU A 449 -0.87 17.86 -7.72
CA GLU A 449 -0.06 18.61 -8.68
C GLU A 449 0.63 19.87 -8.12
N PHE A 450 -0.13 20.66 -7.37
CA PHE A 450 0.35 21.96 -6.87
C PHE A 450 0.28 22.06 -5.35
N ILE A 451 0.91 21.11 -4.67
CA ILE A 451 1.05 21.20 -3.23
C ILE A 451 2.52 21.00 -2.86
N ASN A 452 2.92 21.52 -1.71
CA ASN A 452 4.20 21.11 -1.11
C ASN A 452 3.97 19.84 -0.29
N ARG A 453 4.48 18.74 -0.82
CA ARG A 453 4.53 17.50 -0.06
C ARG A 453 5.80 17.50 0.78
N LYS A 454 5.64 17.99 2.00
CA LYS A 454 6.74 18.20 2.91
C LYS A 454 7.03 16.92 3.68
N LEU A 455 8.26 16.41 3.52
CA LEU A 455 8.77 15.35 4.39
C LEU A 455 9.15 15.92 5.74
N VAL A 456 8.58 15.34 6.79
CA VAL A 456 9.00 15.63 8.15
C VAL A 456 9.52 14.32 8.74
N ARG A 457 10.81 14.29 9.03
CA ARG A 457 11.52 13.10 9.48
C ARG A 457 11.99 13.24 10.93
N ILE A 458 11.60 12.29 11.78
CA ILE A 458 12.16 12.22 13.15
C ILE A 458 13.01 10.97 13.29
N GLY A 459 14.25 11.16 13.74
CA GLY A 459 15.11 10.05 14.16
C GLY A 459 16.18 10.72 15.25
N ILE B 5 33.25 23.82 -23.44
CA ILE B 5 33.25 22.76 -22.43
C ILE B 5 34.41 21.77 -22.69
N VAL B 6 35.07 21.32 -21.62
CA VAL B 6 36.12 20.31 -21.73
C VAL B 6 35.81 19.20 -20.73
N TYR B 7 35.64 17.98 -21.23
CA TYR B 7 35.51 16.80 -20.38
C TYR B 7 36.91 16.27 -20.05
N GLN B 8 37.28 16.34 -18.78
CA GLN B 8 38.61 15.89 -18.38
C GLN B 8 38.66 15.61 -16.90
N THR B 9 39.58 14.73 -16.52
CA THR B 9 39.95 14.60 -15.13
C THR B 9 41.03 15.61 -14.80
N LEU B 10 40.68 16.59 -13.98
CA LEU B 10 41.69 17.46 -13.37
C LEU B 10 41.66 17.18 -11.86
N ASN B 11 42.67 16.46 -11.38
CA ASN B 11 42.78 16.01 -10.00
C ASN B 11 42.92 17.24 -9.10
N PRO B 12 41.91 17.53 -8.25
CA PRO B 12 41.96 18.69 -7.34
C PRO B 12 42.97 18.61 -6.19
N THR B 13 43.64 17.47 -6.05
CA THR B 13 44.62 17.30 -5.00
C THR B 13 46.01 17.64 -5.53
N THR B 14 46.26 17.31 -6.78
CA THR B 14 47.53 17.55 -7.44
C THR B 14 47.46 18.77 -8.37
N GLU B 15 46.24 19.17 -8.77
CA GLU B 15 46.04 20.22 -9.78
C GLU B 15 46.42 19.76 -11.19
N THR B 16 46.44 18.46 -11.43
CA THR B 16 46.95 17.94 -12.69
C THR B 16 45.82 17.40 -13.55
N VAL B 17 45.76 17.81 -14.81
CA VAL B 17 44.92 17.15 -15.82
C VAL B 17 45.45 15.73 -16.03
N GLU B 18 44.66 14.73 -15.67
CA GLU B 18 45.12 13.35 -15.74
C GLU B 18 44.66 12.70 -17.03
N ARG B 19 43.45 13.04 -17.46
CA ARG B 19 42.92 12.55 -18.73
C ARG B 19 41.90 13.44 -19.39
N SER B 20 41.89 13.43 -20.71
CA SER B 20 41.04 14.25 -21.53
C SER B 20 40.14 13.32 -22.33
N PHE B 21 38.91 13.76 -22.62
CA PHE B 21 37.97 12.97 -23.42
C PHE B 21 37.35 13.89 -24.44
N ASP B 22 37.17 13.40 -25.67
CA ASP B 22 36.53 14.15 -26.76
C ASP B 22 35.00 14.17 -26.63
N LEU B 23 34.38 15.23 -27.15
CA LEU B 23 32.94 15.30 -27.27
C LEU B 23 32.47 14.23 -28.23
N HIS B 24 31.30 13.67 -27.96
CA HIS B 24 30.61 12.87 -28.94
C HIS B 24 30.28 13.74 -30.15
N THR B 25 30.49 13.19 -31.34
CA THR B 25 30.16 13.85 -32.59
C THR B 25 28.64 13.85 -32.72
N PRO B 26 28.06 14.78 -33.51
CA PRO B 26 26.63 14.63 -33.82
C PRO B 26 26.25 13.24 -34.36
N ALA B 27 27.11 12.61 -35.17
CA ALA B 27 26.85 11.26 -35.67
C ALA B 27 26.85 10.23 -34.54
N GLN B 28 27.74 10.41 -33.55
CA GLN B 28 27.79 9.50 -32.41
C GLN B 28 26.56 9.69 -31.53
N LYS B 30 23.67 10.68 -32.62
CA LYS B 30 22.62 10.06 -33.42
C LYS B 30 22.55 8.57 -33.12
N ASP B 31 23.70 7.90 -33.21
CA ASP B 31 23.73 6.47 -32.99
C ASP B 31 23.35 6.08 -31.57
N ILE B 32 23.77 6.90 -30.59
CA ILE B 32 23.38 6.72 -29.20
C ILE B 32 21.86 6.77 -29.06
N THR B 33 21.23 7.73 -29.74
CA THR B 33 19.76 7.88 -29.66
C THR B 33 18.98 6.77 -30.38
N ASP B 34 19.40 6.43 -31.59
CA ASP B 34 18.84 5.32 -32.36
C ASP B 34 18.90 4.02 -31.57
N ARG B 35 20.06 3.75 -30.98
CA ARG B 35 20.29 2.54 -30.21
C ARG B 35 19.46 2.52 -28.93
N ALA B 36 19.38 3.64 -28.23
CA ALA B 36 18.48 3.73 -27.08
C ALA B 36 17.02 3.42 -27.49
N GLU B 37 16.56 4.00 -28.59
CA GLU B 37 15.16 3.81 -29.02
C GLU B 37 14.89 2.37 -29.43
N HIS B 38 15.78 1.83 -30.26
CA HIS B 38 15.69 0.43 -30.69
C HIS B 38 15.67 -0.50 -29.47
N VAL B 39 16.67 -0.38 -28.61
CA VAL B 39 16.77 -1.20 -27.40
C VAL B 39 15.50 -1.10 -26.53
N TRP B 40 14.95 0.09 -26.38
CA TRP B 40 13.74 0.26 -25.57
C TRP B 40 12.56 -0.48 -26.18
N LYS B 41 12.28 -0.20 -27.46
CA LYS B 41 11.17 -0.79 -28.21
C LYS B 41 11.19 -2.32 -28.28
N THR B 42 12.34 -2.88 -28.63
CA THR B 42 12.42 -4.29 -28.95
C THR B 42 13.00 -5.16 -27.84
N ASP B 43 13.44 -4.55 -26.75
CA ASP B 43 14.13 -5.33 -25.72
C ASP B 43 13.71 -4.89 -24.32
N TRP B 44 14.21 -3.73 -23.89
CA TRP B 44 14.12 -3.32 -22.49
C TRP B 44 12.71 -3.15 -21.95
N LYS B 45 11.85 -2.49 -22.73
CA LYS B 45 10.48 -2.31 -22.27
C LYS B 45 9.72 -3.63 -22.21
N LEU B 46 10.21 -4.64 -22.93
CA LEU B 46 9.51 -5.93 -23.08
C LEU B 46 10.01 -6.97 -22.08
N ARG B 47 11.20 -6.77 -21.54
CA ARG B 47 11.66 -7.59 -20.44
C ARG B 47 10.71 -7.47 -19.25
N SER B 48 10.54 -8.53 -18.48
CA SER B 48 9.73 -8.49 -17.26
C SER B 48 10.42 -7.68 -16.15
N ILE B 49 9.62 -7.20 -15.21
CA ILE B 49 10.16 -6.51 -14.04
C ILE B 49 11.26 -7.35 -13.35
N ALA B 50 11.03 -8.65 -13.22
CA ALA B 50 12.01 -9.57 -12.65
C ALA B 50 13.30 -9.63 -13.44
N GLN B 51 13.22 -9.62 -14.77
CA GLN B 51 14.44 -9.69 -15.61
C GLN B 51 15.31 -8.44 -15.45
N ARG B 52 14.63 -7.30 -15.39
CA ARG B 52 15.28 -6.02 -15.07
C ARG B 52 15.91 -6.03 -13.69
N LYS B 53 15.17 -6.56 -12.71
CA LYS B 53 15.63 -6.62 -11.32
C LYS B 53 16.97 -7.36 -11.20
N GLU B 54 17.09 -8.50 -11.86
CA GLU B 54 18.33 -9.28 -11.90
C GLU B 54 19.51 -8.43 -12.34
N ILE B 55 19.28 -7.61 -13.36
CA ILE B 55 20.32 -6.74 -13.89
C ILE B 55 20.68 -5.61 -12.92
N VAL B 56 19.67 -4.87 -12.46
CA VAL B 56 19.91 -3.72 -11.58
C VAL B 56 20.46 -4.16 -10.22
N SER B 57 19.98 -5.29 -9.72
CA SER B 57 20.43 -5.81 -8.44
C SER B 57 21.87 -6.33 -8.54
N ARG B 58 22.22 -6.92 -9.69
CA ARG B 58 23.61 -7.28 -9.98
C ARG B 58 24.50 -6.03 -10.05
N ALA B 59 23.97 -4.94 -10.59
CA ALA B 59 24.73 -3.69 -10.69
C ALA B 59 25.10 -3.19 -9.30
N ALA B 60 24.12 -3.23 -8.40
CA ALA B 60 24.34 -2.94 -6.98
C ALA B 60 25.38 -3.86 -6.37
N ASP B 61 25.34 -5.16 -6.72
CA ASP B 61 26.30 -6.14 -6.21
C ASP B 61 27.74 -5.80 -6.56
N LEU B 62 27.94 -5.36 -7.82
CA LEU B 62 29.25 -5.05 -8.34
C LEU B 62 29.79 -3.76 -7.74
N LEU B 63 28.90 -2.81 -7.49
CA LEU B 63 29.25 -1.59 -6.80
C LEU B 63 29.84 -1.92 -5.46
N ARG B 64 29.16 -2.75 -4.69
CA ARG B 64 29.63 -3.15 -3.36
C ARG B 64 30.92 -3.96 -3.41
N ARG B 65 30.99 -4.91 -4.34
CA ARG B 65 32.21 -5.71 -4.54
C ARG B 65 33.43 -4.81 -4.81
N ASP B 66 33.23 -3.80 -5.65
CA ASP B 66 34.30 -2.91 -6.05
C ASP B 66 34.18 -1.53 -5.40
N ARG B 67 33.67 -1.49 -4.17
CA ARG B 67 33.55 -0.26 -3.37
C ARG B 67 34.73 0.66 -3.58
N GLN B 68 35.94 0.13 -3.35
CA GLN B 68 37.16 0.90 -3.21
C GLN B 68 37.58 1.51 -4.53
N HIS B 69 37.38 0.76 -5.62
CA HIS B 69 37.64 1.24 -6.96
C HIS B 69 36.78 2.48 -7.27
N HIS B 70 35.47 2.36 -7.09
CA HIS B 70 34.56 3.45 -7.45
C HIS B 70 34.75 4.67 -6.55
N ALA B 71 34.92 4.42 -5.24
CA ALA B 71 35.12 5.47 -4.27
C ALA B 71 36.39 6.26 -4.59
N SER B 72 37.45 5.56 -5.03
CA SER B 72 38.71 6.18 -5.41
C SER B 72 38.58 7.06 -6.64
N LEU B 73 37.80 6.63 -7.63
CA LEU B 73 37.49 7.47 -8.79
C LEU B 73 36.83 8.81 -8.37
N ILE B 74 35.87 8.76 -7.44
CA ILE B 74 35.20 9.97 -6.94
C ILE B 74 36.24 10.88 -6.29
N ALA B 75 37.04 10.30 -5.40
CA ALA B 75 38.13 11.03 -4.71
C ALA B 75 39.05 11.70 -5.71
N THR B 76 39.48 10.92 -6.70
CA THR B 76 40.46 11.36 -7.69
C THR B 76 39.92 12.52 -8.53
N GLU B 77 38.70 12.38 -9.02
CA GLU B 77 38.13 13.36 -9.94
C GLU B 77 37.60 14.65 -9.30
N GLY B 79 37.69 15.16 -5.45
CA GLY B 79 38.34 15.47 -4.18
C GLY B 79 37.70 14.98 -2.89
N LYS B 80 36.55 14.29 -2.99
CA LYS B 80 35.84 13.77 -1.81
C LYS B 80 36.71 12.82 -1.00
N ALA B 81 36.83 13.08 0.29
CA ALA B 81 37.59 12.20 1.18
C ALA B 81 37.00 10.78 1.14
N LEU B 82 37.89 9.78 1.12
CA LEU B 82 37.50 8.39 0.96
C LEU B 82 36.37 7.87 1.87
N PRO B 83 36.36 8.23 3.17
CA PRO B 83 35.17 7.79 3.92
C PRO B 83 33.81 8.29 3.37
N ASP B 84 33.74 9.53 2.91
CA ASP B 84 32.51 10.08 2.32
C ASP B 84 32.23 9.46 0.93
N ALA B 85 33.30 9.17 0.19
CA ALA B 85 33.18 8.55 -1.13
C ALA B 85 32.67 7.11 -0.99
N LEU B 86 33.17 6.39 0.01
CA LEU B 86 32.72 5.01 0.29
C LEU B 86 31.26 4.95 0.74
N GLU B 87 30.92 5.87 1.64
CA GLU B 87 29.52 6.11 2.02
C GLU B 87 28.64 6.38 0.80
N GLU B 88 29.10 7.21 -0.12
CA GLU B 88 28.30 7.51 -1.31
C GLU B 88 28.09 6.23 -2.13
N ILE B 89 29.15 5.42 -2.26
CA ILE B 89 29.05 4.18 -3.04
C ILE B 89 28.07 3.23 -2.36
N ASP B 90 28.22 3.08 -1.03
CA ASP B 90 27.33 2.23 -0.21
C ASP B 90 25.85 2.59 -0.40
N VAL B 91 25.55 3.88 -0.29
CA VAL B 91 24.19 4.36 -0.48
C VAL B 91 23.71 4.26 -1.92
N THR B 92 24.64 4.35 -2.87
CA THR B 92 24.35 4.18 -4.28
C THR B 92 23.90 2.74 -4.55
N ALA B 93 24.62 1.79 -3.99
CA ALA B 93 24.25 0.39 -4.13
C ALA B 93 22.87 0.15 -3.53
N ASP B 94 22.63 0.66 -2.31
CA ASP B 94 21.32 0.52 -1.66
C ASP B 94 20.15 1.14 -2.42
N ILE B 95 20.41 2.19 -3.20
CA ILE B 95 19.42 2.83 -4.08
C ILE B 95 19.04 1.86 -5.21
N LEU B 96 20.06 1.27 -5.83
CA LEU B 96 19.84 0.32 -6.90
C LEU B 96 19.16 -0.96 -6.38
N SER B 97 19.59 -1.44 -5.23
CA SER B 97 18.91 -2.56 -4.58
C SER B 97 17.47 -2.24 -4.20
N PHE B 98 17.23 -1.04 -3.66
CA PHE B 98 15.90 -0.60 -3.24
C PHE B 98 14.88 -0.64 -4.40
N TYR B 99 15.24 -0.07 -5.54
CA TYR B 99 14.36 -0.06 -6.71
C TYR B 99 14.26 -1.38 -7.46
N ALA B 100 15.38 -2.11 -7.59
CA ALA B 100 15.37 -3.48 -8.12
C ALA B 100 14.44 -4.39 -7.33
N ASN B 101 14.48 -4.27 -5.99
CA ASN B 101 13.67 -5.14 -5.14
C ASN B 101 12.24 -4.66 -5.00
N GLY B 102 12.04 -3.35 -5.10
CA GLY B 102 10.76 -2.72 -4.77
C GLY B 102 9.83 -2.42 -5.93
N ALA B 103 10.39 -2.29 -7.13
CA ALA B 103 9.66 -1.84 -8.35
C ALA B 103 8.39 -2.62 -8.62
N GLU B 104 8.42 -3.92 -8.40
CA GLU B 104 7.24 -4.73 -8.63
C GLU B 104 6.05 -4.26 -7.78
N GLU B 105 6.33 -3.91 -6.52
CA GLU B 105 5.30 -3.34 -5.66
C GLU B 105 4.99 -1.89 -6.05
N PHE B 106 6.04 -1.10 -6.28
CA PHE B 106 5.83 0.33 -6.64
C PHE B 106 5.02 0.47 -7.93
N LEU B 107 5.28 -0.42 -8.90
CA LEU B 107 4.67 -0.33 -10.24
C LEU B 107 3.42 -1.18 -10.47
N ALA B 108 2.96 -1.88 -9.42
CA ALA B 108 1.76 -2.74 -9.50
C ALA B 108 0.52 -1.85 -9.67
N PRO B 109 -0.52 -2.35 -10.37
CA PRO B 109 -1.66 -1.50 -10.70
C PRO B 109 -2.41 -0.93 -9.48
N THR B 110 -2.98 0.25 -9.63
CA THR B 110 -3.79 0.85 -8.59
C THR B 110 -5.25 0.75 -8.97
N PRO B 111 -6.06 0.01 -8.17
CA PRO B 111 -7.50 0.03 -8.37
C PRO B 111 -8.08 1.37 -7.94
N LEU B 112 -9.04 1.87 -8.71
CA LEU B 112 -9.67 3.13 -8.40
C LEU B 112 -11.09 2.93 -7.91
N LYS B 113 -11.47 3.75 -6.93
CA LYS B 113 -12.81 3.71 -6.38
C LYS B 113 -13.75 4.47 -7.30
N VAL B 114 -14.58 3.70 -8.01
CA VAL B 114 -15.42 4.22 -9.07
C VAL B 114 -16.86 3.89 -8.71
N LYS B 115 -17.81 4.70 -9.20
CA LYS B 115 -19.24 4.48 -8.96
C LYS B 115 -19.80 3.27 -9.69
N THR B 116 -19.35 3.07 -10.93
CA THR B 116 -19.87 2.01 -11.81
C THR B 116 -18.72 1.37 -12.56
N GLY B 117 -18.88 0.11 -12.95
CA GLY B 117 -17.81 -0.63 -13.64
C GLY B 117 -16.53 -0.79 -12.83
N GLN B 118 -15.40 -0.72 -13.53
CA GLN B 118 -14.08 -0.82 -12.92
C GLN B 118 -13.13 0.18 -13.54
N ALA B 119 -12.13 0.58 -12.75
CA ALA B 119 -11.02 1.39 -13.24
C ALA B 119 -9.72 1.10 -12.48
N LYS B 120 -8.60 1.12 -13.19
CA LYS B 120 -7.29 0.97 -12.56
C LYS B 120 -6.33 1.89 -13.24
N ILE B 121 -5.23 2.20 -12.55
CA ILE B 121 -4.09 2.85 -13.13
C ILE B 121 -3.00 1.81 -13.32
N ILE B 122 -2.47 1.70 -14.53
CA ILE B 122 -1.29 0.88 -14.77
C ILE B 122 -0.10 1.75 -15.13
N ASN B 123 1.09 1.31 -14.75
CA ASN B 123 2.27 2.14 -14.78
C ASN B 123 3.21 1.61 -15.84
N GLN B 124 3.43 2.40 -16.88
CA GLN B 124 4.20 1.98 -18.05
C GLN B 124 5.30 2.98 -18.39
N PRO B 125 6.41 2.49 -18.98
CA PRO B 125 7.53 3.40 -19.28
C PRO B 125 7.16 4.40 -20.39
N LEU B 126 7.90 5.50 -20.48
CA LEU B 126 7.68 6.54 -21.50
C LEU B 126 8.66 6.39 -22.68
N GLY B 127 9.92 6.05 -22.37
CA GLY B 127 10.91 5.85 -23.40
C GLY B 127 12.27 6.24 -22.89
N ILE B 128 12.98 7.05 -23.69
CA ILE B 128 14.29 7.56 -23.35
C ILE B 128 14.20 8.76 -22.41
N ILE B 129 14.93 8.68 -21.30
CA ILE B 129 14.99 9.76 -20.31
C ILE B 129 16.39 10.31 -20.34
N TYR B 130 16.49 11.61 -20.53
CA TYR B 130 17.76 12.32 -20.57
C TYR B 130 18.06 12.90 -19.19
N CYS B 131 19.19 12.48 -18.61
CA CYS B 131 19.59 12.92 -17.27
C CYS B 131 20.87 13.76 -17.31
N ILE B 132 20.83 14.89 -16.61
CA ILE B 132 21.93 15.85 -16.54
C ILE B 132 22.28 16.01 -15.06
N GLU B 133 23.48 15.58 -14.70
CA GLU B 133 23.82 15.42 -13.29
C GLU B 133 25.11 16.14 -12.87
N PRO B 134 25.22 16.51 -11.57
CA PRO B 134 26.31 17.32 -11.07
C PRO B 134 27.49 16.50 -10.55
N TRP B 135 28.59 17.18 -10.24
CA TRP B 135 29.81 16.48 -9.83
C TRP B 135 29.90 16.11 -8.33
N ASN B 136 29.00 16.66 -7.50
CA ASN B 136 29.20 16.62 -6.04
C ASN B 136 28.92 15.26 -5.46
N PHE B 137 28.03 14.51 -6.12
CA PHE B 137 27.69 13.13 -5.79
C PHE B 137 27.61 12.34 -7.11
N PRO B 138 28.76 12.03 -7.72
CA PRO B 138 28.83 11.60 -9.13
C PRO B 138 28.17 10.26 -9.41
N TYR B 139 28.15 9.37 -8.42
CA TYR B 139 27.46 8.08 -8.49
C TYR B 139 26.03 8.15 -7.99
N TYR B 140 25.82 8.77 -6.81
CA TYR B 140 24.52 8.73 -6.19
C TYR B 140 23.48 9.45 -7.05
N GLN B 141 23.89 10.57 -7.64
CA GLN B 141 23.01 11.34 -8.55
C GLN B 141 22.61 10.55 -9.79
N LEU B 142 23.51 9.71 -10.30
CA LEU B 142 23.14 8.82 -11.42
C LEU B 142 22.19 7.70 -11.00
N ALA B 143 22.46 7.03 -9.87
CA ALA B 143 21.60 5.94 -9.39
C ALA B 143 20.20 6.43 -9.06
N ARG B 144 20.15 7.64 -8.51
CA ARG B 144 18.90 8.26 -8.08
C ARG B 144 17.86 8.32 -9.24
N VAL B 145 18.34 8.52 -10.47
CA VAL B 145 17.50 8.54 -11.67
C VAL B 145 17.54 7.22 -12.47
N ALA B 146 18.70 6.60 -12.58
CA ALA B 146 18.85 5.37 -13.36
C ALA B 146 18.12 4.18 -12.73
N GLY B 147 18.26 4.02 -11.42
CA GLY B 147 17.53 2.97 -10.68
C GLY B 147 16.02 2.98 -10.92
N PRO B 148 15.34 4.09 -10.58
CA PRO B 148 13.88 4.13 -10.77
C PRO B 148 13.46 3.94 -12.23
N ASN B 149 14.20 4.57 -13.13
CA ASN B 149 13.81 4.63 -14.51
C ASN B 149 14.06 3.36 -15.28
N LEU B 150 15.24 2.76 -15.08
CA LEU B 150 15.57 1.50 -15.68
C LEU B 150 14.61 0.41 -15.22
N ALA B 152 11.49 0.85 -14.22
CA ALA B 152 10.17 1.11 -14.81
C ALA B 152 10.11 0.79 -16.30
N GLY B 153 11.27 0.50 -16.90
CA GLY B 153 11.34 0.06 -18.27
C GLY B 153 11.63 1.20 -19.24
N ASN B 154 12.09 2.33 -18.69
CA ASN B 154 12.66 3.41 -19.46
C ASN B 154 14.10 3.05 -19.81
N VAL B 155 14.67 3.67 -20.84
CA VAL B 155 16.17 3.65 -21.04
C VAL B 155 16.72 5.04 -20.75
N VAL B 156 18.03 5.14 -20.50
CA VAL B 156 18.65 6.38 -20.00
C VAL B 156 19.82 6.87 -20.84
N ILE B 157 19.79 8.15 -21.20
CA ILE B 157 21.00 8.84 -21.68
C ILE B 157 21.45 9.83 -20.59
N ALA B 158 22.70 9.70 -20.15
CA ALA B 158 23.20 10.50 -19.05
C ALA B 158 24.36 11.39 -19.51
N LYS B 159 24.21 12.69 -19.28
CA LYS B 159 25.28 13.65 -19.40
C LYS B 159 25.69 14.13 -18.01
N HIS B 160 26.89 13.76 -17.61
CA HIS B 160 27.42 14.18 -16.34
C HIS B 160 28.23 15.48 -16.45
N ALA B 161 28.53 16.08 -15.30
CA ALA B 161 29.34 17.28 -15.25
C ALA B 161 30.69 16.97 -15.93
N PRO B 162 31.28 17.93 -16.64
CA PRO B 162 32.48 17.63 -17.46
C PRO B 162 33.74 17.30 -16.64
N ASN B 163 33.70 17.48 -15.33
CA ASN B 163 34.87 17.21 -14.51
C ASN B 163 34.87 15.85 -13.84
N VAL B 164 33.82 15.05 -14.08
CA VAL B 164 33.76 13.66 -13.56
C VAL B 164 33.55 12.59 -14.66
N PRO B 165 34.31 12.69 -15.79
CA PRO B 165 34.04 11.78 -16.94
C PRO B 165 34.39 10.31 -16.67
N GLN B 166 35.40 10.07 -15.83
CA GLN B 166 35.76 8.69 -15.47
C GLN B 166 34.71 8.10 -14.56
N CYS B 167 34.11 8.91 -13.70
CA CYS B 167 32.96 8.45 -12.90
C CYS B 167 31.78 8.10 -13.82
N ALA B 168 31.48 8.99 -14.75
CA ALA B 168 30.43 8.81 -15.71
C ALA B 168 30.62 7.52 -16.54
N LEU B 169 31.84 7.27 -17.00
CA LEU B 169 32.13 6.10 -17.83
C LEU B 169 32.08 4.82 -17.02
N ALA B 170 32.49 4.91 -15.76
CA ALA B 170 32.47 3.76 -14.86
C ALA B 170 31.03 3.31 -14.57
N PHE B 171 30.11 4.27 -14.49
CA PHE B 171 28.72 3.97 -14.14
C PHE B 171 28.02 3.35 -15.34
N GLU B 172 28.36 3.82 -16.54
CA GLU B 172 27.99 3.17 -17.79
C GLU B 172 28.51 1.73 -17.88
N LYS B 173 29.81 1.56 -17.61
CA LYS B 173 30.46 0.24 -17.58
C LYS B 173 29.80 -0.72 -16.56
N LEU B 174 29.44 -0.21 -15.38
CA LEU B 174 28.74 -1.00 -14.35
C LEU B 174 27.47 -1.71 -14.83
N PHE B 175 26.63 -1.03 -15.60
CA PHE B 175 25.44 -1.69 -16.14
C PHE B 175 25.78 -2.65 -17.29
N HIS B 176 26.85 -2.37 -18.02
CA HIS B 176 27.37 -3.30 -19.01
C HIS B 176 27.78 -4.59 -18.32
N ASP B 177 28.61 -4.48 -17.29
CA ASP B 177 29.12 -5.65 -16.58
C ASP B 177 27.99 -6.43 -15.90
N ALA B 178 26.93 -5.72 -15.54
CA ALA B 178 25.72 -6.30 -14.96
C ALA B 178 24.77 -7.02 -15.93
N GLY B 179 25.03 -6.90 -17.23
CA GLY B 179 24.29 -7.63 -18.28
C GLY B 179 23.21 -6.82 -19.00
N ALA B 180 23.23 -5.51 -18.86
CA ALA B 180 22.23 -4.67 -19.51
C ALA B 180 22.56 -4.61 -21.00
N PRO B 181 21.53 -4.55 -21.87
CA PRO B 181 21.95 -4.46 -23.26
C PRO B 181 22.60 -3.09 -23.51
N VAL B 182 23.46 -3.01 -24.53
CA VAL B 182 24.03 -1.71 -24.91
C VAL B 182 22.87 -0.83 -25.36
N GLY B 183 22.76 0.37 -24.77
CA GLY B 183 21.69 1.30 -25.10
C GLY B 183 20.62 1.43 -24.04
N ALA B 184 20.63 0.54 -23.05
CA ALA B 184 19.74 0.67 -21.90
C ALA B 184 20.16 1.85 -21.01
N TYR B 185 21.47 1.98 -20.80
CA TYR B 185 22.05 3.13 -20.08
C TYR B 185 23.30 3.56 -20.86
N ALA B 186 23.36 4.82 -21.26
CA ALA B 186 24.53 5.30 -21.99
C ALA B 186 25.06 6.63 -21.45
N ASN B 187 26.37 6.76 -21.36
CA ASN B 187 27.01 8.05 -21.10
C ASN B 187 27.01 8.87 -22.39
N ILE B 188 26.97 10.19 -22.25
CA ILE B 188 27.21 11.03 -23.40
C ILE B 188 28.00 12.28 -23.02
N PHE B 189 28.94 12.67 -23.89
CA PHE B 189 29.77 13.84 -23.69
C PHE B 189 29.35 14.93 -24.66
N LEU B 190 28.59 15.92 -24.20
CA LEU B 190 28.01 16.96 -25.09
C LEU B 190 28.32 18.40 -24.66
N ASP B 191 28.43 19.30 -25.64
CA ASP B 191 28.48 20.73 -25.33
C ASP B 191 27.05 21.23 -25.19
N ASN B 192 26.89 22.42 -24.62
CA ASN B 192 25.57 22.96 -24.32
C ASN B 192 24.62 23.01 -25.54
N ASP B 193 25.17 23.22 -26.74
CA ASP B 193 24.39 23.28 -27.99
C ASP B 193 23.82 21.91 -28.41
N GLN B 194 24.65 20.89 -28.37
CA GLN B 194 24.21 19.51 -28.67
C GLN B 194 23.17 19.02 -27.65
N SER B 195 23.31 19.47 -26.40
CA SER B 195 22.38 19.16 -25.32
C SER B 195 20.98 19.71 -25.60
N ALA B 196 20.91 20.95 -26.05
CA ALA B 196 19.65 21.54 -26.44
C ALA B 196 19.00 20.76 -27.59
N GLU B 197 19.82 20.36 -28.57
CA GLU B 197 19.36 19.60 -29.72
C GLU B 197 18.85 18.20 -29.31
N LEU B 198 19.50 17.58 -28.32
CA LEU B 198 19.01 16.32 -27.76
C LEU B 198 17.66 16.49 -27.06
N ILE B 199 17.47 17.62 -26.38
CA ILE B 199 16.20 17.85 -25.72
C ILE B 199 15.05 17.96 -26.73
N LYS B 200 15.31 18.61 -27.87
CA LYS B 200 14.35 18.73 -28.97
C LYS B 200 13.96 17.39 -29.64
N ASP B 201 14.86 16.41 -29.60
CA ASP B 201 14.59 15.10 -30.22
C ASP B 201 13.33 14.50 -29.63
N GLU B 202 12.34 14.21 -30.49
CA GLU B 202 11.02 13.66 -30.12
C GLU B 202 11.12 12.36 -29.33
N ARG B 203 12.24 11.65 -29.48
CA ARG B 203 12.45 10.39 -28.76
C ARG B 203 12.81 10.50 -27.25
N ILE B 204 13.38 11.64 -26.86
CA ILE B 204 13.61 11.95 -25.44
C ILE B 204 12.27 12.33 -24.83
N ARG B 205 11.83 11.59 -23.81
CA ARG B 205 10.47 11.75 -23.27
C ARG B 205 10.44 12.43 -21.92
N GLY B 206 11.62 12.72 -21.39
CA GLY B 206 11.71 13.48 -20.14
C GLY B 206 13.14 13.85 -19.83
N VAL B 207 13.27 14.93 -19.06
CA VAL B 207 14.56 15.47 -18.66
C VAL B 207 14.61 15.63 -17.16
N ALA B 208 15.62 15.00 -16.55
CA ALA B 208 15.90 15.11 -15.13
C ALA B 208 17.19 15.89 -14.99
N LEU B 209 17.13 17.03 -14.30
CA LEU B 209 18.33 17.78 -14.01
C LEU B 209 18.47 18.00 -12.49
N THR B 210 19.70 17.81 -12.00
CA THR B 210 20.13 18.35 -10.71
C THR B 210 21.32 19.24 -11.02
N GLY B 211 21.26 20.50 -10.58
CA GLY B 211 22.32 21.46 -10.89
C GLY B 211 21.98 22.83 -10.36
N SER B 212 22.57 23.85 -11.01
CA SER B 212 22.41 25.24 -10.61
C SER B 212 21.12 25.84 -11.15
N GLU B 213 20.78 27.02 -10.65
CA GLU B 213 19.59 27.73 -11.06
C GLU B 213 19.66 28.07 -12.56
N ARG B 214 20.77 28.65 -12.99
CA ARG B 214 20.96 29.05 -14.40
C ARG B 214 21.01 27.87 -15.39
N ALA B 215 21.51 26.72 -14.94
CA ALA B 215 21.44 25.51 -15.77
C ALA B 215 19.97 25.08 -15.88
N GLY B 216 19.31 25.03 -14.72
CA GLY B 216 17.87 24.74 -14.60
C GLY B 216 16.97 25.57 -15.49
N GLN B 217 17.10 26.90 -15.41
CA GLN B 217 16.29 27.84 -16.20
C GLN B 217 16.36 27.58 -17.71
N ALA B 218 17.55 27.23 -18.20
CA ALA B 218 17.78 27.01 -19.62
C ALA B 218 17.21 25.67 -20.06
N VAL B 219 17.47 24.63 -19.27
CA VAL B 219 17.01 23.28 -19.63
C VAL B 219 15.48 23.13 -19.50
N ALA B 220 14.90 23.70 -18.44
CA ALA B 220 13.44 23.64 -18.19
C ALA B 220 12.65 24.39 -19.27
N ALA B 221 13.20 25.49 -19.76
CA ALA B 221 12.65 26.25 -20.87
C ALA B 221 12.63 25.41 -22.15
N GLN B 222 13.78 24.82 -22.46
CA GLN B 222 13.99 23.85 -23.55
C GLN B 222 13.03 22.64 -23.52
N ALA B 223 12.87 22.02 -22.35
CA ALA B 223 11.98 20.87 -22.19
C ALA B 223 10.51 21.29 -22.35
N GLY B 224 10.14 22.41 -21.74
CA GLY B 224 8.81 22.98 -21.93
C GLY B 224 8.53 23.22 -23.40
N ALA B 225 9.48 23.85 -24.11
CA ALA B 225 9.29 24.20 -25.52
C ALA B 225 9.19 22.96 -26.41
N ALA B 226 9.76 21.86 -25.94
CA ALA B 226 9.73 20.60 -26.66
C ALA B 226 8.58 19.71 -26.16
N LEU B 227 7.74 20.28 -25.30
CA LEU B 227 6.58 19.61 -24.69
C LEU B 227 6.91 18.29 -23.97
N LYS B 228 7.86 18.36 -23.04
CA LYS B 228 8.26 17.19 -22.27
C LYS B 228 8.23 17.52 -20.80
N LYS B 229 8.01 16.49 -19.99
CA LYS B 229 8.18 16.59 -18.55
C LYS B 229 9.65 16.78 -18.17
N ASP B 230 9.90 17.77 -17.31
CA ASP B 230 11.22 17.96 -16.73
C ASP B 230 11.14 17.82 -15.22
N THR B 231 12.28 17.51 -14.61
CA THR B 231 12.38 17.40 -13.16
C THR B 231 13.60 18.23 -12.74
N GLU B 233 16.11 19.87 -9.65
CA GLU B 233 16.62 19.98 -8.30
C GLU B 233 17.77 20.94 -8.33
N LEU B 234 17.52 22.12 -7.79
CA LEU B 234 18.39 23.25 -7.95
C LEU B 234 18.99 23.63 -6.60
N GLY B 235 19.38 24.89 -6.43
CA GLY B 235 20.02 25.34 -5.19
C GLY B 235 19.30 25.05 -3.88
N GLY B 236 20.04 25.18 -2.78
CA GLY B 236 19.48 25.16 -1.45
C GLY B 236 20.27 26.08 -0.55
N SER B 237 19.60 26.70 0.41
CA SER B 237 20.29 27.41 1.49
C SER B 237 19.54 27.10 2.78
N ASP B 238 19.61 25.84 3.16
CA ASP B 238 18.82 25.27 4.27
C ASP B 238 19.05 25.85 5.67
N ALA B 239 17.97 26.02 6.41
CA ALA B 239 18.03 26.43 7.81
C ALA B 239 18.39 25.24 8.68
N PHE B 240 19.19 25.51 9.70
CA PHE B 240 19.55 24.54 10.73
C PHE B 240 19.25 25.23 12.03
N ILE B 241 18.11 24.87 12.63
CA ILE B 241 17.55 25.61 13.75
C ILE B 241 17.83 24.87 15.04
N VAL B 242 18.48 25.58 15.97
CA VAL B 242 18.84 25.03 17.26
C VAL B 242 18.12 25.84 18.32
N LEU B 243 17.10 25.23 18.92
CA LEU B 243 16.26 25.89 19.92
C LEU B 243 16.93 25.88 21.29
N ASP B 244 16.33 26.59 22.25
CA ASP B 244 16.94 26.71 23.57
C ASP B 244 17.14 25.35 24.24
N ASP B 245 16.21 24.44 23.99
CA ASP B 245 16.17 23.14 24.66
C ASP B 245 16.74 22.01 23.81
N ALA B 246 17.63 22.34 22.86
CA ALA B 246 18.27 21.32 22.04
C ALA B 246 19.34 20.58 22.84
N ASP B 247 19.51 19.30 22.54
CA ASP B 247 20.68 18.56 22.99
C ASP B 247 21.87 19.18 22.24
N LEU B 248 22.58 20.05 22.97
CA LEU B 248 23.62 20.91 22.41
C LEU B 248 24.75 20.15 21.74
N ASP B 249 25.17 19.05 22.36
CA ASP B 249 26.22 18.16 21.83
C ASP B 249 25.76 17.48 20.55
N LEU B 250 24.54 16.94 20.58
CA LEU B 250 23.93 16.35 19.39
C LEU B 250 23.81 17.36 18.23
N ALA B 251 23.40 18.59 18.53
CA ALA B 251 23.22 19.63 17.53
C ALA B 251 24.54 20.10 16.88
N VAL B 252 25.57 20.27 17.69
CA VAL B 252 26.92 20.53 17.19
C VAL B 252 27.43 19.37 16.31
N LYS B 253 27.31 18.14 16.80
CA LYS B 253 27.71 16.99 15.99
C LYS B 253 27.06 17.04 14.60
N TRP B 254 25.72 17.16 14.55
CA TRP B 254 25.04 17.16 13.26
C TRP B 254 25.28 18.39 12.41
N ALA B 255 25.51 19.55 13.05
CA ALA B 255 25.87 20.81 12.35
C ALA B 255 27.16 20.68 11.56
N VAL B 256 28.16 20.06 12.20
CA VAL B 256 29.47 19.84 11.62
C VAL B 256 29.36 18.92 10.41
N TRP B 257 28.65 17.80 10.57
CA TRP B 257 28.45 16.92 9.43
C TRP B 257 27.61 17.61 8.36
N GLY B 258 26.52 18.24 8.77
CA GLY B 258 25.63 18.92 7.82
C GLY B 258 26.32 19.98 6.96
N ARG B 259 27.15 20.81 7.60
CA ARG B 259 27.86 21.86 6.88
C ARG B 259 29.15 21.37 6.19
N PHE B 260 29.91 20.50 6.83
CA PHE B 260 31.26 20.24 6.34
C PHE B 260 31.46 18.93 5.60
N ALA B 261 30.48 18.03 5.60
CA ALA B 261 30.58 16.80 4.84
C ALA B 261 30.73 17.14 3.36
N ASN B 262 31.61 16.43 2.65
CA ASN B 262 31.90 16.72 1.26
C ASN B 262 32.32 18.19 1.10
N ASN B 263 32.98 18.73 2.13
CA ASN B 263 33.36 20.15 2.21
C ASN B 263 32.23 21.17 2.05
N GLY B 264 31.00 20.83 2.40
CA GLY B 264 29.89 21.78 2.24
C GLY B 264 29.33 21.90 0.82
N GLN B 265 29.82 21.04 -0.08
CA GLN B 265 29.42 21.00 -1.49
C GLN B 265 28.16 20.12 -1.66
N VAL B 266 27.09 20.54 -0.99
CA VAL B 266 25.92 19.69 -0.81
C VAL B 266 24.75 20.68 -0.82
N CYS B 267 23.79 20.40 -1.70
CA CYS B 267 22.64 21.27 -1.88
C CYS B 267 21.81 21.40 -0.62
N THR B 268 21.78 20.33 0.19
CA THR B 268 21.10 20.33 1.48
C THR B 268 22.02 20.51 2.68
N ALA B 269 23.20 21.06 2.47
CA ALA B 269 24.11 21.36 3.58
C ALA B 269 23.42 22.33 4.52
N ALA B 270 23.80 22.29 5.80
CA ALA B 270 23.30 23.23 6.82
C ALA B 270 23.95 24.59 6.58
N LYS B 271 23.40 25.36 5.64
CA LYS B 271 24.07 26.58 5.21
C LYS B 271 23.73 27.76 6.12
N ARG B 272 22.52 27.77 6.67
CA ARG B 272 22.11 28.83 7.60
C ARG B 272 21.78 28.29 8.99
N ILE B 274 20.79 28.65 12.67
CA ILE B 274 19.97 29.59 13.38
C ILE B 274 19.76 29.13 14.83
N VAL B 275 20.43 29.84 15.74
CA VAL B 275 20.61 29.37 17.11
C VAL B 275 20.04 30.37 18.12
N HIS B 276 19.21 29.86 19.02
CA HIS B 276 18.65 30.65 20.09
C HIS B 276 19.76 31.29 20.93
N GLU B 277 19.55 32.56 21.29
CA GLU B 277 20.53 33.33 22.07
C GLU B 277 21.01 32.66 23.35
N LYS B 278 20.19 31.80 23.94
CA LYS B 278 20.55 31.16 25.21
C LYS B 278 21.57 30.05 25.07
N VAL B 279 21.72 29.52 23.86
CA VAL B 279 22.68 28.43 23.61
C VAL B 279 23.72 28.77 22.54
N TYR B 280 23.62 29.99 22.00
CA TYR B 280 24.45 30.47 20.89
C TYR B 280 25.96 30.40 21.14
N ASP B 281 26.39 30.76 22.34
CA ASP B 281 27.81 30.80 22.65
C ASP B 281 28.45 29.43 22.80
N ALA B 282 27.73 28.51 23.47
CA ALA B 282 28.18 27.13 23.63
C ALA B 282 28.11 26.33 22.32
N PHE B 283 27.11 26.65 21.49
CA PHE B 283 27.02 26.06 20.16
C PHE B 283 28.23 26.46 19.29
N LEU B 284 28.51 27.77 19.26
CA LEU B 284 29.62 28.33 18.52
C LEU B 284 30.93 27.77 19.08
N ASP B 285 31.04 27.67 20.41
CA ASP B 285 32.22 27.05 21.02
C ASP B 285 32.43 25.62 20.59
N GLY B 286 31.36 24.82 20.60
CA GLY B 286 31.43 23.41 20.18
C GLY B 286 31.76 23.26 18.69
N LEU B 287 31.36 24.26 17.89
CA LEU B 287 31.62 24.26 16.45
C LEU B 287 33.08 24.61 16.14
N LYS B 288 33.58 25.70 16.75
CA LYS B 288 34.97 26.16 16.57
C LYS B 288 35.91 25.03 16.90
N THR B 289 35.55 24.29 17.93
CA THR B 289 36.39 23.22 18.42
C THR B 289 36.37 22.05 17.47
N ALA B 290 35.18 21.55 17.15
CA ALA B 290 35.03 20.43 16.19
C ALA B 290 35.82 20.58 14.90
N ILE B 291 35.80 21.76 14.29
CA ILE B 291 36.48 21.96 13.00
C ILE B 291 38.01 21.81 13.07
N THR B 292 38.58 22.01 14.27
CA THR B 292 40.03 21.86 14.48
C THR B 292 40.46 20.39 14.49
N ARG B 293 39.49 19.50 14.60
CA ARG B 293 39.77 18.07 14.63
C ARG B 293 39.69 17.38 13.25
N PHE B 294 39.39 18.14 12.19
CA PHE B 294 39.43 17.58 10.83
C PHE B 294 40.85 17.14 10.48
N ARG B 295 40.93 16.13 9.61
CA ARG B 295 42.19 15.72 9.00
C ARG B 295 42.10 16.05 7.51
N ILE B 296 42.60 17.21 7.12
CA ILE B 296 42.49 17.71 5.76
C ILE B 296 43.72 17.29 4.98
N GLY B 297 43.53 16.61 3.85
CA GLY B 297 44.65 16.07 3.09
C GLY B 297 44.26 15.23 1.88
N ASN B 298 45.11 14.27 1.55
CA ASN B 298 44.91 13.41 0.41
C ASN B 298 43.63 12.57 0.62
N PRO B 299 42.59 12.83 -0.20
CA PRO B 299 41.28 12.15 -0.05
C PRO B 299 41.31 10.64 -0.29
N LEU B 300 42.38 10.13 -0.91
CA LEU B 300 42.52 8.70 -1.17
C LEU B 300 42.98 7.94 0.08
N ASP B 301 43.59 8.63 1.03
CA ASP B 301 43.89 8.05 2.35
C ASP B 301 42.58 7.82 3.14
N ARG B 302 42.51 6.68 3.84
CA ARG B 302 41.33 6.32 4.65
C ARG B 302 41.20 7.10 5.97
N ASP B 303 42.28 7.76 6.38
CA ASP B 303 42.31 8.62 7.60
C ASP B 303 42.08 10.13 7.35
N THR B 304 42.01 10.54 6.08
CA THR B 304 41.66 11.91 5.69
C THR B 304 40.17 12.08 5.88
N THR B 305 39.74 13.13 6.59
CA THR B 305 38.30 13.43 6.72
C THR B 305 37.80 14.42 5.66
N HIS B 306 38.68 15.31 5.20
CA HIS B 306 38.30 16.35 4.28
C HIS B 306 39.35 16.48 3.18
N GLY B 307 38.94 16.36 1.93
CA GLY B 307 39.85 16.57 0.82
C GLY B 307 39.83 18.03 0.36
N PRO B 308 40.35 18.30 -0.85
CA PRO B 308 40.30 19.64 -1.38
C PRO B 308 38.90 19.97 -1.94
N SER B 310 36.46 20.77 -5.13
CA SER B 310 36.43 20.10 -6.42
C SER B 310 37.16 20.85 -7.54
N SER B 311 37.31 22.17 -7.39
CA SER B 311 37.91 23.00 -8.46
C SER B 311 38.45 24.29 -7.88
N LEU B 312 39.34 24.93 -8.64
CA LEU B 312 39.87 26.23 -8.26
C LEU B 312 38.74 27.27 -8.17
N ARG B 313 37.80 27.18 -9.10
CA ARG B 313 36.70 28.12 -9.20
C ARG B 313 35.69 27.96 -8.06
N ALA B 314 35.45 26.72 -7.66
CA ALA B 314 34.55 26.45 -6.52
C ALA B 314 35.21 26.94 -5.25
N GLU B 316 37.70 29.37 -5.14
CA GLU B 316 37.87 30.82 -5.24
C GLU B 316 36.57 31.56 -4.85
N LEU B 317 35.44 31.02 -5.31
CA LEU B 317 34.13 31.58 -5.02
C LEU B 317 33.78 31.54 -3.54
N ALA B 318 34.02 30.41 -2.89
CA ALA B 318 33.74 30.29 -1.45
C ALA B 318 34.60 31.27 -0.65
N LEU B 319 35.87 31.41 -1.05
CA LEU B 319 36.78 32.38 -0.42
C LEU B 319 36.33 33.82 -0.70
N ASP B 320 35.83 34.06 -1.91
CA ASP B 320 35.26 35.34 -2.32
C ASP B 320 34.06 35.74 -1.43
N GLN B 321 33.10 34.81 -1.30
CA GLN B 321 31.91 35.04 -0.47
C GLN B 321 32.27 35.35 0.98
N THR B 322 33.38 34.79 1.46
CA THR B 322 33.86 35.03 2.80
C THR B 322 34.35 36.46 2.97
N ALA B 323 35.25 36.86 2.06
CA ALA B 323 35.85 38.19 2.06
C ALA B 323 34.76 39.24 1.92
N GLU B 324 33.86 39.00 0.97
CA GLU B 324 32.70 39.85 0.79
C GLU B 324 31.84 39.94 2.09
N ALA B 325 31.60 38.81 2.74
CA ALA B 325 30.80 38.78 3.97
C ALA B 325 31.41 39.60 5.11
N VAL B 326 32.74 39.56 5.23
CA VAL B 326 33.46 40.35 6.25
C VAL B 326 33.48 41.86 5.91
N LYS B 327 33.78 42.16 4.65
CA LYS B 327 33.68 43.51 4.13
C LYS B 327 32.26 44.06 4.35
N GLY B 328 31.26 43.18 4.33
CA GLY B 328 29.88 43.55 4.52
C GLY B 328 29.49 43.73 5.98
N GLY B 329 30.41 43.37 6.87
CA GLY B 329 30.20 43.52 8.32
C GLY B 329 30.22 42.24 9.15
N ALA B 330 30.48 41.09 8.54
CA ALA B 330 30.51 39.84 9.31
C ALA B 330 31.81 39.65 10.07
N THR B 331 31.76 38.81 11.10
CA THR B 331 32.92 38.45 11.90
C THR B 331 33.48 37.13 11.37
N LEU B 332 34.77 37.12 11.02
CA LEU B 332 35.49 35.89 10.69
C LEU B 332 35.91 35.24 12.00
N VAL B 333 35.17 34.22 12.42
CA VAL B 333 35.48 33.48 13.64
C VAL B 333 36.66 32.55 13.37
N ALA B 334 36.61 31.79 12.28
CA ALA B 334 37.69 30.86 11.96
C ALA B 334 37.82 30.66 10.45
N GLY B 335 39.03 30.27 10.04
CA GLY B 335 39.36 29.96 8.65
C GLY B 335 39.50 31.16 7.74
N GLY B 336 38.99 31.03 6.53
CA GLY B 336 38.90 32.16 5.63
C GLY B 336 40.09 32.33 4.69
N LYS B 337 40.91 31.28 4.54
CA LYS B 337 42.07 31.30 3.67
C LYS B 337 42.32 29.98 2.94
N ARG B 338 42.94 30.10 1.78
CA ARG B 338 43.51 28.97 1.07
C ARG B 338 44.68 28.37 1.85
N ASP B 340 48.25 26.63 2.37
CA ASP B 340 49.50 26.75 1.63
C ASP B 340 50.05 25.39 1.24
N ARG B 341 49.33 24.70 0.35
CA ARG B 341 49.81 23.44 -0.22
C ARG B 341 49.22 23.19 -1.60
N LYS B 342 49.77 22.24 -2.33
CA LYS B 342 49.23 21.86 -3.63
C LYS B 342 47.80 21.37 -3.51
N GLY B 343 47.00 21.72 -4.51
CA GLY B 343 45.57 21.38 -4.53
C GLY B 343 44.67 22.53 -4.19
N PHE B 344 43.37 22.28 -4.24
CA PHE B 344 42.34 23.29 -4.02
C PHE B 344 41.81 23.18 -2.60
N PHE B 345 42.74 23.34 -1.67
CA PHE B 345 42.53 23.21 -0.23
C PHE B 345 42.23 24.53 0.46
N GLU B 347 40.65 26.33 4.12
CA GLU B 347 40.39 26.13 5.54
C GLU B 347 38.90 26.16 5.86
N PRO B 348 38.45 25.28 6.78
CA PRO B 348 37.04 25.35 7.22
C PRO B 348 36.83 26.67 7.95
N THR B 349 35.70 27.31 7.66
CA THR B 349 35.49 28.71 7.97
C THR B 349 34.18 28.87 8.73
N ILE B 350 34.20 29.74 9.74
CA ILE B 350 33.00 30.12 10.44
C ILE B 350 32.82 31.63 10.41
N LEU B 351 31.64 32.05 9.94
CA LEU B 351 31.21 33.45 9.91
C LEU B 351 30.07 33.69 10.89
N THR B 352 30.12 34.82 11.58
CA THR B 352 29.00 35.28 12.40
C THR B 352 28.63 36.71 12.03
N ASP B 353 27.58 37.24 12.67
CA ASP B 353 27.10 38.61 12.46
C ASP B 353 26.83 38.92 10.98
N VAL B 354 26.26 37.96 10.28
CA VAL B 354 25.81 38.14 8.92
C VAL B 354 24.38 38.68 8.98
N SER B 355 24.24 40.00 8.89
CA SER B 355 22.92 40.66 8.99
C SER B 355 22.10 40.55 7.69
N LYS B 356 20.83 40.97 7.74
CA LYS B 356 19.93 40.87 6.58
C LYS B 356 20.36 41.71 5.37
N ASP B 357 21.16 42.74 5.61
CA ASP B 357 21.70 43.64 4.56
C ASP B 357 23.09 43.21 4.07
N ASN B 358 23.63 42.12 4.63
CA ASN B 358 24.91 41.60 4.19
C ASN B 358 24.70 40.87 2.86
N PRO B 359 25.52 41.18 1.84
CA PRO B 359 25.41 40.63 0.48
C PRO B 359 25.47 39.09 0.35
N VAL B 360 25.88 38.41 1.42
CA VAL B 360 26.00 36.97 1.43
C VAL B 360 24.78 36.30 2.08
N PHE B 361 23.94 37.13 2.71
CA PHE B 361 22.72 36.68 3.40
C PHE B 361 21.83 35.75 2.56
N TYR B 362 21.61 36.08 1.29
CA TYR B 362 20.75 35.26 0.44
C TYR B 362 21.54 34.35 -0.49
N GLN B 363 22.87 34.42 -0.41
CA GLN B 363 23.71 33.62 -1.30
C GLN B 363 23.78 32.15 -0.86
N GLU B 364 23.92 31.24 -1.84
CA GLU B 364 24.27 29.86 -1.56
C GLU B 364 25.79 29.74 -1.48
N ILE B 365 26.31 29.44 -0.29
CA ILE B 365 27.75 29.17 -0.13
C ILE B 365 28.06 27.68 -0.27
N PHE B 366 28.63 27.30 -1.42
CA PHE B 366 28.88 25.90 -1.76
C PHE B 366 30.32 25.56 -1.38
N GLY B 367 30.57 25.49 -0.08
CA GLY B 367 31.91 25.28 0.46
C GLY B 367 31.90 25.20 1.98
N PRO B 368 33.09 24.96 2.60
CA PRO B 368 33.16 24.73 4.03
C PRO B 368 33.11 26.03 4.83
N VAL B 369 31.96 26.71 4.77
CA VAL B 369 31.77 28.01 5.39
C VAL B 369 30.47 28.02 6.19
N ALA B 370 30.59 27.91 7.52
CA ALA B 370 29.40 28.01 8.38
C ALA B 370 29.01 29.47 8.59
N VAL B 371 27.71 29.76 8.48
CA VAL B 371 27.15 31.06 8.83
C VAL B 371 26.21 30.82 10.00
N VAL B 372 26.47 31.50 11.11
CA VAL B 372 25.72 31.29 12.34
C VAL B 372 24.97 32.56 12.72
N HIS B 373 23.67 32.41 12.87
CA HIS B 373 22.78 33.51 13.24
C HIS B 373 22.25 33.30 14.64
N LYS B 374 22.31 34.35 15.46
CA LYS B 374 21.66 34.32 16.77
C LYS B 374 20.23 34.87 16.65
N VAL B 375 19.27 34.17 17.23
CA VAL B 375 17.89 34.69 17.31
C VAL B 375 17.36 34.70 18.76
N ALA B 376 16.43 35.60 19.05
CA ALA B 376 15.89 35.77 20.39
C ALA B 376 14.75 34.81 20.74
N SER B 377 14.10 34.25 19.71
CA SER B 377 12.95 33.37 19.93
C SER B 377 12.74 32.30 18.85
N GLU B 378 11.97 31.29 19.22
CA GLU B 378 11.46 30.26 18.31
C GLU B 378 10.83 30.86 17.05
N GLN B 379 10.02 31.90 17.23
CA GLN B 379 9.35 32.57 16.11
C GLN B 379 10.34 33.34 15.21
N ALA B 380 11.28 34.06 15.83
CA ALA B 380 12.38 34.73 15.12
C ALA B 380 13.19 33.74 14.31
N ALA B 381 13.37 32.53 14.85
CA ALA B 381 14.06 31.43 14.18
C ALA B 381 13.28 30.97 12.95
N ILE B 382 11.98 30.74 13.13
CA ILE B 382 11.08 30.39 12.03
C ILE B 382 11.10 31.49 10.94
N ASP B 383 10.92 32.74 11.36
CA ASP B 383 10.98 33.88 10.44
C ASP B 383 12.31 33.97 9.68
N LEU B 384 13.43 33.72 10.35
CA LEU B 384 14.73 33.79 9.68
C LEU B 384 14.94 32.65 8.67
N ALA B 385 14.50 31.46 9.04
CA ALA B 385 14.52 30.28 8.16
C ALA B 385 13.71 30.58 6.90
N ASN B 386 12.58 31.23 7.07
CA ASN B 386 11.67 31.52 5.96
C ASN B 386 12.05 32.74 5.14
N ASP B 387 13.11 33.44 5.56
CA ASP B 387 13.58 34.61 4.85
C ASP B 387 14.64 34.18 3.82
N SER B 388 14.16 33.51 2.78
CA SER B 388 15.03 32.80 1.84
C SER B 388 14.30 32.51 0.53
N PRO B 389 14.96 32.76 -0.63
CA PRO B 389 14.41 32.38 -1.95
C PRO B 389 14.35 30.88 -2.17
N TYR B 390 15.08 30.12 -1.37
CA TYR B 390 15.13 28.67 -1.48
C TYR B 390 14.07 28.02 -0.55
N GLY B 391 13.84 26.71 -0.72
CA GLY B 391 13.08 25.93 0.25
C GLY B 391 13.31 24.44 0.04
N LEU B 392 14.56 23.99 0.19
CA LEU B 392 14.96 22.61 -0.11
C LEU B 392 14.87 21.65 1.10
N GLY B 393 15.88 21.67 1.97
CA GLY B 393 15.85 20.87 3.19
C GLY B 393 15.70 21.77 4.40
N GLY B 394 16.05 21.24 5.57
CA GLY B 394 15.91 21.97 6.83
C GLY B 394 15.94 21.05 8.05
N ALA B 395 16.39 21.59 9.17
CA ALA B 395 16.55 20.80 10.39
C ALA B 395 16.12 21.56 11.62
N VAL B 396 15.53 20.86 12.59
CA VAL B 396 15.15 21.48 13.87
C VAL B 396 15.61 20.60 15.04
N PHE B 397 16.24 21.24 16.03
CA PHE B 397 16.79 20.58 17.21
C PHE B 397 16.13 21.06 18.47
N SER B 398 15.49 20.12 19.17
CA SER B 398 14.78 20.38 20.43
C SER B 398 14.54 19.04 21.10
N ARG B 399 14.73 18.99 22.42
CA ARG B 399 14.33 17.82 23.21
C ARG B 399 12.82 17.65 23.22
N ASP B 400 12.10 18.77 23.16
CA ASP B 400 10.65 18.72 23.03
C ASP B 400 10.23 18.41 21.58
N ILE B 401 9.86 17.16 21.32
CA ILE B 401 9.59 16.69 19.97
C ILE B 401 8.31 17.29 19.40
N ALA B 402 7.28 17.47 20.23
CA ALA B 402 6.04 18.10 19.77
C ALA B 402 6.32 19.53 19.25
N ARG B 403 7.20 20.25 19.95
CA ARG B 403 7.57 21.63 19.64
C ARG B 403 8.35 21.72 18.33
N ALA B 404 9.24 20.77 18.13
CA ALA B 404 10.01 20.64 16.89
C ALA B 404 9.10 20.29 15.71
N GLU B 405 8.07 19.46 15.96
CA GLU B 405 7.10 19.14 14.91
C GLU B 405 6.30 20.36 14.48
N LYS B 406 5.87 21.19 15.44
CA LYS B 406 5.20 22.46 15.12
C LYS B 406 6.09 23.47 14.36
N VAL B 407 7.35 23.57 14.74
CA VAL B 407 8.32 24.39 13.99
C VAL B 407 8.54 23.86 12.57
N ALA B 408 8.69 22.54 12.45
CA ALA B 408 8.79 21.86 11.17
C ALA B 408 7.65 22.22 10.23
N GLU B 409 6.43 22.20 10.75
CA GLU B 409 5.23 22.53 9.99
C GLU B 409 5.30 23.94 9.44
N GLN B 410 5.95 24.83 10.18
CA GLN B 410 5.98 26.26 9.85
C GLN B 410 7.12 26.71 8.91
N VAL B 411 8.16 25.91 8.79
CA VAL B 411 9.28 26.25 7.91
C VAL B 411 8.88 25.93 6.47
N GLU B 412 9.14 26.87 5.56
CA GLU B 412 8.76 26.74 4.15
C GLU B 412 9.85 26.04 3.37
N THR B 413 9.78 24.72 3.34
CA THR B 413 10.81 23.91 2.71
C THR B 413 10.22 22.55 2.33
N GLY B 414 10.92 21.83 1.48
CA GLY B 414 10.46 20.52 1.02
C GLY B 414 10.62 19.39 2.03
N VAL B 416 11.96 18.57 6.33
CA VAL B 416 12.44 18.96 7.65
C VAL B 416 12.80 17.74 8.47
N PHE B 417 14.07 17.69 8.89
CA PHE B 417 14.60 16.68 9.78
C PHE B 417 14.64 17.15 11.23
N ILE B 418 14.11 16.34 12.13
CA ILE B 418 14.11 16.67 13.55
C ILE B 418 15.19 15.87 14.28
N ASN B 419 16.13 16.61 14.86
CA ASN B 419 17.20 16.08 15.71
C ASN B 419 18.29 15.31 14.98
N THR B 420 18.27 15.44 13.67
CA THR B 420 19.24 14.92 12.72
C THR B 420 19.39 15.99 11.65
N ALA B 421 20.55 16.00 10.99
CA ALA B 421 20.73 16.83 9.81
C ALA B 421 20.05 16.16 8.63
N THR B 422 19.69 16.97 7.64
CA THR B 422 19.22 16.46 6.36
C THR B 422 20.24 15.48 5.81
N ALA B 423 19.76 14.30 5.45
CA ALA B 423 20.63 13.20 5.05
C ALA B 423 19.88 12.20 4.18
N ALA B 424 20.60 11.63 3.22
CA ALA B 424 20.01 10.75 2.22
C ALA B 424 19.64 9.38 2.76
N ALA B 425 18.46 8.90 2.37
CA ALA B 425 18.06 7.52 2.54
C ALA B 425 17.05 7.14 1.44
N PRO B 426 17.22 5.94 0.82
CA PRO B 426 16.40 5.46 -0.31
C PRO B 426 14.90 5.69 -0.10
N GLU B 427 14.41 5.33 1.09
CA GLU B 427 13.00 5.40 1.49
C GLU B 427 12.51 6.81 1.84
N LEU B 428 13.40 7.80 1.79
CA LEU B 428 13.04 9.19 2.09
C LEU B 428 12.95 10.02 0.82
N PRO B 429 11.73 10.52 0.49
CA PRO B 429 11.50 11.36 -0.69
C PRO B 429 12.33 12.64 -0.63
N PHE B 430 12.69 13.17 -1.80
CA PHE B 430 13.62 14.28 -1.87
C PHE B 430 13.20 15.31 -2.92
N GLY B 431 13.07 16.55 -2.46
CA GLY B 431 12.75 17.66 -3.34
C GLY B 431 12.59 18.92 -2.51
N GLY B 432 12.53 20.05 -3.21
CA GLY B 432 12.35 21.34 -2.54
C GLY B 432 11.20 22.12 -3.11
N ILE B 433 11.00 23.31 -2.58
CA ILE B 433 10.04 24.27 -3.13
C ILE B 433 10.78 25.59 -3.43
N LYS B 434 10.03 26.66 -3.72
CA LYS B 434 10.60 27.99 -4.05
C LYS B 434 11.62 27.93 -5.20
N ASN B 435 12.81 28.52 -5.02
CA ASN B 435 13.86 28.50 -6.07
C ASN B 435 14.78 27.26 -6.07
N SER B 436 14.44 26.29 -5.22
CA SER B 436 15.16 25.01 -5.13
C SER B 436 14.58 23.97 -6.12
N GLY B 437 13.56 24.40 -6.85
CA GLY B 437 12.97 23.59 -7.89
C GLY B 437 11.70 22.87 -7.45
N PHE B 438 11.47 21.70 -8.02
CA PHE B 438 10.21 20.99 -7.84
C PHE B 438 10.32 19.50 -8.09
N GLY B 439 9.32 18.74 -7.62
CA GLY B 439 9.28 17.29 -7.82
C GLY B 439 10.00 16.58 -6.69
N ARG B 440 9.70 15.29 -6.55
CA ARG B 440 10.32 14.41 -5.54
C ARG B 440 10.98 13.20 -6.19
N GLU B 441 12.26 12.99 -5.91
CA GLU B 441 12.83 11.66 -6.15
C GLU B 441 13.09 10.86 -4.88
N LEU B 442 13.61 9.63 -5.03
CA LEU B 442 13.68 8.63 -3.95
C LEU B 442 12.29 8.21 -3.45
N SER B 443 12.26 7.14 -2.64
CA SER B 443 11.02 6.44 -2.20
C SER B 443 10.11 6.00 -3.37
N PHE B 444 8.86 5.66 -3.05
CA PHE B 444 7.83 5.34 -4.07
C PHE B 444 7.51 6.53 -5.00
N LEU B 445 7.84 7.75 -4.58
CA LEU B 445 7.60 8.95 -5.37
C LEU B 445 8.57 9.15 -6.55
N GLY B 446 9.82 8.68 -6.38
CA GLY B 446 10.87 8.87 -7.39
C GLY B 446 10.65 8.07 -8.67
N ILE B 447 9.99 6.91 -8.51
CA ILE B 447 9.76 6.00 -9.63
C ILE B 447 8.56 6.44 -10.47
N GLU B 448 7.83 7.44 -10.00
CA GLU B 448 6.59 7.88 -10.62
C GLU B 448 6.73 9.12 -11.47
N GLU B 449 7.91 9.70 -11.51
CA GLU B 449 8.14 10.94 -12.25
C GLU B 449 8.00 10.75 -13.76
N PHE B 450 8.66 9.73 -14.30
CA PHE B 450 8.71 9.51 -15.74
C PHE B 450 8.04 8.22 -16.21
N ILE B 451 6.83 8.00 -15.74
CA ILE B 451 6.05 6.87 -16.21
C ILE B 451 4.76 7.40 -16.79
N ASN B 452 4.13 6.59 -17.62
CA ASN B 452 2.75 6.80 -18.00
C ASN B 452 1.84 6.16 -16.94
N ARG B 453 1.15 7.00 -16.18
CA ARG B 453 0.08 6.54 -15.31
C ARG B 453 -1.20 6.36 -16.13
N LYS B 454 -1.24 5.24 -16.84
CA LYS B 454 -2.32 4.99 -17.76
C LYS B 454 -3.56 4.54 -16.99
N LEU B 455 -4.66 5.25 -17.23
CA LEU B 455 -5.97 4.82 -16.79
C LEU B 455 -6.54 3.73 -17.73
N VAL B 456 -7.08 2.67 -17.15
CA VAL B 456 -7.79 1.64 -17.91
C VAL B 456 -9.13 1.48 -17.24
N ARG B 457 -10.17 1.81 -18.00
CA ARG B 457 -11.49 1.94 -17.46
C ARG B 457 -12.50 1.10 -18.27
N ILE B 458 -13.15 0.15 -17.57
CA ILE B 458 -14.24 -0.66 -18.12
C ILE B 458 -15.55 -0.16 -17.53
N GLY B 459 -16.36 0.50 -18.34
CA GLY B 459 -17.60 1.12 -17.88
C GLY B 459 -18.70 0.09 -17.63
N ILE C 5 5.20 -43.05 24.90
CA ILE C 5 6.12 -42.27 24.10
C ILE C 5 7.53 -42.54 24.62
N VAL C 6 8.47 -42.71 23.68
CA VAL C 6 9.85 -42.97 24.02
C VAL C 6 10.73 -42.03 23.23
N TYR C 7 11.37 -41.10 23.92
CA TYR C 7 12.40 -40.24 23.33
C TYR C 7 13.70 -41.03 23.19
N GLN C 8 14.04 -41.36 21.94
CA GLN C 8 15.26 -42.10 21.68
C GLN C 8 15.76 -41.91 20.27
N THR C 9 17.07 -42.08 20.13
CA THR C 9 17.69 -42.23 18.84
C THR C 9 17.69 -43.71 18.48
N LEU C 10 16.92 -44.08 17.47
CA LEU C 10 16.96 -45.39 16.87
C LEU C 10 17.41 -45.19 15.41
N ASN C 11 18.65 -45.55 15.13
CA ASN C 11 19.27 -45.40 13.84
C ASN C 11 18.53 -46.23 12.79
N PRO C 12 17.84 -45.58 11.83
CA PRO C 12 17.09 -46.34 10.84
C PRO C 12 17.94 -47.10 9.81
N THR C 13 19.25 -46.86 9.81
CA THR C 13 20.16 -47.57 8.94
C THR C 13 20.58 -48.91 9.56
N THR C 14 20.86 -48.89 10.86
CA THR C 14 21.34 -50.06 11.58
C THR C 14 20.23 -50.74 12.37
N GLU C 15 19.12 -50.02 12.54
CA GLU C 15 17.96 -50.45 13.34
C GLU C 15 18.31 -50.56 14.83
N THR C 16 19.34 -49.84 15.24
CA THR C 16 19.85 -49.85 16.60
C THR C 16 19.44 -48.63 17.44
N VAL C 17 18.82 -48.88 18.58
CA VAL C 17 18.63 -47.85 19.59
C VAL C 17 20.03 -47.45 20.06
N GLU C 18 20.41 -46.20 19.83
CA GLU C 18 21.74 -45.72 20.22
C GLU C 18 21.69 -44.98 21.54
N ARG C 19 20.61 -44.25 21.75
CA ARG C 19 20.54 -43.25 22.79
C ARG C 19 19.09 -43.10 23.32
N SER C 20 18.98 -43.00 24.64
CA SER C 20 17.70 -42.90 25.36
C SER C 20 17.64 -41.71 26.31
N PHE C 21 16.45 -41.09 26.36
CA PHE C 21 16.23 -39.89 27.14
C PHE C 21 14.96 -40.01 27.99
N ASP C 22 15.03 -39.48 29.20
CA ASP C 22 13.90 -39.46 30.09
C ASP C 22 13.01 -38.26 29.75
N LEU C 23 11.73 -38.41 30.04
CA LEU C 23 10.78 -37.32 30.01
C LEU C 23 11.17 -36.30 31.09
N HIS C 24 10.87 -35.03 30.84
CA HIS C 24 10.94 -34.06 31.91
C HIS C 24 9.83 -34.39 32.89
N THR C 25 10.14 -34.25 34.18
CA THR C 25 9.19 -34.53 35.23
C THR C 25 8.23 -33.34 35.31
N PRO C 26 7.08 -33.51 35.99
CA PRO C 26 6.22 -32.33 36.23
C PRO C 26 6.99 -31.12 36.80
N ALA C 27 7.90 -31.37 37.73
CA ALA C 27 8.68 -30.29 38.34
C ALA C 27 9.65 -29.65 37.34
N GLN C 28 10.14 -30.42 36.37
CA GLN C 28 11.06 -29.87 35.39
C GLN C 28 10.30 -29.04 34.33
N LYS C 30 7.46 -27.38 35.04
CA LYS C 30 7.21 -26.16 35.82
C LYS C 30 8.41 -25.22 35.79
N ASP C 31 9.58 -25.73 36.16
CA ASP C 31 10.80 -24.92 36.16
C ASP C 31 11.05 -24.26 34.80
N ILE C 32 10.86 -25.02 33.71
CA ILE C 32 11.08 -24.53 32.34
C ILE C 32 10.10 -23.42 31.93
N THR C 33 8.83 -23.59 32.31
CA THR C 33 7.79 -22.58 32.03
C THR C 33 8.04 -21.32 32.88
N ASP C 34 8.43 -21.50 34.15
CA ASP C 34 8.82 -20.40 35.05
C ASP C 34 10.04 -19.64 34.52
N ARG C 35 11.05 -20.39 34.09
CA ARG C 35 12.27 -19.87 33.48
C ARG C 35 11.94 -19.00 32.26
N ALA C 36 11.08 -19.52 31.38
CA ALA C 36 10.75 -18.87 30.12
C ALA C 36 9.98 -17.57 30.34
N GLU C 37 9.02 -17.62 31.25
CA GLU C 37 8.17 -16.46 31.58
C GLU C 37 9.00 -15.35 32.20
N HIS C 38 9.88 -15.70 33.13
CA HIS C 38 10.74 -14.74 33.79
C HIS C 38 11.71 -14.05 32.83
N VAL C 39 12.39 -14.85 32.02
CA VAL C 39 13.33 -14.34 31.04
C VAL C 39 12.63 -13.46 29.99
N TRP C 40 11.40 -13.82 29.63
CA TRP C 40 10.62 -13.08 28.65
C TRP C 40 10.33 -11.68 29.18
N LYS C 41 9.70 -11.64 30.36
CA LYS C 41 9.35 -10.44 31.10
C LYS C 41 10.51 -9.48 31.40
N THR C 42 11.62 -10.00 31.93
CA THR C 42 12.65 -9.13 32.51
C THR C 42 13.91 -8.98 31.64
N ASP C 43 13.87 -9.55 30.43
CA ASP C 43 15.06 -9.61 29.59
C ASP C 43 14.68 -9.62 28.12
N TRP C 44 14.25 -10.78 27.62
CA TRP C 44 14.10 -10.99 26.18
C TRP C 44 13.18 -9.99 25.48
N LYS C 45 11.99 -9.78 26.02
CA LYS C 45 11.04 -8.83 25.43
C LYS C 45 11.54 -7.38 25.48
N LEU C 46 12.48 -7.11 26.38
CA LEU C 46 13.00 -5.75 26.58
C LEU C 46 14.16 -5.37 25.66
N ARG C 47 14.86 -6.39 25.18
CA ARG C 47 15.98 -6.20 24.25
C ARG C 47 15.49 -5.59 22.95
N SER C 48 16.31 -4.73 22.36
CA SER C 48 16.06 -4.22 21.03
C SER C 48 16.15 -5.33 19.97
N ILE C 49 15.55 -5.04 18.81
CA ILE C 49 15.61 -5.92 17.66
C ILE C 49 17.06 -6.17 17.25
N ALA C 50 17.88 -5.13 17.29
CA ALA C 50 19.30 -5.22 16.98
C ALA C 50 20.06 -6.18 17.91
N GLN C 51 19.66 -6.21 19.18
CA GLN C 51 20.30 -7.08 20.15
C GLN C 51 19.89 -8.55 19.92
N ARG C 52 18.60 -8.76 19.69
CA ARG C 52 18.09 -10.07 19.29
C ARG C 52 18.74 -10.53 17.98
N LYS C 53 18.86 -9.62 17.02
CA LYS C 53 19.46 -9.93 15.73
C LYS C 53 20.85 -10.50 15.93
N GLU C 54 21.67 -9.80 16.73
CA GLU C 54 23.02 -10.25 17.06
C GLU C 54 23.04 -11.76 17.39
N ILE C 55 22.13 -12.17 18.25
CA ILE C 55 22.03 -13.56 18.70
C ILE C 55 21.53 -14.51 17.61
N VAL C 56 20.39 -14.20 17.01
CA VAL C 56 19.77 -15.07 16.02
C VAL C 56 20.66 -15.20 14.79
N SER C 57 21.36 -14.12 14.45
CA SER C 57 22.31 -14.10 13.37
C SER C 57 23.56 -14.97 13.67
N ARG C 58 24.10 -14.85 14.88
CA ARG C 58 25.17 -15.73 15.35
C ARG C 58 24.76 -17.22 15.35
N ALA C 59 23.50 -17.49 15.70
CA ALA C 59 22.91 -18.85 15.59
C ALA C 59 23.00 -19.42 14.16
N ALA C 60 22.71 -18.57 13.17
CA ALA C 60 22.85 -18.92 11.76
C ALA C 60 24.31 -19.20 11.42
N ASP C 61 25.20 -18.29 11.83
CA ASP C 61 26.66 -18.44 11.75
C ASP C 61 27.17 -19.76 12.32
N LEU C 62 26.75 -20.11 13.54
CA LEU C 62 27.16 -21.39 14.17
C LEU C 62 26.69 -22.63 13.38
N LEU C 63 25.46 -22.57 12.85
CA LEU C 63 24.91 -23.60 11.96
C LEU C 63 25.76 -23.87 10.72
N ARG C 64 26.07 -22.81 9.99
CA ARG C 64 26.89 -22.95 8.80
C ARG C 64 28.31 -23.41 9.15
N ARG C 65 28.85 -22.92 10.26
CA ARG C 65 30.20 -23.34 10.68
C ARG C 65 30.22 -24.85 10.95
N ASP C 66 29.20 -25.33 11.65
CA ASP C 66 29.17 -26.74 12.06
C ASP C 66 28.17 -27.55 11.20
N ARG C 67 28.01 -27.19 9.92
CA ARG C 67 26.99 -27.84 9.08
C ARG C 67 27.12 -29.35 9.03
N GLN C 68 28.34 -29.86 8.93
CA GLN C 68 28.56 -31.29 8.81
C GLN C 68 28.07 -32.02 10.04
N HIS C 69 28.36 -31.46 11.21
CA HIS C 69 27.90 -32.02 12.45
C HIS C 69 26.37 -32.05 12.56
N HIS C 70 25.71 -30.94 12.25
CA HIS C 70 24.26 -30.90 12.38
C HIS C 70 23.56 -31.79 11.33
N ALA C 71 24.10 -31.79 10.12
CA ALA C 71 23.60 -32.66 9.05
C ALA C 71 23.71 -34.13 9.42
N SER C 72 24.83 -34.53 10.04
CA SER C 72 25.03 -35.91 10.46
C SER C 72 24.02 -36.40 11.51
N LEU C 73 23.58 -35.51 12.39
CA LEU C 73 22.58 -35.87 13.39
C LEU C 73 21.24 -36.12 12.74
N ILE C 74 20.89 -35.32 11.73
CA ILE C 74 19.69 -35.56 10.96
C ILE C 74 19.77 -36.94 10.30
N ALA C 75 20.87 -37.21 9.58
CA ALA C 75 21.06 -38.50 8.88
C ALA C 75 21.02 -39.68 9.86
N THR C 76 21.56 -39.48 11.06
CA THR C 76 21.68 -40.54 12.03
C THR C 76 20.34 -40.91 12.68
N GLU C 77 19.53 -39.90 13.00
CA GLU C 77 18.31 -40.17 13.74
C GLU C 77 17.11 -40.55 12.86
N GLY C 79 17.55 -40.83 8.98
CA GLY C 79 17.99 -41.50 7.74
C GLY C 79 18.18 -40.67 6.49
N LYS C 80 18.06 -39.36 6.61
CA LYS C 80 18.08 -38.48 5.44
C LYS C 80 19.47 -38.45 4.82
N ALA C 81 19.55 -38.74 3.52
CA ALA C 81 20.83 -38.78 2.83
C ALA C 81 21.54 -37.47 3.08
N LEU C 82 22.83 -37.55 3.40
CA LEU C 82 23.64 -36.39 3.71
C LEU C 82 23.46 -35.16 2.80
N PRO C 83 23.40 -35.33 1.46
CA PRO C 83 23.17 -34.10 0.66
C PRO C 83 21.89 -33.35 1.03
N ASP C 84 20.79 -34.08 1.24
CA ASP C 84 19.54 -33.49 1.67
C ASP C 84 19.67 -32.91 3.08
N ALA C 85 20.43 -33.61 3.94
CA ALA C 85 20.64 -33.13 5.31
C ALA C 85 21.40 -31.81 5.28
N LEU C 86 22.37 -31.69 4.38
CA LEU C 86 23.18 -30.49 4.25
C LEU C 86 22.41 -29.29 3.67
N GLU C 87 21.65 -29.51 2.60
CA GLU C 87 20.69 -28.52 2.10
C GLU C 87 19.66 -28.07 3.15
N GLU C 88 19.23 -28.98 4.04
CA GLU C 88 18.33 -28.60 5.11
C GLU C 88 18.97 -27.62 6.09
N ILE C 89 20.20 -27.92 6.50
CA ILE C 89 20.95 -27.09 7.43
C ILE C 89 21.24 -25.73 6.82
N ASP C 90 21.51 -25.70 5.51
CA ASP C 90 21.83 -24.46 4.83
C ASP C 90 20.62 -23.54 4.80
N VAL C 91 19.45 -24.11 4.51
CA VAL C 91 18.20 -23.35 4.48
C VAL C 91 17.70 -22.98 5.87
N THR C 92 17.99 -23.83 6.86
CA THR C 92 17.68 -23.54 8.26
C THR C 92 18.46 -22.31 8.76
N ALA C 93 19.73 -22.20 8.37
CA ALA C 93 20.57 -21.01 8.66
C ALA C 93 20.09 -19.75 7.92
N ASP C 94 19.72 -19.93 6.66
CA ASP C 94 19.13 -18.87 5.86
C ASP C 94 17.79 -18.37 6.40
N ILE C 95 17.02 -19.24 7.07
CA ILE C 95 15.76 -18.84 7.73
C ILE C 95 16.07 -17.90 8.89
N LEU C 96 17.03 -18.31 9.70
CA LEU C 96 17.49 -17.52 10.84
C LEU C 96 18.09 -16.20 10.37
N SER C 97 18.94 -16.23 9.35
CA SER C 97 19.47 -15.00 8.77
C SER C 97 18.34 -14.10 8.25
N PHE C 98 17.35 -14.70 7.58
CA PHE C 98 16.20 -13.97 7.02
C PHE C 98 15.47 -13.14 8.08
N TYR C 99 15.14 -13.80 9.20
CA TYR C 99 14.44 -13.13 10.27
C TYR C 99 15.32 -12.21 11.08
N ALA C 100 16.58 -12.57 11.30
CA ALA C 100 17.53 -11.67 11.94
C ALA C 100 17.68 -10.38 11.14
N ASN C 101 17.88 -10.49 9.83
CA ASN C 101 18.13 -9.32 8.97
C ASN C 101 16.87 -8.49 8.66
N GLY C 102 15.73 -9.14 8.55
CA GLY C 102 14.49 -8.47 8.16
C GLY C 102 13.57 -7.96 9.26
N ALA C 103 13.80 -8.38 10.50
CA ALA C 103 12.85 -8.10 11.59
C ALA C 103 12.61 -6.62 11.91
N GLU C 104 13.61 -5.78 11.69
CA GLU C 104 13.44 -4.33 11.80
C GLU C 104 12.33 -3.81 10.87
N GLU C 105 12.39 -4.20 9.60
CA GLU C 105 11.36 -3.88 8.62
C GLU C 105 10.02 -4.61 8.87
N PHE C 106 10.06 -5.90 9.15
CA PHE C 106 8.83 -6.71 9.34
C PHE C 106 7.99 -6.23 10.54
N LEU C 107 8.66 -5.76 11.58
CA LEU C 107 8.02 -5.44 12.86
C LEU C 107 7.86 -3.95 13.14
N ALA C 108 8.37 -3.11 12.25
CA ALA C 108 8.24 -1.66 12.38
C ALA C 108 6.77 -1.29 12.48
N PRO C 109 6.47 -0.24 13.26
CA PRO C 109 5.10 0.26 13.35
C PRO C 109 4.50 0.49 11.96
N THR C 110 3.23 0.10 11.79
CA THR C 110 2.47 0.43 10.58
C THR C 110 1.55 1.63 10.85
N PRO C 111 1.99 2.83 10.44
CA PRO C 111 1.14 4.01 10.59
C PRO C 111 -0.01 3.95 9.60
N LEU C 112 -1.15 4.48 9.99
CA LEU C 112 -2.35 4.42 9.16
C LEU C 112 -2.76 5.85 8.83
N LYS C 113 -2.97 6.14 7.54
CA LYS C 113 -3.51 7.43 7.15
C LYS C 113 -4.96 7.48 7.61
N VAL C 114 -5.28 8.50 8.41
CA VAL C 114 -6.63 8.69 8.93
C VAL C 114 -7.00 10.16 8.76
N LYS C 115 -8.30 10.43 8.63
CA LYS C 115 -8.82 11.78 8.43
C LYS C 115 -8.51 12.67 9.62
N THR C 116 -8.50 12.05 10.79
CA THR C 116 -8.50 12.76 12.06
C THR C 116 -7.53 12.08 13.02
N GLY C 117 -6.70 12.89 13.67
CA GLY C 117 -5.69 12.41 14.60
C GLY C 117 -4.67 11.50 13.93
N GLN C 118 -4.19 10.53 14.69
CA GLN C 118 -3.18 9.59 14.23
C GLN C 118 -3.53 8.20 14.69
N ALA C 119 -3.01 7.23 13.96
CA ALA C 119 -3.28 5.84 14.22
C ALA C 119 -2.07 5.05 13.75
N LYS C 120 -1.72 4.02 14.50
CA LYS C 120 -0.68 3.13 14.08
C LYS C 120 -0.90 1.77 14.73
N ILE C 121 -0.13 0.80 14.26
CA ILE C 121 -0.18 -0.54 14.77
C ILE C 121 1.22 -0.90 15.22
N ILE C 122 1.38 -1.12 16.52
CA ILE C 122 2.64 -1.54 17.10
C ILE C 122 2.65 -3.06 17.17
N ASN C 123 3.77 -3.64 16.79
CA ASN C 123 3.93 -5.06 16.80
C ASN C 123 4.68 -5.51 18.05
N GLN C 124 3.95 -6.14 18.96
CA GLN C 124 4.46 -6.47 20.28
C GLN C 124 4.38 -7.99 20.57
N PRO C 125 5.39 -8.54 21.26
CA PRO C 125 5.39 -10.00 21.50
C PRO C 125 4.23 -10.41 22.43
N LEU C 126 3.89 -11.70 22.40
CA LEU C 126 2.81 -12.20 23.26
C LEU C 126 3.29 -12.85 24.56
N GLY C 127 4.46 -13.49 24.50
CA GLY C 127 4.92 -14.33 25.60
C GLY C 127 5.50 -15.65 25.13
N ILE C 128 5.20 -16.72 25.87
CA ILE C 128 5.70 -18.05 25.54
C ILE C 128 4.90 -18.69 24.40
N ILE C 129 5.61 -19.12 23.37
CA ILE C 129 5.02 -19.88 22.29
C ILE C 129 5.45 -21.33 22.39
N TYR C 130 4.48 -22.22 22.30
CA TYR C 130 4.72 -23.64 22.41
C TYR C 130 4.65 -24.24 21.01
N CYS C 131 5.75 -24.86 20.60
CA CYS C 131 5.93 -25.44 19.26
C CYS C 131 6.00 -26.97 19.26
N ILE C 132 5.30 -27.57 18.32
CA ILE C 132 5.24 -29.03 18.24
C ILE C 132 5.64 -29.42 16.82
N GLU C 133 6.81 -30.05 16.73
CA GLU C 133 7.47 -30.18 15.46
C GLU C 133 7.69 -31.64 15.06
N PRO C 134 7.73 -31.93 13.74
CA PRO C 134 7.84 -33.29 13.22
C PRO C 134 9.29 -33.70 12.93
N TRP C 135 9.51 -35.00 12.67
CA TRP C 135 10.88 -35.51 12.42
C TRP C 135 11.44 -35.35 11.00
N ASN C 136 10.64 -34.96 10.02
CA ASN C 136 11.09 -35.05 8.63
C ASN C 136 12.07 -33.97 8.25
N PHE C 137 11.92 -32.81 8.87
CA PHE C 137 12.88 -31.73 8.73
C PHE C 137 13.17 -31.20 10.14
N PRO C 138 14.02 -31.92 10.91
CA PRO C 138 14.07 -31.62 12.33
C PRO C 138 14.71 -30.26 12.65
N TYR C 139 15.48 -29.69 11.73
CA TYR C 139 16.08 -28.37 11.97
C TYR C 139 15.25 -27.26 11.35
N TYR C 140 14.86 -27.45 10.10
CA TYR C 140 14.13 -26.45 9.35
C TYR C 140 12.79 -26.16 10.01
N GLN C 141 12.16 -27.18 10.57
CA GLN C 141 10.90 -26.99 11.28
C GLN C 141 11.03 -26.15 12.56
N LEU C 142 12.17 -26.24 13.23
CA LEU C 142 12.37 -25.46 14.45
C LEU C 142 12.72 -24.04 14.08
N ALA C 143 13.55 -23.86 13.05
CA ALA C 143 13.97 -22.52 12.67
C ALA C 143 12.76 -21.74 12.18
N ARG C 144 11.88 -22.41 11.47
CA ARG C 144 10.69 -21.80 10.91
C ARG C 144 9.83 -21.15 11.99
N VAL C 145 9.82 -21.72 13.19
CA VAL C 145 9.05 -21.17 14.31
C VAL C 145 9.92 -20.26 15.16
N ALA C 146 11.13 -20.74 15.52
CA ALA C 146 12.02 -20.04 16.43
C ALA C 146 12.55 -18.76 15.84
N GLY C 147 12.98 -18.79 14.59
CA GLY C 147 13.51 -17.57 13.94
C GLY C 147 12.59 -16.35 14.07
N PRO C 148 11.39 -16.43 13.47
CA PRO C 148 10.48 -15.28 13.49
C PRO C 148 10.04 -14.91 14.91
N ASN C 149 9.73 -15.91 15.73
CA ASN C 149 9.26 -15.67 17.10
C ASN C 149 10.26 -15.04 18.06
N LEU C 150 11.47 -15.59 18.11
CA LEU C 150 12.51 -14.99 18.94
C LEU C 150 12.81 -13.54 18.53
N ALA C 152 10.75 -11.56 17.18
CA ALA C 152 9.58 -10.79 17.60
C ALA C 152 9.57 -10.44 19.08
N GLY C 153 10.46 -11.08 19.85
CA GLY C 153 10.47 -10.87 21.31
C GLY C 153 9.69 -11.92 22.11
N ASN C 154 9.23 -12.97 21.44
CA ASN C 154 8.66 -14.12 22.13
C ASN C 154 9.77 -15.02 22.61
N VAL C 155 9.43 -15.94 23.50
CA VAL C 155 10.32 -17.03 23.92
C VAL C 155 9.66 -18.34 23.48
N VAL C 156 10.44 -19.40 23.39
CA VAL C 156 9.94 -20.61 22.78
C VAL C 156 10.18 -21.80 23.69
N ILE C 157 9.14 -22.64 23.78
CA ILE C 157 9.27 -23.98 24.29
C ILE C 157 8.90 -24.92 23.16
N ALA C 158 9.85 -25.80 22.81
CA ALA C 158 9.70 -26.70 21.66
C ALA C 158 9.65 -28.15 22.09
N LYS C 159 8.60 -28.84 21.66
CA LYS C 159 8.50 -30.28 21.83
C LYS C 159 8.67 -30.93 20.47
N HIS C 160 9.72 -31.73 20.35
CA HIS C 160 10.05 -32.33 19.09
C HIS C 160 9.54 -33.76 18.99
N ALA C 161 9.49 -34.31 17.78
CA ALA C 161 9.11 -35.70 17.59
C ALA C 161 10.14 -36.51 18.39
N PRO C 162 9.67 -37.60 19.05
CA PRO C 162 10.48 -38.39 19.97
C PRO C 162 11.61 -39.20 19.33
N ASN C 163 11.61 -39.29 18.00
CA ASN C 163 12.71 -39.95 17.27
C ASN C 163 13.85 -39.01 16.81
N VAL C 164 13.71 -37.69 17.04
CA VAL C 164 14.86 -36.77 16.80
C VAL C 164 15.39 -36.02 18.07
N PRO C 165 15.54 -36.73 19.21
CA PRO C 165 15.86 -36.00 20.48
C PRO C 165 17.20 -35.28 20.46
N GLN C 166 18.20 -35.83 19.76
CA GLN C 166 19.53 -35.21 19.65
C GLN C 166 19.52 -33.99 18.72
N CYS C 167 18.68 -34.04 17.68
CA CYS C 167 18.49 -32.83 16.85
C CYS C 167 17.84 -31.74 17.68
N ALA C 168 16.90 -32.13 18.55
CA ALA C 168 16.20 -31.19 19.42
C ALA C 168 17.17 -30.50 20.37
N LEU C 169 18.00 -31.31 21.03
CA LEU C 169 18.98 -30.83 22.01
C LEU C 169 20.10 -29.98 21.37
N ALA C 170 20.50 -30.35 20.16
CA ALA C 170 21.47 -29.57 19.39
C ALA C 170 20.90 -28.20 19.01
N PHE C 171 19.63 -28.17 18.61
CA PHE C 171 19.01 -26.90 18.29
C PHE C 171 18.90 -25.99 19.51
N GLU C 172 18.50 -26.53 20.66
CA GLU C 172 18.56 -25.77 21.92
C GLU C 172 19.98 -25.28 22.25
N LYS C 173 20.99 -26.17 22.14
CA LYS C 173 22.40 -25.84 22.40
C LYS C 173 22.93 -24.73 21.49
N LEU C 174 22.53 -24.77 20.21
CA LEU C 174 22.89 -23.73 19.23
C LEU C 174 22.56 -22.33 19.73
N PHE C 175 21.36 -22.15 20.26
CA PHE C 175 20.96 -20.86 20.80
C PHE C 175 21.66 -20.48 22.08
N HIS C 176 21.98 -21.47 22.91
CA HIS C 176 22.79 -21.30 24.10
C HIS C 176 24.23 -20.87 23.71
N ASP C 177 24.81 -21.53 22.72
CA ASP C 177 26.10 -21.16 22.19
C ASP C 177 26.08 -19.81 21.45
N ALA C 178 24.94 -19.43 20.89
CA ALA C 178 24.78 -18.14 20.20
C ALA C 178 24.64 -16.91 21.14
N GLY C 179 24.39 -17.14 22.42
CA GLY C 179 24.38 -16.05 23.38
C GLY C 179 23.03 -15.83 24.03
N ALA C 180 22.00 -16.47 23.45
CA ALA C 180 20.63 -16.41 23.96
C ALA C 180 20.62 -16.80 25.43
N PRO C 181 19.91 -16.02 26.26
CA PRO C 181 19.83 -16.35 27.68
C PRO C 181 18.99 -17.62 27.90
N VAL C 182 19.29 -18.35 28.96
CA VAL C 182 18.57 -19.57 29.32
C VAL C 182 17.11 -19.20 29.54
N GLY C 183 16.21 -19.88 28.84
CA GLY C 183 14.79 -19.55 28.88
C GLY C 183 14.24 -18.89 27.62
N ALA C 184 15.11 -18.33 26.78
CA ALA C 184 14.67 -17.76 25.50
C ALA C 184 14.17 -18.88 24.59
N TYR C 185 14.90 -19.99 24.58
CA TYR C 185 14.57 -21.12 23.73
C TYR C 185 14.91 -22.42 24.47
N ALA C 186 13.91 -23.29 24.58
CA ALA C 186 14.06 -24.54 25.34
C ALA C 186 13.35 -25.73 24.69
N ASN C 187 14.04 -26.86 24.70
CA ASN C 187 13.52 -28.17 24.34
C ASN C 187 12.76 -28.72 25.54
N ILE C 188 11.73 -29.52 25.29
CA ILE C 188 11.08 -30.25 26.36
C ILE C 188 10.68 -31.68 25.90
N PHE C 189 10.88 -32.68 26.77
CA PHE C 189 10.45 -34.04 26.47
C PHE C 189 9.22 -34.33 27.29
N LEU C 190 8.08 -34.45 26.62
CA LEU C 190 6.78 -34.54 27.26
C LEU C 190 6.01 -35.69 26.69
N ASP C 191 5.24 -36.37 27.55
CA ASP C 191 4.20 -37.26 27.04
C ASP C 191 2.93 -36.47 26.67
N ASN C 192 1.94 -37.14 26.10
CA ASN C 192 0.78 -36.47 25.55
C ASN C 192 -0.07 -35.75 26.62
N ASP C 193 -0.21 -36.36 27.78
CA ASP C 193 -0.94 -35.78 28.91
C ASP C 193 -0.28 -34.50 29.45
N GLN C 194 1.05 -34.53 29.57
CA GLN C 194 1.82 -33.37 30.00
C GLN C 194 1.72 -32.22 28.98
N SER C 195 1.78 -32.58 27.70
CA SER C 195 1.58 -31.63 26.62
C SER C 195 0.22 -30.92 26.70
N ALA C 196 -0.82 -31.65 27.10
CA ALA C 196 -2.16 -31.09 27.27
C ALA C 196 -2.22 -30.10 28.44
N GLU C 197 -1.53 -30.43 29.54
CA GLU C 197 -1.40 -29.53 30.68
C GLU C 197 -0.60 -28.25 30.35
N LEU C 198 0.42 -28.38 29.50
CA LEU C 198 1.18 -27.21 29.06
C LEU C 198 0.33 -26.25 28.23
N ILE C 199 -0.51 -26.80 27.37
CA ILE C 199 -1.40 -25.97 26.56
C ILE C 199 -2.40 -25.19 27.42
N LYS C 200 -2.88 -25.79 28.52
CA LYS C 200 -3.83 -25.14 29.45
C LYS C 200 -3.18 -24.06 30.32
N ASP C 201 -1.85 -24.09 30.44
CA ASP C 201 -1.09 -23.14 31.24
C ASP C 201 -1.28 -21.74 30.64
N GLU C 202 -1.88 -20.82 31.42
CA GLU C 202 -2.24 -19.47 30.95
C GLU C 202 -1.06 -18.68 30.37
N ARG C 203 0.17 -19.08 30.71
CA ARG C 203 1.40 -18.40 30.31
C ARG C 203 1.81 -18.72 28.87
N ILE C 204 1.29 -19.83 28.35
CA ILE C 204 1.50 -20.24 26.96
C ILE C 204 0.51 -19.45 26.12
N ARG C 205 1.03 -18.60 25.25
CA ARG C 205 0.15 -17.66 24.59
C ARG C 205 -0.14 -18.03 23.15
N GLY C 206 0.51 -19.08 22.66
CA GLY C 206 0.23 -19.56 21.32
C GLY C 206 0.77 -20.97 21.14
N VAL C 207 0.11 -21.72 20.25
CA VAL C 207 0.51 -23.08 19.89
C VAL C 207 0.78 -23.19 18.38
N ALA C 208 2.00 -23.56 17.99
CA ALA C 208 2.35 -23.86 16.59
C ALA C 208 2.61 -25.34 16.45
N LEU C 209 1.86 -25.98 15.56
CA LEU C 209 2.05 -27.39 15.29
C LEU C 209 2.25 -27.60 13.78
N THR C 210 3.17 -28.51 13.49
CA THR C 210 3.35 -29.12 12.19
C THR C 210 3.37 -30.62 12.48
N GLY C 211 2.50 -31.37 11.80
CA GLY C 211 2.42 -32.81 12.02
C GLY C 211 1.23 -33.48 11.37
N SER C 212 0.74 -34.55 11.99
CA SER C 212 -0.33 -35.35 11.42
C SER C 212 -1.71 -34.74 11.65
N GLU C 213 -2.70 -35.27 10.93
CA GLU C 213 -4.09 -34.89 11.07
C GLU C 213 -4.56 -35.13 12.49
N ARG C 214 -4.27 -36.32 13.01
CA ARG C 214 -4.75 -36.71 14.32
C ARG C 214 -4.17 -35.86 15.44
N ALA C 215 -2.86 -35.66 15.41
CA ALA C 215 -2.19 -34.68 16.27
C ALA C 215 -2.89 -33.31 16.19
N GLY C 216 -3.00 -32.80 14.95
CA GLY C 216 -3.68 -31.53 14.67
C GLY C 216 -5.04 -31.35 15.32
N GLN C 217 -5.94 -32.32 15.10
CA GLN C 217 -7.28 -32.35 15.73
C GLN C 217 -7.21 -32.27 17.26
N ALA C 218 -6.36 -33.08 17.87
CA ALA C 218 -6.23 -33.14 19.33
C ALA C 218 -5.75 -31.78 19.90
N VAL C 219 -4.64 -31.30 19.35
CA VAL C 219 -3.97 -30.07 19.77
C VAL C 219 -4.78 -28.79 19.47
N ALA C 220 -5.42 -28.72 18.30
CA ALA C 220 -6.28 -27.57 17.95
C ALA C 220 -7.53 -27.43 18.83
N ALA C 221 -8.11 -28.57 19.25
CA ALA C 221 -9.23 -28.56 20.19
C ALA C 221 -8.81 -28.13 21.60
N GLN C 222 -7.64 -28.61 22.05
CA GLN C 222 -7.00 -28.22 23.31
C GLN C 222 -6.67 -26.71 23.36
N ALA C 223 -6.17 -26.17 22.25
CA ALA C 223 -5.83 -24.73 22.15
C ALA C 223 -7.10 -23.89 22.09
N GLY C 224 -8.09 -24.40 21.37
CA GLY C 224 -9.38 -23.75 21.27
C GLY C 224 -10.00 -23.59 22.63
N ALA C 225 -10.11 -24.71 23.34
CA ALA C 225 -10.70 -24.74 24.67
C ALA C 225 -9.97 -23.81 25.65
N ALA C 226 -8.64 -23.72 25.51
CA ALA C 226 -7.81 -22.84 26.35
C ALA C 226 -7.73 -21.42 25.79
N LEU C 227 -8.42 -21.20 24.65
CA LEU C 227 -8.55 -19.86 24.06
C LEU C 227 -7.20 -19.25 23.68
N LYS C 228 -6.35 -20.06 23.04
CA LYS C 228 -5.05 -19.64 22.49
C LYS C 228 -5.12 -19.55 20.98
N LYS C 229 -4.36 -18.62 20.41
CA LYS C 229 -4.06 -18.65 18.98
C LYS C 229 -3.24 -19.90 18.69
N ASP C 230 -3.50 -20.50 17.53
CA ASP C 230 -2.65 -21.58 17.03
C ASP C 230 -2.48 -21.49 15.52
N THR C 231 -1.49 -22.23 15.03
CA THR C 231 -1.32 -22.47 13.61
C THR C 231 -1.18 -23.99 13.46
N GLU C 233 0.00 -26.81 10.57
CA GLU C 233 0.57 -27.16 9.28
C GLU C 233 0.50 -28.67 9.26
N LEU C 234 -0.45 -29.19 8.50
CA LEU C 234 -0.73 -30.62 8.53
C LEU C 234 -0.38 -31.21 7.17
N GLY C 235 -0.74 -32.46 6.93
CA GLY C 235 -0.31 -33.16 5.71
C GLY C 235 -0.81 -32.56 4.41
N GLY C 236 -0.37 -33.13 3.29
CA GLY C 236 -0.92 -32.77 1.99
C GLY C 236 -0.97 -33.98 1.09
N SER C 237 -1.74 -33.89 0.00
CA SER C 237 -1.56 -34.82 -1.11
C SER C 237 -1.45 -34.01 -2.40
N ASP C 238 -0.38 -33.23 -2.49
CA ASP C 238 -0.24 -32.25 -3.57
C ASP C 238 -0.34 -32.81 -4.99
N ALA C 239 -1.08 -32.10 -5.83
CA ALA C 239 -1.13 -32.36 -7.27
C ALA C 239 0.15 -31.88 -7.92
N PHE C 240 0.66 -32.68 -8.84
CA PHE C 240 1.79 -32.31 -9.66
C PHE C 240 1.26 -32.40 -11.08
N ILE C 241 0.91 -31.26 -11.65
CA ILE C 241 0.16 -31.25 -12.89
C ILE C 241 1.07 -31.05 -14.12
N VAL C 242 0.92 -31.95 -15.09
CA VAL C 242 1.72 -31.94 -16.30
C VAL C 242 0.78 -31.80 -17.51
N LEU C 243 0.68 -30.58 -18.03
CA LEU C 243 -0.17 -30.26 -19.18
C LEU C 243 0.40 -30.86 -20.46
N ASP C 244 -0.38 -30.85 -21.54
CA ASP C 244 0.02 -31.48 -22.80
C ASP C 244 1.18 -30.76 -23.47
N ASP C 245 1.42 -29.50 -23.05
CA ASP C 245 2.47 -28.69 -23.66
C ASP C 245 3.67 -28.47 -22.74
N ALA C 246 3.77 -29.29 -21.70
CA ALA C 246 4.87 -29.19 -20.74
C ALA C 246 6.19 -29.61 -21.36
N ASP C 247 7.27 -28.96 -20.91
CA ASP C 247 8.62 -29.45 -21.13
C ASP C 247 8.71 -30.77 -20.37
N LEU C 248 8.63 -31.88 -21.11
CA LEU C 248 8.54 -33.22 -20.52
C LEU C 248 9.78 -33.62 -19.74
N ASP C 249 10.95 -33.20 -20.21
CA ASP C 249 12.21 -33.55 -19.55
C ASP C 249 12.41 -32.85 -18.21
N LEU C 250 11.86 -31.66 -18.11
CA LEU C 250 11.93 -30.84 -16.93
C LEU C 250 10.88 -31.34 -15.91
N ALA C 251 9.68 -31.61 -16.43
CA ALA C 251 8.61 -32.20 -15.65
C ALA C 251 9.06 -33.50 -14.97
N VAL C 252 9.66 -34.42 -15.73
CA VAL C 252 10.16 -35.68 -15.16
C VAL C 252 11.16 -35.40 -14.00
N LYS C 253 12.18 -34.59 -14.29
CA LYS C 253 13.24 -34.23 -13.32
C LYS C 253 12.71 -33.67 -12.01
N TRP C 254 11.78 -32.72 -12.10
CA TRP C 254 11.19 -32.13 -10.90
C TRP C 254 10.23 -33.08 -10.19
N ALA C 255 9.52 -33.89 -10.98
CA ALA C 255 8.63 -34.92 -10.42
C ALA C 255 9.42 -35.91 -9.57
N VAL C 256 10.53 -36.37 -10.11
CA VAL C 256 11.46 -37.24 -9.37
C VAL C 256 11.93 -36.60 -8.07
N TRP C 257 12.39 -35.35 -8.11
CA TRP C 257 12.76 -34.66 -6.90
C TRP C 257 11.53 -34.44 -5.99
N GLY C 258 10.42 -34.03 -6.58
CA GLY C 258 9.21 -33.65 -5.84
C GLY C 258 8.70 -34.77 -4.96
N ARG C 259 8.69 -35.97 -5.55
CA ARG C 259 8.17 -37.15 -4.88
C ARG C 259 9.20 -37.85 -4.04
N PHE C 260 10.44 -37.88 -4.51
CA PHE C 260 11.41 -38.81 -3.93
C PHE C 260 12.47 -38.23 -3.01
N ALA C 261 12.69 -36.91 -3.06
CA ALA C 261 13.60 -36.25 -2.12
C ALA C 261 13.12 -36.51 -0.70
N ASN C 262 14.04 -36.87 0.19
CA ASN C 262 13.71 -37.28 1.57
C ASN C 262 12.77 -38.49 1.62
N ASN C 263 12.86 -39.33 0.59
CA ASN C 263 12.02 -40.53 0.42
C ASN C 263 10.51 -40.26 0.40
N GLY C 264 10.11 -39.09 -0.08
CA GLY C 264 8.71 -38.66 -0.09
C GLY C 264 8.10 -38.36 1.26
N GLN C 265 8.95 -38.27 2.30
CA GLN C 265 8.52 -37.97 3.67
C GLN C 265 8.41 -36.46 3.85
N VAL C 266 7.56 -35.85 3.05
CA VAL C 266 7.49 -34.40 2.88
C VAL C 266 6.03 -34.06 2.68
N CYS C 267 5.54 -33.04 3.39
CA CYS C 267 4.12 -32.71 3.33
C CYS C 267 3.79 -32.15 1.96
N THR C 268 4.78 -31.49 1.34
CA THR C 268 4.61 -30.90 0.02
C THR C 268 5.20 -31.77 -1.09
N ALA C 269 5.37 -33.07 -0.81
CA ALA C 269 5.80 -34.02 -1.85
C ALA C 269 4.81 -34.01 -3.04
N ALA C 270 5.29 -34.40 -4.21
CA ALA C 270 4.42 -34.51 -5.37
C ALA C 270 3.73 -35.86 -5.31
N LYS C 271 2.63 -35.92 -4.55
CA LYS C 271 2.00 -37.18 -4.22
C LYS C 271 1.01 -37.66 -5.30
N ARG C 272 0.42 -36.72 -6.03
CA ARG C 272 -0.54 -37.07 -7.06
C ARG C 272 -0.15 -36.47 -8.41
N ILE C 274 -0.62 -35.77 -12.07
CA ILE C 274 -1.79 -35.65 -12.92
C ILE C 274 -1.30 -35.23 -14.31
N VAL C 275 -1.39 -36.16 -15.26
CA VAL C 275 -0.65 -36.03 -16.51
C VAL C 275 -1.60 -36.17 -17.70
N HIS C 276 -1.53 -35.19 -18.61
CA HIS C 276 -2.35 -35.18 -19.81
C HIS C 276 -2.06 -36.40 -20.69
N GLU C 277 -3.14 -37.09 -21.10
CA GLU C 277 -3.10 -38.23 -22.02
C GLU C 277 -2.00 -38.15 -23.06
N LYS C 278 -1.92 -36.99 -23.71
CA LYS C 278 -1.02 -36.73 -24.83
C LYS C 278 0.45 -36.90 -24.49
N VAL C 279 0.80 -36.70 -23.22
CA VAL C 279 2.19 -36.84 -22.77
C VAL C 279 2.39 -37.96 -21.73
N TYR C 280 1.28 -38.58 -21.31
CA TYR C 280 1.26 -39.59 -20.24
C TYR C 280 2.25 -40.72 -20.43
N ASP C 281 2.33 -41.25 -21.65
CA ASP C 281 3.18 -42.40 -21.97
C ASP C 281 4.68 -42.13 -21.80
N ALA C 282 5.14 -40.99 -22.32
CA ALA C 282 6.55 -40.60 -22.27
C ALA C 282 7.00 -40.13 -20.89
N PHE C 283 6.08 -39.52 -20.14
CA PHE C 283 6.35 -39.12 -18.75
C PHE C 283 6.59 -40.34 -17.89
N LEU C 284 5.72 -41.34 -18.03
CA LEU C 284 5.78 -42.55 -17.21
C LEU C 284 7.08 -43.32 -17.46
N ASP C 285 7.44 -43.42 -18.74
CA ASP C 285 8.71 -43.97 -19.20
C ASP C 285 9.88 -43.20 -18.60
N GLY C 286 9.85 -41.88 -18.72
CA GLY C 286 10.87 -41.02 -18.12
C GLY C 286 10.97 -41.24 -16.63
N LEU C 287 9.80 -41.40 -15.98
CA LEU C 287 9.74 -41.61 -14.54
C LEU C 287 10.35 -42.97 -14.12
N LYS C 288 10.04 -44.02 -14.89
CA LYS C 288 10.58 -45.37 -14.66
C LYS C 288 12.09 -45.45 -14.73
N THR C 289 12.67 -44.78 -15.74
CA THR C 289 14.11 -44.76 -15.98
C THR C 289 14.83 -44.05 -14.85
N ALA C 290 14.28 -42.91 -14.45
CA ALA C 290 14.94 -42.01 -13.51
C ALA C 290 15.10 -42.60 -12.10
N ILE C 291 14.09 -43.33 -11.63
CA ILE C 291 14.18 -43.93 -10.28
C ILE C 291 15.25 -45.03 -10.17
N THR C 292 15.54 -45.69 -11.29
CA THR C 292 16.58 -46.74 -11.35
C THR C 292 18.00 -46.19 -11.17
N ARG C 293 18.13 -44.86 -11.14
CA ARG C 293 19.43 -44.20 -11.05
C ARG C 293 19.74 -43.73 -9.63
N PHE C 294 18.86 -44.06 -8.68
CA PHE C 294 19.09 -43.66 -7.29
C PHE C 294 20.20 -44.50 -6.73
N ARG C 295 20.98 -43.90 -5.84
CA ARG C 295 21.96 -44.63 -5.07
C ARG C 295 21.45 -44.73 -3.63
N ILE C 296 20.71 -45.81 -3.36
CA ILE C 296 20.09 -46.05 -2.06
C ILE C 296 20.99 -46.81 -1.11
N GLY C 297 21.30 -46.20 0.02
CA GLY C 297 22.14 -46.84 1.01
C GLY C 297 22.33 -46.03 2.28
N ASN C 298 23.48 -46.25 2.91
CA ASN C 298 23.79 -45.61 4.16
C ASN C 298 23.86 -44.09 3.95
N PRO C 299 23.02 -43.33 4.67
CA PRO C 299 22.81 -41.91 4.37
C PRO C 299 24.08 -41.05 4.48
N LEU C 300 25.04 -41.52 5.28
CA LEU C 300 26.29 -40.79 5.51
C LEU C 300 27.36 -41.07 4.44
N ASP C 301 27.17 -42.13 3.65
CA ASP C 301 28.11 -42.53 2.59
C ASP C 301 28.14 -41.57 1.39
N ARG C 302 29.34 -41.27 0.91
CA ARG C 302 29.61 -40.30 -0.18
C ARG C 302 28.57 -40.33 -1.33
N ASP C 303 28.33 -41.51 -1.90
CA ASP C 303 27.49 -41.61 -3.09
C ASP C 303 25.96 -41.73 -2.88
N THR C 304 25.50 -41.80 -1.63
CA THR C 304 24.09 -42.05 -1.30
C THR C 304 23.20 -40.86 -1.66
N THR C 305 22.20 -41.12 -2.50
CA THR C 305 21.15 -40.16 -2.83
C THR C 305 19.91 -40.32 -1.92
N HIS C 306 19.61 -41.56 -1.54
CA HIS C 306 18.42 -41.88 -0.71
C HIS C 306 18.76 -42.87 0.42
N GLY C 307 18.49 -42.46 1.65
CA GLY C 307 18.71 -43.32 2.81
C GLY C 307 17.51 -44.22 3.09
N PRO C 308 17.45 -44.82 4.28
CA PRO C 308 16.29 -45.62 4.63
C PRO C 308 15.11 -44.70 4.99
N SER C 310 12.41 -43.27 7.79
CA SER C 310 12.67 -42.82 9.15
C SER C 310 12.47 -43.92 10.20
N SER C 311 11.61 -44.90 9.93
CA SER C 311 11.29 -45.94 10.91
C SER C 311 10.61 -47.12 10.25
N LEU C 312 10.44 -48.20 11.01
CA LEU C 312 9.77 -49.42 10.50
C LEU C 312 8.33 -49.07 10.26
N ARG C 313 7.71 -48.39 11.20
CA ARG C 313 6.30 -47.98 11.06
C ARG C 313 6.06 -47.18 9.77
N ALA C 314 6.84 -46.12 9.53
CA ALA C 314 6.67 -45.33 8.30
C ALA C 314 6.82 -46.20 7.04
N GLU C 316 6.54 -49.50 6.79
CA GLU C 316 5.45 -50.49 6.76
C GLU C 316 4.14 -49.83 6.29
N LEU C 317 3.91 -48.58 6.70
CA LEU C 317 2.72 -47.84 6.25
C LEU C 317 2.71 -47.61 4.73
N ALA C 318 3.84 -47.23 4.15
CA ALA C 318 3.92 -46.97 2.71
C ALA C 318 3.87 -48.28 1.88
N LEU C 319 4.37 -49.37 2.46
CA LEU C 319 4.26 -50.70 1.86
C LEU C 319 2.83 -51.26 1.90
N ASP C 320 2.11 -50.96 2.99
CA ASP C 320 0.69 -51.30 3.17
C ASP C 320 -0.19 -50.61 2.15
N GLN C 321 0.04 -49.30 2.03
CA GLN C 321 -0.70 -48.46 1.10
C GLN C 321 -0.47 -48.91 -0.33
N THR C 322 0.77 -49.26 -0.66
CA THR C 322 1.12 -49.78 -1.99
C THR C 322 0.36 -51.07 -2.28
N ALA C 323 0.39 -52.02 -1.34
CA ALA C 323 -0.29 -53.32 -1.47
C ALA C 323 -1.81 -53.15 -1.51
N GLU C 324 -2.31 -52.32 -0.60
CA GLU C 324 -3.72 -51.90 -0.53
C GLU C 324 -4.18 -51.32 -1.88
N ALA C 325 -3.31 -50.52 -2.52
CA ALA C 325 -3.67 -49.88 -3.79
C ALA C 325 -3.84 -50.91 -4.91
N VAL C 326 -2.93 -51.88 -4.96
CA VAL C 326 -2.91 -52.93 -5.98
C VAL C 326 -4.06 -53.95 -5.80
N LYS C 327 -4.45 -54.18 -4.55
CA LYS C 327 -5.62 -54.99 -4.22
C LYS C 327 -6.91 -54.31 -4.69
N GLY C 328 -6.94 -52.98 -4.60
CA GLY C 328 -8.11 -52.20 -5.00
C GLY C 328 -8.18 -51.83 -6.47
N GLY C 329 -7.34 -52.47 -7.29
CA GLY C 329 -7.36 -52.27 -8.75
C GLY C 329 -6.18 -51.57 -9.39
N ALA C 330 -5.35 -50.91 -8.59
CA ALA C 330 -4.18 -50.20 -9.10
C ALA C 330 -3.13 -51.13 -9.70
N THR C 331 -2.38 -50.60 -10.67
CA THR C 331 -1.31 -51.33 -11.34
C THR C 331 0.04 -50.97 -10.70
N LEU C 332 0.79 -52.00 -10.27
CA LEU C 332 2.15 -51.82 -9.73
C LEU C 332 3.20 -51.83 -10.84
N VAL C 333 3.77 -50.66 -11.10
CA VAL C 333 4.72 -50.50 -12.20
C VAL C 333 6.16 -50.81 -11.78
N ALA C 334 6.55 -50.38 -10.58
CA ALA C 334 7.94 -50.48 -10.11
C ALA C 334 8.05 -50.61 -8.60
N GLY C 335 9.03 -51.37 -8.13
CA GLY C 335 9.30 -51.52 -6.69
C GLY C 335 8.14 -52.10 -5.89
N GLY C 336 7.81 -51.44 -4.79
CA GLY C 336 6.70 -51.85 -3.93
C GLY C 336 7.04 -52.89 -2.86
N LYS C 337 8.33 -53.17 -2.68
CA LYS C 337 8.80 -54.09 -1.64
C LYS C 337 9.94 -53.51 -0.79
N ARG C 338 10.12 -54.07 0.41
CA ARG C 338 11.29 -53.80 1.22
C ARG C 338 12.54 -54.37 0.55
N ASP C 340 16.27 -56.09 0.59
CA ASP C 340 16.85 -57.18 1.36
C ASP C 340 18.18 -56.79 2.02
N ARG C 341 18.12 -55.85 2.95
CA ARG C 341 19.29 -55.44 3.72
C ARG C 341 18.89 -54.85 5.07
N LYS C 342 19.84 -54.82 6.02
CA LYS C 342 19.62 -54.22 7.34
C LYS C 342 19.23 -52.75 7.18
N GLY C 343 18.25 -52.31 7.95
CA GLY C 343 17.72 -50.96 7.88
C GLY C 343 16.34 -50.90 7.27
N PHE C 344 15.71 -49.73 7.35
CA PHE C 344 14.35 -49.55 6.85
C PHE C 344 14.35 -49.02 5.42
N PHE C 345 14.94 -49.82 4.55
CA PHE C 345 15.12 -49.48 3.14
C PHE C 345 14.00 -50.05 2.29
N GLU C 347 12.12 -50.00 -1.75
CA GLU C 347 12.20 -49.74 -3.19
C GLU C 347 11.27 -48.61 -3.64
N PRO C 348 11.78 -47.70 -4.48
CA PRO C 348 10.94 -46.65 -5.04
C PRO C 348 9.84 -47.28 -5.89
N THR C 349 8.65 -46.71 -5.80
CA THR C 349 7.45 -47.35 -6.29
C THR C 349 6.68 -46.41 -7.23
N ILE C 350 6.13 -46.99 -8.29
CA ILE C 350 5.19 -46.27 -9.14
C ILE C 350 3.87 -47.04 -9.22
N LEU C 351 2.79 -46.36 -8.85
CA LEU C 351 1.44 -46.87 -9.04
C LEU C 351 0.73 -46.11 -10.17
N THR C 352 0.00 -46.85 -11.00
CA THR C 352 -0.91 -46.26 -11.99
C THR C 352 -2.29 -46.87 -11.83
N ASP C 353 -3.27 -46.32 -12.56
CA ASP C 353 -4.65 -46.85 -12.57
C ASP C 353 -5.24 -46.93 -11.16
N VAL C 354 -4.89 -45.92 -10.37
CA VAL C 354 -5.51 -45.65 -9.10
C VAL C 354 -6.73 -44.80 -9.43
N SER C 355 -7.91 -45.38 -9.26
CA SER C 355 -9.15 -44.69 -9.60
C SER C 355 -9.76 -44.04 -8.36
N LYS C 356 -10.76 -43.19 -8.59
CA LYS C 356 -11.46 -42.45 -7.54
C LYS C 356 -12.10 -43.35 -6.45
N ASP C 357 -12.24 -44.65 -6.74
CA ASP C 357 -12.83 -45.62 -5.80
C ASP C 357 -11.80 -46.42 -5.01
N ASN C 358 -10.55 -46.38 -5.47
CA ASN C 358 -9.44 -47.03 -4.80
C ASN C 358 -9.27 -46.52 -3.35
N PRO C 359 -8.93 -47.41 -2.41
CA PRO C 359 -8.72 -47.01 -1.00
C PRO C 359 -7.60 -45.99 -0.81
N VAL C 360 -6.70 -45.91 -1.78
CA VAL C 360 -5.53 -45.05 -1.64
C VAL C 360 -5.75 -43.64 -2.24
N PHE C 361 -6.81 -43.50 -3.04
CA PHE C 361 -7.08 -42.25 -3.79
C PHE C 361 -7.03 -40.96 -2.94
N TYR C 362 -7.49 -41.01 -1.69
CA TYR C 362 -7.57 -39.81 -0.83
C TYR C 362 -6.59 -39.86 0.35
N GLN C 363 -5.70 -40.84 0.35
CA GLN C 363 -4.69 -40.97 1.41
C GLN C 363 -3.37 -40.22 1.12
N GLU C 364 -2.74 -39.71 2.19
CA GLU C 364 -1.36 -39.22 2.12
C GLU C 364 -0.39 -40.41 2.17
N ILE C 365 0.38 -40.58 1.11
CA ILE C 365 1.42 -41.61 1.08
C ILE C 365 2.75 -40.97 1.41
N PHE C 366 3.18 -41.15 2.68
CA PHE C 366 4.36 -40.49 3.21
C PHE C 366 5.56 -41.42 3.02
N GLY C 367 5.97 -41.57 1.76
CA GLY C 367 6.98 -42.55 1.36
C GLY C 367 7.24 -42.44 -0.12
N PRO C 368 8.25 -43.18 -0.63
CA PRO C 368 8.68 -43.07 -2.02
C PRO C 368 7.75 -43.84 -2.97
N VAL C 369 6.48 -43.41 -3.00
CA VAL C 369 5.45 -44.05 -3.83
C VAL C 369 4.83 -43.02 -4.77
N ALA C 370 5.28 -43.00 -6.02
CA ALA C 370 4.66 -42.17 -7.05
C ALA C 370 3.35 -42.79 -7.49
N VAL C 371 2.37 -41.93 -7.73
CA VAL C 371 1.05 -42.32 -8.18
C VAL C 371 0.74 -41.45 -9.39
N VAL C 372 0.46 -42.10 -10.52
CA VAL C 372 0.24 -41.39 -11.78
C VAL C 372 -1.20 -41.52 -12.32
N HIS C 373 -1.84 -40.36 -12.51
CA HIS C 373 -3.20 -40.27 -13.04
C HIS C 373 -3.13 -39.73 -14.47
N LYS C 374 -4.01 -40.25 -15.31
CA LYS C 374 -4.13 -39.81 -16.68
C LYS C 374 -5.40 -38.98 -16.80
N VAL C 375 -5.28 -37.78 -17.37
CA VAL C 375 -6.45 -36.96 -17.65
C VAL C 375 -6.53 -36.56 -19.12
N ALA C 376 -7.72 -36.14 -19.56
CA ALA C 376 -7.98 -35.92 -20.97
C ALA C 376 -8.09 -34.43 -21.36
N SER C 377 -7.94 -33.54 -20.37
CA SER C 377 -8.03 -32.09 -20.57
C SER C 377 -7.49 -31.32 -19.37
N GLU C 378 -7.11 -30.05 -19.61
CA GLU C 378 -6.71 -29.10 -18.54
C GLU C 378 -7.70 -29.05 -17.37
N GLN C 379 -8.98 -28.88 -17.66
CA GLN C 379 -10.03 -28.78 -16.64
C GLN C 379 -10.18 -30.09 -15.88
N ALA C 380 -10.01 -31.22 -16.55
CA ALA C 380 -10.02 -32.51 -15.87
C ALA C 380 -8.85 -32.63 -14.89
N ALA C 381 -7.69 -32.08 -15.26
CA ALA C 381 -6.53 -31.99 -14.36
C ALA C 381 -6.81 -31.12 -13.15
N ILE C 382 -7.50 -30.00 -13.36
CA ILE C 382 -7.88 -29.11 -12.27
C ILE C 382 -8.87 -29.82 -11.31
N ASP C 383 -9.90 -30.45 -11.89
CA ASP C 383 -10.91 -31.16 -11.09
C ASP C 383 -10.36 -32.36 -10.31
N LEU C 384 -9.48 -33.13 -10.91
CA LEU C 384 -8.81 -34.21 -10.20
C LEU C 384 -7.87 -33.67 -9.11
N ALA C 385 -7.20 -32.54 -9.42
CA ALA C 385 -6.34 -31.86 -8.45
C ALA C 385 -7.13 -31.41 -7.26
N ASN C 386 -8.33 -30.89 -7.54
CA ASN C 386 -9.23 -30.43 -6.49
C ASN C 386 -10.07 -31.51 -5.77
N ASP C 387 -10.04 -32.72 -6.31
CA ASP C 387 -10.76 -33.84 -5.70
C ASP C 387 -9.91 -34.41 -4.56
N SER C 388 -9.95 -33.76 -3.40
CA SER C 388 -8.99 -34.02 -2.34
C SER C 388 -9.42 -33.35 -1.04
N PRO C 389 -9.20 -34.02 0.12
CA PRO C 389 -9.44 -33.35 1.40
C PRO C 389 -8.32 -32.36 1.78
N TYR C 390 -7.22 -32.42 1.03
CA TYR C 390 -6.01 -31.68 1.35
C TYR C 390 -5.85 -30.48 0.44
N GLY C 391 -5.04 -29.50 0.87
CA GLY C 391 -4.82 -28.29 0.10
C GLY C 391 -3.58 -27.55 0.54
N LEU C 392 -2.43 -28.23 0.50
CA LEU C 392 -1.18 -27.67 0.95
C LEU C 392 -0.43 -27.01 -0.22
N GLY C 393 0.25 -27.81 -1.04
CA GLY C 393 1.00 -27.26 -2.19
C GLY C 393 0.47 -27.79 -3.53
N GLY C 394 1.28 -27.64 -4.56
CA GLY C 394 0.90 -28.04 -5.91
C GLY C 394 1.85 -27.48 -6.95
N ALA C 395 1.96 -28.19 -8.08
CA ALA C 395 2.82 -27.75 -9.19
C ALA C 395 2.09 -27.90 -10.51
N VAL C 396 2.36 -26.97 -11.42
CA VAL C 396 1.86 -27.03 -12.78
C VAL C 396 3.05 -26.89 -13.72
N PHE C 397 3.14 -27.79 -14.69
CA PHE C 397 4.13 -27.70 -15.76
C PHE C 397 3.45 -27.47 -17.09
N SER C 398 3.83 -26.34 -17.70
CA SER C 398 3.33 -25.93 -19.01
C SER C 398 4.26 -24.86 -19.53
N ARG C 399 4.67 -24.97 -20.79
CA ARG C 399 5.51 -23.95 -21.41
C ARG C 399 4.76 -22.62 -21.65
N ASP C 400 3.44 -22.71 -21.85
CA ASP C 400 2.58 -21.53 -21.87
C ASP C 400 2.36 -21.03 -20.42
N ILE C 401 3.04 -19.95 -20.05
CA ILE C 401 3.06 -19.47 -18.66
C ILE C 401 1.71 -18.89 -18.24
N ALA C 402 1.07 -18.13 -19.12
CA ALA C 402 -0.30 -17.66 -18.91
C ALA C 402 -1.29 -18.80 -18.58
N ARG C 403 -1.13 -19.93 -19.27
CA ARG C 403 -1.98 -21.11 -19.08
C ARG C 403 -1.70 -21.77 -17.72
N ALA C 404 -0.42 -21.80 -17.33
CA ALA C 404 -0.02 -22.32 -16.04
C ALA C 404 -0.59 -21.48 -14.91
N GLU C 405 -0.56 -20.16 -15.11
CA GLU C 405 -1.13 -19.20 -14.18
C GLU C 405 -2.62 -19.43 -13.91
N LYS C 406 -3.39 -19.64 -14.98
CA LYS C 406 -4.82 -19.83 -14.87
C LYS C 406 -5.14 -21.11 -14.11
N VAL C 407 -4.42 -22.18 -14.40
CA VAL C 407 -4.48 -23.40 -13.60
C VAL C 407 -4.16 -23.13 -12.13
N ALA C 408 -3.02 -22.50 -11.88
CA ALA C 408 -2.60 -22.08 -10.55
C ALA C 408 -3.75 -21.44 -9.75
N GLU C 409 -4.43 -20.48 -10.36
CA GLU C 409 -5.60 -19.79 -9.80
C GLU C 409 -6.80 -20.70 -9.48
N GLN C 410 -6.94 -21.80 -10.21
CA GLN C 410 -8.07 -22.68 -10.06
C GLN C 410 -7.86 -23.91 -9.17
N VAL C 411 -6.61 -24.24 -8.88
CA VAL C 411 -6.30 -25.33 -7.94
C VAL C 411 -6.46 -24.86 -6.47
N GLU C 412 -7.22 -25.59 -5.67
CA GLU C 412 -7.49 -25.19 -4.30
C GLU C 412 -6.41 -25.66 -3.32
N THR C 413 -5.31 -24.93 -3.28
CA THR C 413 -4.21 -25.16 -2.34
C THR C 413 -3.66 -23.82 -1.90
N GLY C 414 -2.81 -23.87 -0.88
CA GLY C 414 -2.16 -22.70 -0.33
C GLY C 414 -1.05 -22.15 -1.20
N VAL C 416 1.14 -22.75 -5.19
CA VAL C 416 1.28 -23.36 -6.51
C VAL C 416 2.60 -22.89 -7.11
N PHE C 417 3.41 -23.87 -7.51
CA PHE C 417 4.66 -23.61 -8.18
C PHE C 417 4.54 -23.91 -9.66
N ILE C 418 5.04 -23.01 -10.49
CA ILE C 418 4.97 -23.17 -11.94
C ILE C 418 6.31 -23.61 -12.51
N ASN C 419 6.30 -24.74 -13.21
CA ASN C 419 7.47 -25.31 -13.89
C ASN C 419 8.61 -25.64 -12.93
N THR C 420 8.23 -25.87 -11.68
CA THR C 420 9.16 -26.27 -10.64
C THR C 420 8.36 -27.02 -9.59
N ALA C 421 9.03 -27.88 -8.84
CA ALA C 421 8.39 -28.53 -7.70
C ALA C 421 8.31 -27.57 -6.51
N THR C 422 7.23 -27.69 -5.73
CA THR C 422 7.07 -26.99 -4.47
C THR C 422 8.35 -27.16 -3.66
N ALA C 423 8.97 -26.05 -3.29
CA ALA C 423 10.27 -26.09 -2.64
C ALA C 423 10.43 -24.94 -1.67
N ALA C 424 11.05 -25.24 -0.53
CA ALA C 424 11.22 -24.28 0.57
C ALA C 424 12.17 -23.17 0.21
N ALA C 425 11.81 -21.96 0.62
CA ALA C 425 12.76 -20.82 0.66
C ALA C 425 12.28 -19.88 1.76
N PRO C 426 13.20 -19.17 2.42
CA PRO C 426 12.86 -18.20 3.47
C PRO C 426 11.86 -17.13 3.00
N GLU C 427 12.04 -16.69 1.76
CA GLU C 427 11.28 -15.61 1.16
C GLU C 427 9.82 -15.95 0.91
N LEU C 428 9.49 -17.25 0.80
CA LEU C 428 8.16 -17.65 0.38
C LEU C 428 7.29 -18.08 1.57
N PRO C 429 6.04 -17.56 1.65
CA PRO C 429 5.08 -17.99 2.67
C PRO C 429 4.66 -19.44 2.49
N PHE C 430 4.32 -20.11 3.58
CA PHE C 430 4.04 -21.53 3.51
C PHE C 430 2.81 -21.83 4.36
N GLY C 431 1.83 -22.48 3.74
CA GLY C 431 0.67 -22.96 4.47
C GLY C 431 -0.40 -23.52 3.57
N GLY C 432 -1.37 -24.22 4.14
CA GLY C 432 -2.43 -24.81 3.35
C GLY C 432 -3.82 -24.29 3.65
N ILE C 433 -4.78 -24.88 2.95
CA ILE C 433 -6.20 -24.72 3.25
C ILE C 433 -6.77 -26.13 3.46
N LYS C 434 -8.08 -26.22 3.66
CA LYS C 434 -8.80 -27.48 3.83
C LYS C 434 -8.25 -28.29 5.01
N ASN C 435 -8.05 -29.59 4.84
CA ASN C 435 -7.50 -30.45 5.90
C ASN C 435 -6.00 -30.26 6.13
N SER C 436 -5.34 -29.57 5.22
CA SER C 436 -3.90 -29.31 5.36
C SER C 436 -3.57 -28.27 6.43
N GLY C 437 -4.60 -27.63 6.95
CA GLY C 437 -4.45 -26.71 8.05
C GLY C 437 -4.78 -25.26 7.73
N PHE C 438 -4.19 -24.38 8.51
CA PHE C 438 -4.34 -22.95 8.31
C PHE C 438 -3.12 -22.20 8.86
N GLY C 439 -3.04 -20.90 8.55
CA GLY C 439 -1.92 -20.09 8.99
C GLY C 439 -0.72 -20.19 8.06
N ARG C 440 0.04 -19.11 8.01
CA ARG C 440 1.15 -18.99 7.08
C ARG C 440 2.48 -18.77 7.82
N GLU C 441 3.42 -19.68 7.58
CA GLU C 441 4.80 -19.58 8.08
C GLU C 441 5.75 -19.06 7.00
N LEU C 442 6.98 -18.71 7.41
CA LEU C 442 7.99 -18.09 6.52
C LEU C 442 7.54 -16.78 5.89
N SER C 443 8.47 -16.10 5.22
CA SER C 443 8.20 -14.77 4.61
C SER C 443 7.87 -13.74 5.70
N PHE C 444 7.47 -12.53 5.30
CA PHE C 444 6.96 -11.54 6.24
C PHE C 444 5.74 -12.01 7.04
N LEU C 445 4.94 -12.91 6.45
CA LEU C 445 3.75 -13.46 7.10
C LEU C 445 4.05 -14.38 8.30
N GLY C 446 5.23 -15.00 8.27
CA GLY C 446 5.67 -15.91 9.33
C GLY C 446 5.72 -15.25 10.71
N ILE C 447 6.22 -14.02 10.71
CA ILE C 447 6.41 -13.27 11.94
C ILE C 447 5.13 -12.63 12.52
N GLU C 448 4.00 -12.75 11.82
CA GLU C 448 2.74 -12.11 12.20
C GLU C 448 1.84 -12.98 13.10
N GLU C 449 2.06 -14.29 13.06
CA GLU C 449 1.14 -15.25 13.66
C GLU C 449 0.97 -15.09 15.18
N PHE C 450 2.08 -14.93 15.89
CA PHE C 450 2.06 -14.87 17.35
C PHE C 450 2.58 -13.53 17.86
N ILE C 451 1.88 -12.50 17.44
CA ILE C 451 2.25 -11.13 17.73
C ILE C 451 0.99 -10.39 18.14
N ASN C 452 1.12 -9.43 19.05
CA ASN C 452 0.03 -8.49 19.27
C ASN C 452 0.17 -7.31 18.32
N ARG C 453 -0.74 -7.25 17.34
CA ARG C 453 -0.84 -6.08 16.49
C ARG C 453 -1.73 -5.09 17.22
N LYS C 454 -1.06 -4.32 18.08
CA LYS C 454 -1.72 -3.34 18.95
C LYS C 454 -2.01 -2.08 18.17
N LEU C 455 -3.28 -1.69 18.16
CA LEU C 455 -3.68 -0.43 17.59
C LEU C 455 -3.48 0.66 18.64
N VAL C 456 -2.80 1.74 18.26
CA VAL C 456 -2.71 2.93 19.08
C VAL C 456 -3.30 4.07 18.26
N ARG C 457 -4.37 4.68 18.77
CA ARG C 457 -5.07 5.73 18.06
C ARG C 457 -5.05 6.99 18.94
N ILE C 458 -4.53 8.08 18.38
CA ILE C 458 -4.59 9.39 19.04
C ILE C 458 -5.75 10.15 18.44
N GLY C 459 -6.73 10.47 19.29
CA GLY C 459 -7.92 11.20 18.86
C GLY C 459 -7.59 12.40 18.00
N ILE D 5 -33.61 -23.67 22.59
CA ILE D 5 -33.79 -22.27 22.22
C ILE D 5 -35.22 -22.00 21.74
N VAL D 6 -35.73 -20.83 22.14
CA VAL D 6 -36.83 -20.20 21.44
C VAL D 6 -36.26 -18.83 21.02
N TYR D 7 -36.20 -18.62 19.72
CA TYR D 7 -35.98 -17.29 19.17
C TYR D 7 -37.27 -16.49 19.32
N GLN D 8 -37.13 -15.31 19.93
CA GLN D 8 -38.28 -14.48 20.17
C GLN D 8 -37.86 -13.06 20.47
N THR D 9 -38.79 -12.16 20.17
CA THR D 9 -38.67 -10.77 20.53
C THR D 9 -39.41 -10.62 21.84
N LEU D 10 -38.66 -10.31 22.88
CA LEU D 10 -39.21 -9.98 24.18
C LEU D 10 -38.80 -8.54 24.44
N ASN D 11 -39.74 -7.61 24.23
CA ASN D 11 -39.47 -6.17 24.33
C ASN D 11 -39.09 -5.83 25.76
N PRO D 12 -37.87 -5.28 25.98
CA PRO D 12 -37.43 -5.01 27.37
C PRO D 12 -38.01 -3.75 28.02
N THR D 13 -38.65 -2.90 27.20
CA THR D 13 -39.33 -1.69 27.67
C THR D 13 -40.71 -2.04 28.21
N THR D 14 -41.41 -2.91 27.48
CA THR D 14 -42.75 -3.31 27.86
C THR D 14 -42.75 -4.65 28.62
N GLU D 15 -41.64 -5.38 28.52
CA GLU D 15 -41.44 -6.72 29.12
C GLU D 15 -42.31 -7.79 28.49
N THR D 16 -42.65 -7.65 27.21
CA THR D 16 -43.64 -8.54 26.64
C THR D 16 -43.20 -9.19 25.32
N VAL D 17 -43.37 -10.50 25.25
CA VAL D 17 -43.10 -11.28 24.04
C VAL D 17 -44.00 -10.77 22.89
N GLU D 18 -43.38 -10.27 21.83
CA GLU D 18 -44.13 -9.72 20.71
C GLU D 18 -44.25 -10.74 19.58
N ARG D 19 -43.26 -11.64 19.49
CA ARG D 19 -43.09 -12.47 18.30
C ARG D 19 -42.14 -13.61 18.67
N SER D 20 -42.45 -14.82 18.20
CA SER D 20 -41.70 -16.04 18.46
C SER D 20 -41.44 -16.75 17.14
N PHE D 21 -40.30 -17.43 17.04
CA PHE D 21 -39.91 -18.10 15.82
C PHE D 21 -39.50 -19.55 16.09
N ASP D 22 -39.74 -20.39 15.11
CA ASP D 22 -39.31 -21.79 15.13
C ASP D 22 -37.84 -21.87 14.76
N LEU D 23 -37.10 -22.76 15.43
CA LEU D 23 -35.75 -23.11 14.96
C LEU D 23 -35.88 -23.77 13.60
N HIS D 24 -34.86 -23.61 12.76
CA HIS D 24 -34.75 -24.41 11.55
C HIS D 24 -34.55 -25.86 11.95
N THR D 25 -35.18 -26.76 11.21
CA THR D 25 -35.10 -28.20 11.46
C THR D 25 -33.77 -28.70 10.91
N PRO D 26 -33.30 -29.90 11.34
CA PRO D 26 -32.07 -30.42 10.72
C PRO D 26 -32.10 -30.46 9.18
N ALA D 27 -33.27 -30.74 8.60
CA ALA D 27 -33.45 -30.75 7.14
C ALA D 27 -33.27 -29.38 6.48
N GLN D 28 -33.84 -28.36 7.11
CA GLN D 28 -33.69 -26.99 6.62
C GLN D 28 -32.26 -26.48 6.73
N LYS D 30 -29.69 -28.42 6.41
CA LYS D 30 -29.05 -29.07 5.25
C LYS D 30 -29.30 -28.27 3.98
N ASP D 31 -30.54 -27.87 3.73
CA ASP D 31 -30.89 -27.08 2.56
C ASP D 31 -30.20 -25.70 2.51
N ILE D 32 -30.12 -25.03 3.66
CA ILE D 32 -29.41 -23.74 3.79
C ILE D 32 -27.92 -23.92 3.44
N THR D 33 -27.34 -25.01 3.94
CA THR D 33 -25.93 -25.33 3.73
C THR D 33 -25.63 -25.74 2.28
N ASP D 34 -26.46 -26.62 1.72
CA ASP D 34 -26.40 -27.04 0.32
C ASP D 34 -26.47 -25.80 -0.58
N ARG D 35 -27.45 -24.95 -0.32
CA ARG D 35 -27.64 -23.74 -1.10
C ARG D 35 -26.44 -22.78 -1.04
N ALA D 36 -25.95 -22.50 0.16
CA ALA D 36 -24.75 -21.66 0.33
C ALA D 36 -23.54 -22.21 -0.49
N GLU D 37 -23.33 -23.52 -0.45
CA GLU D 37 -22.22 -24.13 -1.21
C GLU D 37 -22.44 -23.98 -2.71
N HIS D 38 -23.64 -24.29 -3.16
CA HIS D 38 -23.97 -24.17 -4.58
C HIS D 38 -23.80 -22.74 -5.09
N VAL D 39 -24.42 -21.80 -4.38
CA VAL D 39 -24.36 -20.39 -4.71
C VAL D 39 -22.91 -19.82 -4.66
N TRP D 40 -22.15 -20.20 -3.62
CA TRP D 40 -20.73 -19.84 -3.57
C TRP D 40 -19.98 -20.26 -4.85
N LYS D 41 -20.12 -21.53 -5.19
CA LYS D 41 -19.33 -22.17 -6.23
C LYS D 41 -19.70 -21.66 -7.63
N THR D 42 -20.98 -21.41 -7.87
CA THR D 42 -21.51 -21.29 -9.23
C THR D 42 -21.91 -19.86 -9.59
N ASP D 43 -21.80 -19.00 -8.59
CA ASP D 43 -22.31 -17.64 -8.71
C ASP D 43 -21.41 -16.69 -7.93
N TRP D 44 -21.57 -16.67 -6.61
CA TRP D 44 -20.98 -15.61 -5.80
C TRP D 44 -19.46 -15.49 -5.96
N LYS D 45 -18.73 -16.60 -5.95
CA LYS D 45 -17.27 -16.52 -6.06
C LYS D 45 -16.82 -16.18 -7.49
N LEU D 46 -17.73 -16.42 -8.46
CA LEU D 46 -17.44 -16.13 -9.87
C LEU D 46 -17.79 -14.70 -10.28
N ARG D 47 -18.62 -14.03 -9.50
CA ARG D 47 -18.81 -12.57 -9.68
C ARG D 47 -17.50 -11.80 -9.50
N SER D 48 -17.33 -10.74 -10.26
CA SER D 48 -16.16 -9.88 -10.11
C SER D 48 -16.35 -9.08 -8.84
N ILE D 49 -15.24 -8.63 -8.26
CA ILE D 49 -15.26 -7.73 -7.13
C ILE D 49 -16.18 -6.52 -7.40
N ALA D 50 -16.12 -5.97 -8.61
CA ALA D 50 -17.00 -4.83 -8.96
C ALA D 50 -18.47 -5.16 -8.75
N GLN D 51 -18.87 -6.32 -9.27
CA GLN D 51 -20.25 -6.81 -9.13
C GLN D 51 -20.68 -7.04 -7.68
N ARG D 52 -19.78 -7.60 -6.87
CA ARG D 52 -20.03 -7.75 -5.43
C ARG D 52 -20.16 -6.39 -4.73
N LYS D 53 -19.28 -5.45 -5.09
CA LYS D 53 -19.37 -4.06 -4.63
C LYS D 53 -20.73 -3.42 -4.96
N GLU D 54 -21.18 -3.58 -6.19
CA GLU D 54 -22.49 -3.04 -6.58
C GLU D 54 -23.57 -3.39 -5.55
N ILE D 55 -23.55 -4.64 -5.08
CA ILE D 55 -24.58 -5.19 -4.21
C ILE D 55 -24.40 -4.78 -2.74
N VAL D 56 -23.17 -4.90 -2.25
CA VAL D 56 -22.84 -4.60 -0.86
C VAL D 56 -22.96 -3.10 -0.60
N SER D 57 -22.61 -2.33 -1.63
CA SER D 57 -22.71 -0.90 -1.53
C SER D 57 -24.19 -0.50 -1.62
N ARG D 58 -24.98 -1.26 -2.38
CA ARG D 58 -26.43 -1.05 -2.39
C ARG D 58 -27.08 -1.37 -1.04
N ALA D 59 -26.60 -2.41 -0.34
CA ALA D 59 -27.13 -2.73 0.98
C ALA D 59 -26.87 -1.56 1.93
N ALA D 60 -25.70 -0.93 1.80
CA ALA D 60 -25.37 0.24 2.60
C ALA D 60 -26.35 1.39 2.37
N ASP D 61 -26.70 1.63 1.10
CA ASP D 61 -27.65 2.68 0.67
C ASP D 61 -29.04 2.44 1.28
N LEU D 62 -29.47 1.19 1.23
CA LEU D 62 -30.75 0.77 1.78
C LEU D 62 -30.83 0.98 3.28
N LEU D 63 -29.74 0.65 3.98
CA LEU D 63 -29.64 0.88 5.42
C LEU D 63 -29.72 2.35 5.76
N ARG D 64 -29.00 3.20 5.02
CA ARG D 64 -29.09 4.65 5.24
C ARG D 64 -30.50 5.19 4.98
N ARG D 65 -31.10 4.76 3.88
CA ARG D 65 -32.44 5.20 3.45
C ARG D 65 -33.47 4.83 4.50
N ASP D 66 -33.34 3.62 5.03
CA ASP D 66 -34.31 3.01 5.89
C ASP D 66 -33.83 3.00 7.34
N ARG D 67 -32.87 3.87 7.65
CA ARG D 67 -32.24 3.91 8.97
C ARG D 67 -33.19 3.99 10.18
N GLN D 68 -34.31 4.70 10.03
CA GLN D 68 -35.27 4.84 11.15
C GLN D 68 -35.88 3.50 11.49
N HIS D 69 -36.26 2.75 10.44
CA HIS D 69 -36.81 1.41 10.56
C HIS D 69 -35.81 0.44 11.23
N HIS D 70 -34.63 0.32 10.66
CA HIS D 70 -33.61 -0.54 11.22
C HIS D 70 -33.24 -0.20 12.68
N ALA D 71 -33.02 1.09 12.94
CA ALA D 71 -32.74 1.58 14.29
C ALA D 71 -33.86 1.20 15.27
N SER D 72 -35.12 1.33 14.82
CA SER D 72 -36.26 1.00 15.68
C SER D 72 -36.36 -0.48 16.03
N LEU D 73 -35.97 -1.36 15.11
CA LEU D 73 -35.92 -2.80 15.40
C LEU D 73 -34.95 -3.11 16.52
N ILE D 74 -33.78 -2.47 16.47
CA ILE D 74 -32.75 -2.62 17.50
C ILE D 74 -33.35 -2.22 18.86
N ALA D 75 -33.96 -1.03 18.93
CA ALA D 75 -34.51 -0.54 20.21
C ALA D 75 -35.66 -1.40 20.74
N THR D 76 -36.49 -1.91 19.83
CA THR D 76 -37.63 -2.74 20.19
C THR D 76 -37.16 -4.05 20.79
N GLU D 77 -36.18 -4.68 20.15
CA GLU D 77 -35.77 -6.02 20.50
C GLU D 77 -34.83 -6.08 21.69
N GLY D 79 -33.56 -2.84 23.53
CA GLY D 79 -33.67 -1.70 24.42
C GLY D 79 -32.81 -0.48 24.15
N LYS D 80 -31.96 -0.55 23.12
CA LYS D 80 -30.98 0.51 22.83
C LYS D 80 -31.68 1.81 22.47
N ALA D 81 -31.43 2.87 23.26
CA ALA D 81 -31.96 4.21 23.00
C ALA D 81 -31.70 4.60 21.55
N LEU D 82 -32.68 5.25 20.91
CA LEU D 82 -32.67 5.49 19.46
C LEU D 82 -31.42 6.20 18.88
N PRO D 83 -30.88 7.21 19.59
CA PRO D 83 -29.70 7.87 19.06
C PRO D 83 -28.49 6.94 18.98
N ASP D 84 -28.34 6.07 19.97
CA ASP D 84 -27.32 5.01 19.91
C ASP D 84 -27.65 3.99 18.82
N ALA D 85 -28.93 3.71 18.58
CA ALA D 85 -29.29 2.72 17.56
C ALA D 85 -29.12 3.33 16.17
N LEU D 86 -29.53 4.58 16.01
CA LEU D 86 -29.26 5.32 14.79
C LEU D 86 -27.77 5.39 14.48
N GLU D 87 -26.94 5.53 15.52
CA GLU D 87 -25.49 5.59 15.33
C GLU D 87 -24.97 4.24 14.90
N GLU D 88 -25.48 3.16 15.51
CA GLU D 88 -25.11 1.81 15.11
C GLU D 88 -25.41 1.58 13.62
N ILE D 89 -26.56 2.03 13.15
CA ILE D 89 -26.97 1.82 11.75
C ILE D 89 -26.05 2.61 10.81
N ASP D 90 -25.68 3.83 11.19
CA ASP D 90 -24.78 4.64 10.37
C ASP D 90 -23.38 4.02 10.26
N VAL D 91 -22.85 3.51 11.37
CA VAL D 91 -21.56 2.81 11.38
C VAL D 91 -21.66 1.51 10.54
N THR D 92 -22.77 0.78 10.72
CA THR D 92 -23.03 -0.44 10.00
C THR D 92 -22.98 -0.19 8.49
N ALA D 93 -23.67 0.83 8.02
CA ALA D 93 -23.70 1.18 6.60
C ALA D 93 -22.31 1.64 6.11
N ASP D 94 -21.57 2.35 6.95
CA ASP D 94 -20.19 2.71 6.62
C ASP D 94 -19.22 1.55 6.56
N ILE D 95 -19.42 0.52 7.36
CA ILE D 95 -18.59 -0.70 7.30
C ILE D 95 -18.80 -1.38 5.95
N LEU D 96 -20.06 -1.52 5.54
CA LEU D 96 -20.37 -2.16 4.25
C LEU D 96 -19.85 -1.32 3.08
N SER D 97 -19.98 0.00 3.17
CA SER D 97 -19.43 0.91 2.15
C SER D 97 -17.91 0.85 2.10
N PHE D 98 -17.28 0.68 3.26
CA PHE D 98 -15.82 0.69 3.37
C PHE D 98 -15.21 -0.55 2.70
N TYR D 99 -15.84 -1.70 2.92
CA TYR D 99 -15.40 -2.94 2.27
C TYR D 99 -15.79 -3.01 0.82
N ALA D 100 -16.96 -2.48 0.48
CA ALA D 100 -17.39 -2.38 -0.92
C ALA D 100 -16.41 -1.53 -1.74
N ASN D 101 -16.02 -0.37 -1.22
CA ASN D 101 -15.13 0.53 -1.95
C ASN D 101 -13.66 0.13 -1.95
N GLY D 102 -13.24 -0.59 -0.91
CA GLY D 102 -11.82 -0.86 -0.71
C GLY D 102 -11.32 -2.26 -0.97
N ALA D 103 -12.25 -3.21 -1.23
CA ALA D 103 -11.93 -4.62 -1.39
C ALA D 103 -10.92 -4.88 -2.50
N GLU D 104 -11.17 -4.30 -3.67
CA GLU D 104 -10.24 -4.41 -4.78
C GLU D 104 -8.78 -4.06 -4.41
N GLU D 105 -8.58 -3.04 -3.58
CA GLU D 105 -7.24 -2.74 -3.07
C GLU D 105 -6.75 -3.79 -2.08
N PHE D 106 -7.57 -4.06 -1.07
CA PHE D 106 -7.25 -5.01 0.01
C PHE D 106 -6.88 -6.37 -0.52
N LEU D 107 -7.61 -6.83 -1.54
CA LEU D 107 -7.45 -8.16 -2.09
C LEU D 107 -6.51 -8.23 -3.29
N ALA D 108 -5.93 -7.08 -3.68
CA ALA D 108 -5.05 -7.06 -4.82
C ALA D 108 -3.84 -7.99 -4.59
N PRO D 109 -3.32 -8.60 -5.67
CA PRO D 109 -2.12 -9.45 -5.56
C PRO D 109 -0.95 -8.72 -4.92
N THR D 110 -0.20 -9.41 -4.07
CA THR D 110 0.99 -8.85 -3.43
C THR D 110 2.20 -9.53 -4.04
N PRO D 111 2.97 -8.78 -4.86
CA PRO D 111 4.26 -9.28 -5.32
C PRO D 111 5.22 -9.49 -4.16
N LEU D 112 5.94 -10.60 -4.19
CA LEU D 112 6.94 -10.90 -3.18
C LEU D 112 8.37 -10.64 -3.69
N LYS D 113 9.24 -10.20 -2.78
CA LYS D 113 10.65 -10.02 -3.06
C LYS D 113 11.39 -11.35 -2.99
N VAL D 114 11.72 -11.89 -4.17
CA VAL D 114 12.38 -13.19 -4.27
C VAL D 114 13.71 -13.04 -4.99
N LYS D 115 14.69 -13.87 -4.63
CA LYS D 115 16.02 -13.78 -5.24
C LYS D 115 16.07 -14.22 -6.70
N THR D 116 15.23 -15.19 -7.06
CA THR D 116 15.10 -15.64 -8.45
C THR D 116 13.66 -15.84 -8.89
N GLY D 117 13.44 -15.81 -10.21
CA GLY D 117 12.11 -15.92 -10.80
C GLY D 117 11.15 -14.87 -10.27
N GLN D 118 9.90 -15.27 -10.07
CA GLN D 118 8.86 -14.38 -9.56
C GLN D 118 7.92 -15.12 -8.62
N ALA D 119 7.32 -14.36 -7.70
CA ALA D 119 6.29 -14.88 -6.81
C ALA D 119 5.38 -13.76 -6.35
N LYS D 120 4.14 -14.14 -6.05
CA LYS D 120 3.14 -13.22 -5.53
C LYS D 120 2.17 -14.02 -4.66
N ILE D 121 1.46 -13.32 -3.80
CA ILE D 121 0.31 -13.89 -3.13
C ILE D 121 -0.95 -13.33 -3.79
N ILE D 122 -1.85 -14.25 -4.15
CA ILE D 122 -3.19 -13.90 -4.65
C ILE D 122 -4.22 -14.23 -3.58
N ASN D 123 -5.31 -13.47 -3.55
CA ASN D 123 -6.29 -13.61 -2.50
C ASN D 123 -7.62 -14.20 -2.98
N GLN D 124 -7.99 -15.34 -2.41
CA GLN D 124 -9.11 -16.13 -2.91
C GLN D 124 -9.98 -16.53 -1.75
N PRO D 125 -11.32 -16.59 -1.96
CA PRO D 125 -12.23 -17.00 -0.89
C PRO D 125 -12.06 -18.46 -0.44
N LEU D 126 -12.51 -18.80 0.77
CA LEU D 126 -12.44 -20.16 1.29
C LEU D 126 -13.72 -20.95 1.00
N GLY D 127 -14.88 -20.29 1.05
CA GLY D 127 -16.16 -20.97 0.91
C GLY D 127 -17.17 -20.41 1.90
N ILE D 128 -17.89 -21.29 2.59
CA ILE D 128 -18.89 -20.84 3.55
C ILE D 128 -18.22 -20.46 4.87
N ILE D 129 -18.50 -19.26 5.34
CA ILE D 129 -18.12 -18.83 6.69
C ILE D 129 -19.36 -18.76 7.59
N TYR D 130 -19.28 -19.43 8.72
CA TYR D 130 -20.30 -19.44 9.77
C TYR D 130 -20.01 -18.40 10.87
N CYS D 131 -20.97 -17.52 11.12
CA CYS D 131 -20.84 -16.42 12.09
C CYS D 131 -21.86 -16.62 13.22
N ILE D 132 -21.39 -16.44 14.45
CA ILE D 132 -22.20 -16.49 15.68
C ILE D 132 -22.03 -15.15 16.36
N GLU D 133 -23.15 -14.42 16.44
CA GLU D 133 -23.12 -12.99 16.78
C GLU D 133 -24.04 -12.66 17.96
N PRO D 134 -23.68 -11.64 18.79
CA PRO D 134 -24.45 -11.29 19.99
C PRO D 134 -25.48 -10.16 19.79
N TRP D 135 -26.35 -10.01 20.78
CA TRP D 135 -27.47 -9.07 20.75
C TRP D 135 -27.12 -7.60 20.94
N ASN D 136 -25.93 -7.30 21.47
CA ASN D 136 -25.58 -5.92 21.88
C ASN D 136 -25.44 -4.90 20.74
N PHE D 137 -24.93 -5.33 19.61
CA PHE D 137 -24.95 -4.54 18.38
C PHE D 137 -25.44 -5.44 17.27
N PRO D 138 -26.76 -5.66 17.19
CA PRO D 138 -27.23 -6.72 16.29
C PRO D 138 -26.96 -6.46 14.80
N TYR D 139 -26.86 -5.21 14.37
CA TYR D 139 -26.54 -4.96 12.96
C TYR D 139 -25.03 -4.89 12.74
N TYR D 140 -24.35 -4.12 13.57
CA TYR D 140 -22.94 -3.87 13.38
C TYR D 140 -22.08 -5.14 13.52
N GLN D 141 -22.44 -6.04 14.43
CA GLN D 141 -21.75 -7.33 14.57
C GLN D 141 -21.81 -8.18 13.28
N LEU D 142 -22.96 -8.12 12.59
CA LEU D 142 -23.15 -8.87 11.35
C LEU D 142 -22.39 -8.26 10.19
N ALA D 143 -22.46 -6.94 10.07
CA ALA D 143 -21.76 -6.21 9.03
C ALA D 143 -20.23 -6.39 9.11
N ARG D 144 -19.69 -6.49 10.31
CA ARG D 144 -18.23 -6.64 10.50
C ARG D 144 -17.72 -7.93 9.92
N VAL D 145 -18.62 -8.90 9.81
CA VAL D 145 -18.30 -10.21 9.29
C VAL D 145 -18.71 -10.30 7.81
N ALA D 146 -19.94 -9.88 7.51
CA ALA D 146 -20.52 -10.05 6.18
C ALA D 146 -19.90 -9.12 5.14
N GLY D 147 -19.61 -7.88 5.54
CA GLY D 147 -18.93 -6.91 4.68
C GLY D 147 -17.65 -7.42 4.03
N PRO D 148 -16.61 -7.70 4.84
CA PRO D 148 -15.34 -8.19 4.29
C PRO D 148 -15.44 -9.57 3.60
N ASN D 149 -16.21 -10.47 4.19
CA ASN D 149 -16.32 -11.84 3.71
C ASN D 149 -17.09 -12.01 2.42
N LEU D 150 -18.23 -11.36 2.32
CA LEU D 150 -18.95 -11.25 1.05
C LEU D 150 -18.11 -10.63 -0.07
N ALA D 152 -14.86 -10.52 -0.27
CA ALA D 152 -13.80 -11.47 -0.55
C ALA D 152 -14.28 -12.59 -1.46
N GLY D 153 -15.61 -12.78 -1.52
CA GLY D 153 -16.22 -13.84 -2.35
C GLY D 153 -16.57 -15.09 -1.56
N ASN D 154 -16.50 -14.98 -0.23
CA ASN D 154 -17.08 -15.99 0.67
C ASN D 154 -18.58 -15.75 0.76
N VAL D 155 -19.31 -16.79 1.15
CA VAL D 155 -20.72 -16.68 1.51
C VAL D 155 -20.88 -16.90 3.01
N VAL D 156 -22.01 -16.47 3.57
CA VAL D 156 -22.17 -16.42 5.02
C VAL D 156 -23.44 -17.10 5.50
N ILE D 157 -23.31 -17.86 6.57
CA ILE D 157 -24.43 -18.36 7.34
C ILE D 157 -24.28 -17.71 8.71
N ALA D 158 -25.28 -16.96 9.14
CA ALA D 158 -25.17 -16.23 10.41
C ALA D 158 -26.17 -16.75 11.43
N LYS D 159 -25.68 -17.12 12.60
CA LYS D 159 -26.56 -17.51 13.71
C LYS D 159 -26.54 -16.39 14.75
N HIS D 160 -27.66 -15.68 14.85
CA HIS D 160 -27.76 -14.57 15.78
C HIS D 160 -28.23 -14.94 17.20
N ALA D 161 -28.01 -14.03 18.14
CA ALA D 161 -28.48 -14.19 19.50
C ALA D 161 -30.00 -14.41 19.46
N PRO D 162 -30.53 -15.26 20.35
CA PRO D 162 -31.92 -15.69 20.28
C PRO D 162 -32.94 -14.59 20.59
N ASN D 163 -32.48 -13.46 21.11
CA ASN D 163 -33.34 -12.33 21.45
C ASN D 163 -33.42 -11.21 20.39
N VAL D 164 -32.69 -11.35 19.29
CA VAL D 164 -32.79 -10.34 18.20
C VAL D 164 -33.12 -10.97 16.84
N PRO D 165 -34.14 -11.86 16.77
CA PRO D 165 -34.39 -12.59 15.52
C PRO D 165 -34.90 -11.69 14.38
N GLN D 166 -35.63 -10.61 14.70
CA GLN D 166 -36.11 -9.69 13.67
C GLN D 166 -34.99 -8.82 13.07
N CYS D 167 -34.03 -8.41 13.91
CA CYS D 167 -32.81 -7.78 13.43
C CYS D 167 -32.08 -8.74 12.49
N ALA D 168 -32.01 -9.99 12.90
CA ALA D 168 -31.37 -11.04 12.09
C ALA D 168 -32.04 -11.18 10.72
N LEU D 169 -33.38 -11.25 10.72
CA LEU D 169 -34.14 -11.44 9.46
C LEU D 169 -34.12 -10.19 8.59
N ALA D 170 -34.10 -9.02 9.21
CA ALA D 170 -34.02 -7.75 8.47
C ALA D 170 -32.64 -7.60 7.82
N PHE D 171 -31.61 -8.11 8.47
CA PHE D 171 -30.26 -8.05 7.90
C PHE D 171 -30.12 -9.02 6.71
N GLU D 172 -30.64 -10.23 6.87
CA GLU D 172 -30.82 -11.12 5.74
C GLU D 172 -31.59 -10.46 4.58
N LYS D 173 -32.74 -9.85 4.89
CA LYS D 173 -33.64 -9.24 3.90
C LYS D 173 -32.97 -8.08 3.14
N LEU D 174 -32.17 -7.32 3.87
CA LEU D 174 -31.40 -6.21 3.32
C LEU D 174 -30.56 -6.59 2.10
N PHE D 175 -29.88 -7.72 2.20
CA PHE D 175 -29.03 -8.25 1.14
C PHE D 175 -29.84 -8.80 -0.04
N HIS D 176 -30.98 -9.42 0.26
CA HIS D 176 -31.97 -9.80 -0.76
C HIS D 176 -32.45 -8.57 -1.54
N ASP D 177 -32.85 -7.53 -0.81
CA ASP D 177 -33.25 -6.25 -1.40
C ASP D 177 -32.11 -5.58 -2.15
N ALA D 178 -30.87 -5.74 -1.66
CA ALA D 178 -29.67 -5.25 -2.36
C ALA D 178 -29.36 -5.99 -3.68
N GLY D 179 -29.96 -7.16 -3.89
CA GLY D 179 -29.67 -7.96 -5.09
C GLY D 179 -28.76 -9.16 -4.94
N ALA D 180 -28.40 -9.51 -3.70
CA ALA D 180 -27.63 -10.75 -3.51
C ALA D 180 -28.52 -11.94 -3.90
N PRO D 181 -27.92 -13.00 -4.50
CA PRO D 181 -28.73 -14.20 -4.70
C PRO D 181 -29.02 -14.84 -3.36
N VAL D 182 -30.10 -15.60 -3.29
CA VAL D 182 -30.45 -16.33 -2.08
C VAL D 182 -29.32 -17.33 -1.81
N GLY D 183 -28.79 -17.32 -0.59
CA GLY D 183 -27.68 -18.19 -0.24
C GLY D 183 -26.32 -17.53 -0.12
N ALA D 184 -26.18 -16.31 -0.61
CA ALA D 184 -24.93 -15.56 -0.40
C ALA D 184 -24.83 -15.18 1.07
N TYR D 185 -25.94 -14.69 1.61
CA TYR D 185 -26.04 -14.35 3.04
C TYR D 185 -27.32 -14.96 3.57
N ALA D 186 -27.22 -15.75 4.64
CA ALA D 186 -28.40 -16.43 5.18
C ALA D 186 -28.41 -16.45 6.70
N ASN D 187 -29.58 -16.17 7.25
CA ASN D 187 -29.86 -16.33 8.67
C ASN D 187 -30.15 -17.79 8.93
N ILE D 188 -29.82 -18.24 10.14
CA ILE D 188 -30.19 -19.57 10.63
C ILE D 188 -30.55 -19.53 12.12
N PHE D 189 -31.65 -20.19 12.45
CA PHE D 189 -32.12 -20.29 13.81
C PHE D 189 -31.76 -21.71 14.30
N LEU D 190 -30.78 -21.82 15.17
CA LEU D 190 -30.28 -23.13 15.63
C LEU D 190 -30.16 -23.21 17.13
N ASP D 191 -30.33 -24.43 17.66
CA ASP D 191 -29.96 -24.74 19.04
C ASP D 191 -28.45 -25.00 19.14
N ASN D 192 -27.90 -25.06 20.34
CA ASN D 192 -26.45 -25.19 20.49
C ASN D 192 -25.88 -26.44 19.86
N ASP D 193 -26.65 -27.52 19.90
CA ASP D 193 -26.22 -28.83 19.41
C ASP D 193 -26.25 -28.91 17.89
N GLN D 194 -27.25 -28.26 17.29
CA GLN D 194 -27.31 -28.09 15.84
C GLN D 194 -26.13 -27.26 15.35
N SER D 195 -25.73 -26.27 16.14
CA SER D 195 -24.63 -25.38 15.77
C SER D 195 -23.29 -26.12 15.71
N ALA D 196 -23.08 -26.98 16.69
CA ALA D 196 -21.92 -27.87 16.78
C ALA D 196 -21.81 -28.78 15.58
N GLU D 197 -22.94 -29.33 15.15
CA GLU D 197 -23.06 -30.14 13.93
C GLU D 197 -22.79 -29.37 12.65
N LEU D 198 -23.27 -28.13 12.56
CA LEU D 198 -22.91 -27.26 11.45
C LEU D 198 -21.38 -26.99 11.41
N ILE D 199 -20.78 -26.79 12.58
CA ILE D 199 -19.33 -26.63 12.67
C ILE D 199 -18.56 -27.85 12.12
N LYS D 200 -19.09 -29.06 12.34
CA LYS D 200 -18.46 -30.30 11.83
C LYS D 200 -18.64 -30.50 10.31
N ASP D 201 -19.60 -29.82 9.69
CA ASP D 201 -19.80 -29.89 8.21
C ASP D 201 -18.54 -29.41 7.44
N GLU D 202 -17.96 -30.30 6.63
CA GLU D 202 -16.73 -30.03 5.84
C GLU D 202 -16.83 -28.77 4.97
N ARG D 203 -18.06 -28.38 4.62
CA ARG D 203 -18.26 -27.22 3.72
C ARG D 203 -18.08 -25.86 4.43
N ILE D 204 -18.19 -25.85 5.76
CA ILE D 204 -17.95 -24.66 6.57
C ILE D 204 -16.45 -24.50 6.70
N ARG D 205 -15.93 -23.37 6.22
CA ARG D 205 -14.49 -23.20 6.11
C ARG D 205 -13.93 -22.25 7.16
N GLY D 206 -14.81 -21.64 7.94
CA GLY D 206 -14.37 -20.70 8.99
C GLY D 206 -15.50 -20.44 9.97
N VAL D 207 -15.15 -20.13 11.22
CA VAL D 207 -16.16 -19.81 12.24
C VAL D 207 -15.75 -18.49 12.90
N ALA D 208 -16.67 -17.52 12.86
CA ALA D 208 -16.45 -16.25 13.53
C ALA D 208 -17.40 -16.13 14.71
N LEU D 209 -16.85 -15.84 15.88
CA LEU D 209 -17.68 -15.66 17.05
C LEU D 209 -17.36 -14.38 17.83
N THR D 210 -18.40 -13.61 18.11
CA THR D 210 -18.37 -12.60 19.14
C THR D 210 -19.36 -13.04 20.22
N GLY D 211 -18.88 -13.13 21.47
CA GLY D 211 -19.70 -13.60 22.57
C GLY D 211 -18.93 -13.78 23.87
N SER D 212 -19.41 -14.68 24.73
CA SER D 212 -18.80 -14.85 26.05
C SER D 212 -17.65 -15.82 26.02
N GLU D 213 -16.85 -15.78 27.09
CA GLU D 213 -15.79 -16.75 27.34
C GLU D 213 -16.31 -18.18 27.23
N ARG D 214 -17.40 -18.47 27.94
CA ARG D 214 -17.94 -19.83 27.93
C ARG D 214 -18.42 -20.29 26.55
N ALA D 215 -18.97 -19.34 25.78
CA ALA D 215 -19.39 -19.58 24.40
C ALA D 215 -18.18 -19.88 23.52
N GLY D 216 -17.14 -19.07 23.68
CA GLY D 216 -15.91 -19.21 22.91
C GLY D 216 -15.12 -20.47 23.16
N GLN D 217 -15.03 -20.88 24.43
CA GLN D 217 -14.33 -22.12 24.82
C GLN D 217 -14.89 -23.33 24.03
N ALA D 218 -16.23 -23.42 23.99
CA ALA D 218 -16.93 -24.50 23.28
C ALA D 218 -16.73 -24.45 21.74
N VAL D 219 -17.08 -23.31 21.15
CA VAL D 219 -16.99 -23.09 19.71
C VAL D 219 -15.54 -23.19 19.18
N ALA D 220 -14.58 -22.58 19.87
CA ALA D 220 -13.18 -22.71 19.48
C ALA D 220 -12.66 -24.16 19.51
N ALA D 221 -13.02 -24.91 20.57
CA ALA D 221 -12.65 -26.32 20.67
C ALA D 221 -13.24 -27.14 19.54
N GLN D 222 -14.51 -26.88 19.24
CA GLN D 222 -15.24 -27.49 18.12
C GLN D 222 -14.58 -27.18 16.77
N ALA D 223 -14.23 -25.91 16.57
CA ALA D 223 -13.62 -25.46 15.34
C ALA D 223 -12.25 -26.12 15.24
N GLY D 224 -11.54 -26.17 16.37
CA GLY D 224 -10.26 -26.88 16.43
C GLY D 224 -10.40 -28.35 16.08
N ALA D 225 -11.30 -29.06 16.75
CA ALA D 225 -11.53 -30.49 16.45
C ALA D 225 -11.88 -30.72 14.98
N ALA D 226 -12.63 -29.78 14.39
CA ALA D 226 -13.01 -29.90 12.99
C ALA D 226 -11.97 -29.35 11.99
N LEU D 227 -10.83 -28.85 12.49
CA LEU D 227 -9.68 -28.45 11.64
C LEU D 227 -9.96 -27.25 10.71
N LYS D 228 -10.54 -26.20 11.28
CA LYS D 228 -10.85 -24.98 10.52
C LYS D 228 -10.55 -23.71 11.32
N LYS D 229 -10.20 -22.66 10.58
CA LYS D 229 -9.98 -21.32 11.12
C LYS D 229 -11.13 -20.84 12.01
N ASP D 230 -10.78 -20.21 13.13
CA ASP D 230 -11.77 -19.45 13.89
C ASP D 230 -11.24 -18.09 14.33
N THR D 231 -12.14 -17.13 14.49
CA THR D 231 -11.81 -15.88 15.18
C THR D 231 -12.73 -15.75 16.37
N GLU D 233 -13.90 -13.05 19.36
CA GLU D 233 -13.96 -11.76 20.01
C GLU D 233 -14.78 -11.91 21.27
N LEU D 234 -14.10 -11.97 22.39
CA LEU D 234 -14.75 -12.31 23.64
C LEU D 234 -14.87 -11.06 24.52
N GLY D 235 -15.21 -11.23 25.79
CA GLY D 235 -15.43 -10.04 26.62
C GLY D 235 -14.22 -9.14 26.82
N GLY D 236 -14.45 -8.01 27.47
CA GLY D 236 -13.35 -7.16 27.93
C GLY D 236 -13.59 -6.64 29.33
N SER D 237 -12.52 -6.20 29.99
CA SER D 237 -12.69 -5.36 31.16
C SER D 237 -11.69 -4.24 31.03
N ASP D 238 -11.93 -3.42 30.02
CA ASP D 238 -11.00 -2.41 29.56
C ASP D 238 -10.64 -1.37 30.61
N ALA D 239 -9.34 -1.11 30.72
CA ALA D 239 -8.81 0.00 31.51
C ALA D 239 -9.12 1.34 30.86
N PHE D 240 -9.42 2.33 31.70
CA PHE D 240 -9.66 3.68 31.25
C PHE D 240 -8.79 4.58 32.14
N ILE D 241 -7.62 4.95 31.62
CA ILE D 241 -6.59 5.50 32.48
C ILE D 241 -6.55 7.02 32.35
N VAL D 242 -6.58 7.67 33.52
CA VAL D 242 -6.57 9.13 33.60
C VAL D 242 -5.36 9.56 34.44
N LEU D 243 -4.36 10.13 33.76
CA LEU D 243 -3.14 10.65 34.40
C LEU D 243 -3.39 11.98 35.08
N ASP D 244 -2.44 12.41 35.91
CA ASP D 244 -2.51 13.66 36.65
C ASP D 244 -2.59 14.88 35.75
N ASP D 245 -2.04 14.77 34.54
CA ASP D 245 -2.04 15.91 33.63
C ASP D 245 -3.12 15.76 32.55
N ALA D 246 -4.13 14.94 32.81
CA ALA D 246 -5.24 14.78 31.86
C ALA D 246 -6.10 16.06 31.74
N ASP D 247 -6.78 16.24 30.60
CA ASP D 247 -7.89 17.18 30.51
C ASP D 247 -9.06 16.49 31.21
N LEU D 248 -9.24 16.85 32.49
CA LEU D 248 -10.14 16.14 33.40
C LEU D 248 -11.60 16.18 32.96
N ASP D 249 -12.01 17.35 32.51
CA ASP D 249 -13.30 17.55 31.88
C ASP D 249 -13.57 16.65 30.66
N LEU D 250 -12.56 16.54 29.80
CA LEU D 250 -12.65 15.71 28.61
C LEU D 250 -12.68 14.22 28.98
N ALA D 251 -11.90 13.85 29.99
CA ALA D 251 -11.77 12.48 30.45
C ALA D 251 -13.10 11.98 31.01
N VAL D 252 -13.80 12.85 31.74
CA VAL D 252 -15.11 12.55 32.33
C VAL D 252 -16.14 12.34 31.22
N LYS D 253 -16.19 13.25 30.25
CA LYS D 253 -17.14 13.11 29.15
C LYS D 253 -16.98 11.76 28.42
N TRP D 254 -15.72 11.37 28.18
CA TRP D 254 -15.46 10.14 27.45
C TRP D 254 -15.69 8.90 28.31
N ALA D 255 -15.43 9.02 29.61
CA ALA D 255 -15.71 7.97 30.60
C ALA D 255 -17.19 7.63 30.62
N VAL D 256 -18.01 8.68 30.66
CA VAL D 256 -19.43 8.56 30.72
C VAL D 256 -19.94 7.83 29.51
N TRP D 257 -19.49 8.25 28.32
CA TRP D 257 -19.88 7.61 27.08
C TRP D 257 -19.34 6.18 27.03
N GLY D 258 -18.06 6.02 27.36
CA GLY D 258 -17.38 4.74 27.39
C GLY D 258 -18.04 3.70 28.29
N ARG D 259 -18.43 4.10 29.49
CA ARG D 259 -19.08 3.14 30.39
C ARG D 259 -20.61 3.02 30.19
N PHE D 260 -21.28 4.12 29.82
CA PHE D 260 -22.74 4.13 29.84
C PHE D 260 -23.48 4.13 28.51
N ALA D 261 -22.77 4.36 27.39
CA ALA D 261 -23.37 4.15 26.06
C ALA D 261 -23.83 2.70 25.95
N ASN D 262 -25.02 2.49 25.38
CA ASN D 262 -25.66 1.15 25.30
C ASN D 262 -25.86 0.54 26.69
N ASN D 263 -26.07 1.38 27.69
CA ASN D 263 -26.11 0.92 29.10
C ASN D 263 -24.91 0.05 29.50
N GLY D 264 -23.73 0.34 28.94
CA GLY D 264 -22.50 -0.40 29.25
C GLY D 264 -22.46 -1.85 28.74
N GLN D 265 -23.39 -2.20 27.86
CA GLN D 265 -23.44 -3.54 27.28
C GLN D 265 -22.55 -3.59 26.02
N VAL D 266 -21.25 -3.37 26.26
CA VAL D 266 -20.26 -3.15 25.20
C VAL D 266 -18.99 -3.88 25.61
N CYS D 267 -18.46 -4.72 24.72
CA CYS D 267 -17.26 -5.50 25.11
C CYS D 267 -16.14 -4.54 25.39
N THR D 268 -16.23 -3.41 24.74
CA THR D 268 -15.22 -2.38 24.68
C THR D 268 -15.56 -1.25 25.66
N ALA D 269 -16.49 -1.51 26.60
CA ALA D 269 -16.83 -0.49 27.59
C ALA D 269 -15.63 -0.16 28.49
N ALA D 270 -15.58 1.08 28.96
CA ALA D 270 -14.64 1.53 29.98
C ALA D 270 -15.04 0.90 31.33
N LYS D 271 -14.64 -0.35 31.56
CA LYS D 271 -15.07 -1.12 32.73
C LYS D 271 -14.21 -0.90 33.97
N ARG D 272 -12.94 -0.55 33.78
CA ARG D 272 -12.04 -0.25 34.91
C ARG D 272 -11.38 1.10 34.76
N ILE D 274 -9.18 3.91 35.97
CA ILE D 274 -7.97 3.94 36.80
C ILE D 274 -7.45 5.35 36.72
N VAL D 275 -7.52 6.04 37.86
CA VAL D 275 -7.40 7.49 37.89
C VAL D 275 -6.31 7.92 38.87
N HIS D 276 -5.36 8.71 38.38
CA HIS D 276 -4.35 9.30 39.24
C HIS D 276 -4.95 10.05 40.44
N GLU D 277 -4.53 9.68 41.64
CA GLU D 277 -5.01 10.28 42.90
C GLU D 277 -5.11 11.81 42.90
N LYS D 278 -4.28 12.49 42.11
CA LYS D 278 -4.31 13.96 42.10
C LYS D 278 -5.56 14.53 41.45
N VAL D 279 -6.17 13.77 40.53
CA VAL D 279 -7.44 14.15 39.89
C VAL D 279 -8.63 13.21 40.22
N TYR D 280 -8.42 12.26 41.13
CA TYR D 280 -9.43 11.24 41.48
C TYR D 280 -10.75 11.84 41.92
N ASP D 281 -10.69 12.77 42.89
CA ASP D 281 -11.89 13.38 43.43
C ASP D 281 -12.63 14.22 42.38
N ALA D 282 -11.89 14.95 41.55
CA ALA D 282 -12.55 15.72 40.49
C ALA D 282 -13.26 14.80 39.51
N PHE D 283 -12.57 13.71 39.14
CA PHE D 283 -13.12 12.73 38.20
C PHE D 283 -14.38 12.06 38.73
N LEU D 284 -14.32 11.54 39.95
CA LEU D 284 -15.43 10.87 40.60
C LEU D 284 -16.64 11.77 40.69
N ASP D 285 -16.40 13.02 41.11
CA ASP D 285 -17.48 13.97 41.28
C ASP D 285 -18.07 14.39 39.90
N GLY D 286 -17.23 14.46 38.86
CA GLY D 286 -17.74 14.67 37.49
C GLY D 286 -18.57 13.51 36.98
N LEU D 287 -18.11 12.29 37.25
CA LEU D 287 -18.91 11.07 37.03
C LEU D 287 -20.30 11.12 37.67
N LYS D 288 -20.35 11.43 38.96
CA LYS D 288 -21.61 11.55 39.69
C LYS D 288 -22.57 12.55 39.04
N THR D 289 -22.08 13.76 38.81
CA THR D 289 -22.87 14.81 38.17
C THR D 289 -23.38 14.35 36.79
N ALA D 290 -22.50 13.83 35.94
CA ALA D 290 -22.88 13.49 34.57
C ALA D 290 -23.99 12.44 34.47
N ILE D 291 -24.02 11.49 35.39
CA ILE D 291 -25.06 10.46 35.31
C ILE D 291 -26.47 10.91 35.70
N THR D 292 -26.57 12.03 36.44
CA THR D 292 -27.86 12.60 36.79
C THR D 292 -28.53 13.26 35.58
N ARG D 293 -27.77 13.48 34.51
CA ARG D 293 -28.25 14.15 33.30
C ARG D 293 -28.76 13.20 32.22
N PHE D 294 -28.68 11.90 32.49
CA PHE D 294 -29.25 10.88 31.60
C PHE D 294 -30.75 11.11 31.53
N ARG D 295 -31.31 10.89 30.34
CA ARG D 295 -32.75 10.85 30.16
C ARG D 295 -33.11 9.39 29.89
N ILE D 296 -33.51 8.69 30.94
CA ILE D 296 -33.79 7.26 30.89
C ILE D 296 -35.27 6.97 30.63
N GLY D 297 -35.56 6.19 29.60
CA GLY D 297 -36.96 5.93 29.24
C GLY D 297 -37.14 5.07 28.02
N ASN D 298 -38.30 5.22 27.37
CA ASN D 298 -38.70 4.51 26.15
C ASN D 298 -37.67 4.78 25.07
N PRO D 299 -36.92 3.76 24.67
CA PRO D 299 -35.81 3.98 23.74
C PRO D 299 -36.23 4.49 22.35
N LEU D 300 -37.48 4.29 21.97
CA LEU D 300 -38.03 4.85 20.73
C LEU D 300 -38.35 6.36 20.85
N ASP D 301 -38.40 6.89 22.06
CA ASP D 301 -38.75 8.30 22.30
C ASP D 301 -37.65 9.27 21.88
N ARG D 302 -37.99 10.55 21.97
CA ARG D 302 -37.18 11.63 21.39
C ARG D 302 -35.97 11.93 22.24
N ASP D 303 -36.26 12.44 23.43
CA ASP D 303 -35.26 12.90 24.35
C ASP D 303 -34.49 11.75 25.03
N THR D 304 -34.77 10.48 24.69
CA THR D 304 -34.20 9.34 25.43
C THR D 304 -32.72 9.11 25.14
N THR D 305 -31.90 9.15 26.21
CA THR D 305 -30.47 8.85 26.10
C THR D 305 -30.11 7.41 26.45
N HIS D 306 -30.90 6.77 27.31
CA HIS D 306 -30.65 5.41 27.79
C HIS D 306 -31.95 4.62 27.92
N GLY D 307 -32.07 3.52 27.21
CA GLY D 307 -33.25 2.66 27.34
C GLY D 307 -33.12 1.65 28.47
N PRO D 308 -33.96 0.60 28.49
CA PRO D 308 -33.69 -0.40 29.52
C PRO D 308 -32.48 -1.27 29.18
N SER D 310 -31.26 -5.03 28.11
CA SER D 310 -31.76 -5.86 27.02
C SER D 310 -32.69 -6.97 27.47
N SER D 311 -32.56 -7.40 28.73
CA SER D 311 -33.33 -8.52 29.23
C SER D 311 -33.39 -8.53 30.76
N LEU D 312 -34.31 -9.32 31.30
CA LEU D 312 -34.36 -9.53 32.75
C LEU D 312 -33.01 -10.07 33.24
N ARG D 313 -32.50 -11.08 32.53
CA ARG D 313 -31.20 -11.70 32.77
C ARG D 313 -30.04 -10.69 32.86
N ALA D 314 -29.86 -9.86 31.83
CA ALA D 314 -28.80 -8.86 31.83
C ALA D 314 -28.91 -7.85 32.99
N GLU D 316 -30.55 -8.45 35.96
CA GLU D 316 -30.28 -9.21 37.21
C GLU D 316 -28.80 -9.51 37.47
N LEU D 317 -28.05 -9.75 36.40
CA LEU D 317 -26.62 -10.02 36.57
C LEU D 317 -25.85 -8.77 37.05
N ALA D 318 -26.09 -7.61 36.43
CA ALA D 318 -25.40 -6.37 36.80
C ALA D 318 -25.79 -5.88 38.20
N LEU D 319 -27.04 -6.08 38.58
CA LEU D 319 -27.50 -5.78 39.93
C LEU D 319 -26.85 -6.72 40.95
N ASP D 320 -26.76 -8.02 40.63
CA ASP D 320 -26.12 -8.99 41.51
C ASP D 320 -24.59 -8.79 41.60
N GLN D 321 -23.96 -8.41 40.48
CA GLN D 321 -22.52 -8.07 40.50
C GLN D 321 -22.27 -6.86 41.39
N THR D 322 -23.17 -5.86 41.34
CA THR D 322 -23.11 -4.66 42.19
C THR D 322 -23.25 -5.06 43.68
N ALA D 323 -24.16 -6.00 43.97
CA ALA D 323 -24.39 -6.42 45.35
C ALA D 323 -23.24 -7.29 45.86
N GLU D 324 -22.62 -8.05 44.95
CA GLU D 324 -21.45 -8.88 45.24
C GLU D 324 -20.27 -7.98 45.60
N ALA D 325 -20.11 -6.92 44.81
CA ALA D 325 -19.04 -5.96 44.99
C ALA D 325 -19.11 -5.22 46.33
N VAL D 326 -20.31 -4.74 46.69
CA VAL D 326 -20.54 -4.03 47.96
C VAL D 326 -20.21 -4.93 49.18
N LYS D 327 -20.77 -6.14 49.23
CA LYS D 327 -20.51 -7.04 50.37
C LYS D 327 -19.02 -7.43 50.44
N GLY D 328 -18.36 -7.36 49.29
CA GLY D 328 -16.93 -7.62 49.21
C GLY D 328 -16.10 -6.46 49.71
N GLY D 329 -16.73 -5.31 49.94
CA GLY D 329 -16.03 -4.15 50.48
C GLY D 329 -16.14 -2.85 49.71
N ALA D 330 -16.65 -2.92 48.48
CA ALA D 330 -16.79 -1.73 47.64
C ALA D 330 -17.78 -0.73 48.22
N THR D 331 -17.57 0.54 47.89
CA THR D 331 -18.52 1.59 48.27
C THR D 331 -19.50 1.80 47.13
N LEU D 332 -20.78 1.82 47.46
CA LEU D 332 -21.82 2.17 46.51
C LEU D 332 -22.00 3.68 46.52
N VAL D 333 -21.53 4.33 45.45
CA VAL D 333 -21.52 5.79 45.35
C VAL D 333 -22.81 6.36 44.73
N ALA D 334 -23.38 5.63 43.78
CA ALA D 334 -24.63 5.99 43.13
C ALA D 334 -25.30 4.72 42.60
N GLY D 335 -26.62 4.78 42.40
CA GLY D 335 -27.40 3.69 41.82
C GLY D 335 -27.46 2.41 42.65
N GLY D 336 -27.41 1.27 41.98
CA GLY D 336 -27.41 -0.03 42.64
C GLY D 336 -28.77 -0.72 42.74
N LYS D 337 -29.83 -0.05 42.29
CA LYS D 337 -31.19 -0.61 42.37
C LYS D 337 -31.93 -0.65 41.03
N ARG D 338 -32.91 -1.54 40.95
CA ARG D 338 -33.90 -1.51 39.88
C ARG D 338 -34.61 -0.14 39.90
N ASP D 340 -38.06 1.88 39.56
CA ASP D 340 -39.45 1.61 39.86
C ASP D 340 -40.37 2.00 38.70
N ARG D 341 -40.42 1.13 37.68
CA ARG D 341 -41.25 1.29 36.48
C ARG D 341 -41.21 0.03 35.62
N LYS D 342 -42.20 -0.11 34.74
CA LYS D 342 -42.26 -1.22 33.78
C LYS D 342 -41.05 -1.23 32.82
N GLY D 343 -40.54 -2.43 32.53
CA GLY D 343 -39.32 -2.56 31.74
C GLY D 343 -38.10 -2.76 32.61
N PHE D 344 -37.09 -3.40 32.03
CA PHE D 344 -35.84 -3.73 32.72
C PHE D 344 -34.85 -2.55 32.86
N PHE D 345 -35.29 -1.50 33.56
CA PHE D 345 -34.50 -0.29 33.81
C PHE D 345 -33.80 -0.39 35.14
N GLU D 347 -30.82 1.75 37.72
CA GLU D 347 -30.11 2.99 37.99
C GLU D 347 -28.66 2.90 37.52
N PRO D 348 -28.18 3.97 36.85
CA PRO D 348 -26.75 4.06 36.58
C PRO D 348 -25.99 4.04 37.90
N THR D 349 -24.88 3.31 37.93
CA THR D 349 -24.25 2.94 39.17
C THR D 349 -22.76 3.24 39.13
N ILE D 350 -22.21 3.66 40.27
CA ILE D 350 -20.78 3.89 40.43
C ILE D 350 -20.31 3.15 41.69
N LEU D 351 -19.20 2.44 41.54
CA LEU D 351 -18.55 1.76 42.64
C LEU D 351 -17.12 2.22 42.81
N THR D 352 -16.69 2.34 44.05
CA THR D 352 -15.31 2.70 44.40
C THR D 352 -14.82 1.68 45.43
N ASP D 353 -13.51 1.71 45.75
CA ASP D 353 -12.90 0.83 46.75
C ASP D 353 -13.09 -0.66 46.40
N VAL D 354 -13.03 -0.97 45.10
CA VAL D 354 -13.04 -2.34 44.63
C VAL D 354 -11.58 -2.76 44.68
N SER D 355 -11.20 -3.55 45.69
CA SER D 355 -9.83 -4.00 45.83
C SER D 355 -9.54 -5.26 45.02
N LYS D 356 -8.25 -5.61 44.95
CA LYS D 356 -7.77 -6.81 44.28
C LYS D 356 -8.49 -8.10 44.73
N ASP D 357 -8.97 -8.10 45.98
CA ASP D 357 -9.65 -9.25 46.59
C ASP D 357 -11.16 -9.29 46.38
N ASN D 358 -11.71 -8.20 45.82
CA ASN D 358 -13.15 -8.08 45.64
C ASN D 358 -13.64 -9.08 44.58
N PRO D 359 -14.76 -9.79 44.88
CA PRO D 359 -15.26 -10.83 43.98
C PRO D 359 -15.60 -10.32 42.57
N VAL D 360 -15.66 -9.01 42.41
CA VAL D 360 -15.97 -8.36 41.15
C VAL D 360 -14.71 -7.88 40.41
N PHE D 361 -13.57 -7.85 41.11
CA PHE D 361 -12.29 -7.35 40.56
C PHE D 361 -11.94 -7.86 39.15
N TYR D 362 -12.18 -9.16 38.90
CA TYR D 362 -11.84 -9.76 37.61
C TYR D 362 -13.04 -10.04 36.72
N GLN D 363 -14.22 -9.60 37.17
CA GLN D 363 -15.45 -9.88 36.45
C GLN D 363 -15.69 -8.87 35.32
N GLU D 364 -16.36 -9.33 34.27
CA GLU D 364 -16.87 -8.41 33.26
C GLU D 364 -18.26 -7.95 33.71
N ILE D 365 -18.42 -6.64 33.92
CA ILE D 365 -19.72 -6.08 34.26
C ILE D 365 -20.34 -5.40 33.05
N PHE D 366 -21.31 -6.12 32.48
CA PHE D 366 -21.88 -5.82 31.18
C PHE D 366 -23.18 -5.09 31.45
N GLY D 367 -23.05 -3.89 32.02
CA GLY D 367 -24.18 -3.07 32.44
C GLY D 367 -23.72 -1.69 32.89
N PRO D 368 -24.67 -0.82 33.28
CA PRO D 368 -24.30 0.56 33.59
C PRO D 368 -23.72 0.69 35.01
N VAL D 369 -22.51 0.16 35.22
CA VAL D 369 -21.88 0.15 36.52
C VAL D 369 -20.40 0.54 36.43
N ALA D 370 -20.09 1.81 36.72
CA ALA D 370 -18.69 2.28 36.76
C ALA D 370 -17.93 1.70 37.96
N VAL D 371 -16.71 1.22 37.73
CA VAL D 371 -15.78 0.89 38.82
C VAL D 371 -14.56 1.83 38.73
N VAL D 372 -14.35 2.58 39.80
CA VAL D 372 -13.34 3.63 39.80
C VAL D 372 -12.23 3.32 40.82
N HIS D 373 -10.99 3.21 40.32
CA HIS D 373 -9.81 2.93 41.14
C HIS D 373 -8.87 4.13 41.23
N LYS D 374 -8.24 4.26 42.38
CA LYS D 374 -7.29 5.32 42.64
C LYS D 374 -5.88 4.76 42.59
N VAL D 375 -5.00 5.37 41.79
CA VAL D 375 -3.58 4.98 41.80
C VAL D 375 -2.63 6.15 42.10
N ALA D 376 -1.43 5.82 42.62
CA ALA D 376 -0.46 6.83 43.03
C ALA D 376 0.39 7.35 41.87
N SER D 377 0.47 6.59 40.78
CA SER D 377 1.39 6.84 39.68
C SER D 377 0.95 6.19 38.38
N GLU D 378 1.67 6.53 37.30
CA GLU D 378 1.48 5.90 35.98
C GLU D 378 1.86 4.42 35.99
N GLN D 379 2.90 4.04 36.71
CA GLN D 379 3.32 2.63 36.79
C GLN D 379 2.30 1.77 37.51
N ALA D 380 1.74 2.28 38.59
CA ALA D 380 0.66 1.58 39.28
C ALA D 380 -0.59 1.53 38.40
N ALA D 381 -0.76 2.50 37.52
CA ALA D 381 -1.89 2.51 36.59
C ALA D 381 -1.74 1.41 35.54
N ILE D 382 -0.53 1.26 34.99
CA ILE D 382 -0.16 0.17 34.06
C ILE D 382 -0.27 -1.20 34.70
N ASP D 383 0.22 -1.32 35.92
CA ASP D 383 0.15 -2.56 36.68
C ASP D 383 -1.27 -3.00 36.95
N LEU D 384 -2.13 -2.04 37.30
CA LEU D 384 -3.54 -2.36 37.55
C LEU D 384 -4.30 -2.71 36.29
N ALA D 385 -4.06 -1.95 35.22
CA ALA D 385 -4.65 -2.19 33.92
C ALA D 385 -4.29 -3.59 33.44
N ASN D 386 -3.03 -3.99 33.70
CA ASN D 386 -2.56 -5.32 33.29
C ASN D 386 -2.93 -6.44 34.26
N ASP D 387 -3.48 -6.10 35.43
CA ASP D 387 -3.91 -7.11 36.40
C ASP D 387 -5.33 -7.56 36.03
N SER D 388 -5.42 -8.35 34.96
CA SER D 388 -6.67 -8.64 34.29
C SER D 388 -6.48 -9.87 33.38
N PRO D 389 -7.43 -10.82 33.39
CA PRO D 389 -7.45 -11.90 32.39
C PRO D 389 -7.88 -11.45 30.98
N TYR D 390 -8.28 -10.20 30.86
CA TYR D 390 -8.77 -9.66 29.61
C TYR D 390 -7.71 -8.82 28.92
N GLY D 391 -7.88 -8.56 27.61
CA GLY D 391 -7.04 -7.59 26.92
C GLY D 391 -7.63 -7.10 25.63
N LEU D 392 -8.83 -6.53 25.67
CA LEU D 392 -9.50 -6.13 24.44
C LEU D 392 -9.09 -4.71 23.97
N GLY D 393 -9.61 -3.68 24.64
CA GLY D 393 -9.23 -2.30 24.37
C GLY D 393 -8.68 -1.59 25.58
N GLY D 394 -8.72 -0.25 25.57
CA GLY D 394 -8.03 0.54 26.57
C GLY D 394 -7.93 1.99 26.15
N ALA D 395 -7.85 2.87 27.14
CA ALA D 395 -7.89 4.30 26.91
C ALA D 395 -6.97 4.97 27.91
N VAL D 396 -6.24 5.97 27.42
CA VAL D 396 -5.31 6.78 28.24
C VAL D 396 -5.52 8.26 28.02
N PHE D 397 -5.62 8.99 29.12
CA PHE D 397 -5.86 10.43 29.10
C PHE D 397 -4.72 11.18 29.75
N SER D 398 -4.10 12.06 28.94
CA SER D 398 -2.96 12.94 29.31
C SER D 398 -2.78 13.99 28.23
N ARG D 399 -2.50 15.22 28.63
CA ARG D 399 -2.17 16.28 27.66
C ARG D 399 -0.77 16.10 27.04
N ASP D 400 0.11 15.41 27.74
CA ASP D 400 1.42 15.03 27.26
C ASP D 400 1.20 13.79 26.41
N ILE D 401 1.13 13.97 25.09
CA ILE D 401 0.81 12.89 24.17
C ILE D 401 1.85 11.78 24.19
N ALA D 402 3.12 12.16 24.28
CA ALA D 402 4.19 11.17 24.28
C ALA D 402 4.18 10.32 25.55
N ARG D 403 3.84 10.94 26.68
CA ARG D 403 3.58 10.20 27.91
C ARG D 403 2.47 9.15 27.74
N ALA D 404 1.38 9.53 27.06
CA ALA D 404 0.28 8.62 26.87
C ALA D 404 0.67 7.50 25.91
N GLU D 405 1.48 7.82 24.91
CA GLU D 405 2.01 6.82 23.97
C GLU D 405 2.82 5.72 24.70
N LYS D 406 3.70 6.12 25.62
CA LYS D 406 4.45 5.21 26.50
C LYS D 406 3.54 4.30 27.34
N VAL D 407 2.49 4.87 27.93
CA VAL D 407 1.50 4.08 28.70
C VAL D 407 0.81 3.07 27.77
N ALA D 408 0.43 3.54 26.59
CA ALA D 408 -0.18 2.70 25.58
C ALA D 408 0.70 1.51 25.19
N GLU D 409 2.00 1.73 25.06
CA GLU D 409 2.93 0.65 24.78
C GLU D 409 2.89 -0.44 25.85
N GLN D 410 2.68 -0.06 27.11
CA GLN D 410 2.86 -0.98 28.23
C GLN D 410 1.59 -1.69 28.73
N VAL D 411 0.42 -1.26 28.24
CA VAL D 411 -0.85 -1.88 28.59
C VAL D 411 -1.08 -3.09 27.69
N GLU D 412 -1.41 -4.23 28.31
CA GLU D 412 -1.52 -5.50 27.59
C GLU D 412 -2.93 -5.69 27.03
N THR D 413 -3.22 -4.97 25.94
CA THR D 413 -4.46 -5.09 25.15
C THR D 413 -4.18 -5.01 23.66
N GLY D 414 -5.23 -5.22 22.86
CA GLY D 414 -5.14 -5.15 21.40
C GLY D 414 -5.27 -3.75 20.85
N VAL D 416 -5.41 0.65 22.11
CA VAL D 416 -5.36 1.72 23.10
C VAL D 416 -5.70 3.03 22.42
N PHE D 417 -6.68 3.73 22.97
CA PHE D 417 -7.14 5.05 22.48
C PHE D 417 -6.64 6.13 23.41
N ILE D 418 -6.06 7.18 22.82
CA ILE D 418 -5.44 8.24 23.59
C ILE D 418 -6.28 9.49 23.51
N ASN D 419 -6.74 9.95 24.67
CA ASN D 419 -7.52 11.17 24.84
C ASN D 419 -8.87 11.09 24.21
N THR D 420 -9.32 9.86 24.03
CA THR D 420 -10.64 9.56 23.55
C THR D 420 -10.99 8.15 24.05
N ALA D 421 -12.27 7.82 24.05
CA ALA D 421 -12.70 6.47 24.40
C ALA D 421 -12.57 5.51 23.23
N THR D 422 -12.36 4.24 23.54
CA THR D 422 -12.43 3.18 22.52
C THR D 422 -13.74 3.28 21.73
N ALA D 423 -13.64 3.53 20.43
CA ALA D 423 -14.85 3.77 19.59
C ALA D 423 -14.70 3.22 18.19
N ALA D 424 -15.79 2.65 17.66
CA ALA D 424 -15.73 1.92 16.38
C ALA D 424 -15.49 2.82 15.18
N ALA D 425 -14.74 2.30 14.21
CA ALA D 425 -14.50 2.97 12.94
C ALA D 425 -14.08 1.92 11.90
N PRO D 426 -14.63 2.04 10.67
CA PRO D 426 -14.29 1.10 9.58
C PRO D 426 -12.78 0.94 9.36
N GLU D 427 -12.05 2.07 9.42
CA GLU D 427 -10.62 2.09 9.11
C GLU D 427 -9.76 1.58 10.25
N LEU D 428 -10.36 1.40 11.43
CA LEU D 428 -9.63 0.98 12.62
C LEU D 428 -9.80 -0.52 12.98
N PRO D 429 -8.68 -1.27 13.07
CA PRO D 429 -8.74 -2.71 13.36
C PRO D 429 -9.20 -3.00 14.80
N PHE D 430 -9.86 -4.14 14.97
CA PHE D 430 -10.49 -4.49 16.23
C PHE D 430 -10.07 -5.88 16.71
N GLY D 431 -9.75 -5.98 18.00
CA GLY D 431 -9.39 -7.27 18.56
C GLY D 431 -8.62 -7.13 19.84
N GLY D 432 -8.58 -8.22 20.60
CA GLY D 432 -7.90 -8.24 21.89
C GLY D 432 -6.79 -9.26 21.93
N ILE D 433 -6.25 -9.44 23.13
CA ILE D 433 -5.33 -10.54 23.43
C ILE D 433 -5.81 -11.18 24.73
N LYS D 434 -5.05 -12.14 25.26
CA LYS D 434 -5.42 -12.83 26.49
C LYS D 434 -6.80 -13.49 26.31
N ASN D 435 -7.66 -13.39 27.32
CA ASN D 435 -9.01 -13.99 27.25
C ASN D 435 -10.04 -13.15 26.50
N SER D 436 -9.62 -12.01 25.96
CA SER D 436 -10.52 -11.23 25.12
C SER D 436 -10.63 -11.83 23.71
N GLY D 437 -9.87 -12.90 23.48
CA GLY D 437 -9.87 -13.60 22.21
C GLY D 437 -8.64 -13.30 21.36
N PHE D 438 -8.76 -13.60 20.08
CA PHE D 438 -7.65 -13.51 19.15
C PHE D 438 -8.18 -13.28 17.73
N GLY D 439 -7.46 -12.46 16.97
CA GLY D 439 -7.91 -12.10 15.63
C GLY D 439 -8.26 -10.63 15.51
N ARG D 440 -8.23 -10.15 14.27
CA ARG D 440 -8.49 -8.75 13.97
C ARG D 440 -9.64 -8.60 13.00
N GLU D 441 -10.57 -7.73 13.37
CA GLU D 441 -11.71 -7.39 12.54
C GLU D 441 -11.57 -5.91 12.14
N LEU D 442 -12.24 -5.53 11.06
CA LEU D 442 -12.17 -4.16 10.51
C LEU D 442 -10.76 -3.77 9.99
N SER D 443 -10.69 -2.58 9.37
CA SER D 443 -9.54 -2.13 8.56
C SER D 443 -9.19 -3.12 7.43
N PHE D 444 -8.00 -2.98 6.83
CA PHE D 444 -7.55 -3.94 5.81
C PHE D 444 -7.34 -5.36 6.38
N LEU D 445 -7.16 -5.44 7.70
CA LEU D 445 -6.93 -6.70 8.41
C LEU D 445 -8.13 -7.67 8.45
N GLY D 446 -9.34 -7.13 8.48
CA GLY D 446 -10.54 -7.95 8.62
C GLY D 446 -10.79 -8.88 7.45
N ILE D 447 -10.71 -8.33 6.24
CA ILE D 447 -10.96 -9.05 5.01
C ILE D 447 -9.97 -10.22 4.81
N GLU D 448 -8.85 -10.14 5.51
CA GLU D 448 -7.75 -11.08 5.37
C GLU D 448 -7.91 -12.36 6.19
N GLU D 449 -8.95 -12.44 7.03
CA GLU D 449 -8.98 -13.57 7.95
C GLU D 449 -9.50 -14.93 7.44
N PHE D 450 -10.46 -14.91 6.51
CA PHE D 450 -11.03 -16.16 5.99
C PHE D 450 -10.83 -16.20 4.49
N ILE D 451 -9.57 -16.25 4.13
CA ILE D 451 -9.17 -16.07 2.77
C ILE D 451 -7.95 -16.91 2.60
N ASN D 452 -7.80 -17.46 1.41
CA ASN D 452 -6.63 -18.23 1.04
C ASN D 452 -5.65 -17.27 0.43
N ARG D 453 -4.57 -17.05 1.16
CA ARG D 453 -3.43 -16.30 0.64
C ARG D 453 -2.56 -17.28 -0.12
N LYS D 454 -2.93 -17.50 -1.37
CA LYS D 454 -2.27 -18.47 -2.21
C LYS D 454 -0.97 -17.92 -2.78
N LEU D 455 0.10 -18.68 -2.56
CA LEU D 455 1.37 -18.32 -3.15
C LEU D 455 1.37 -18.90 -4.56
N VAL D 456 1.72 -18.06 -5.52
CA VAL D 456 1.94 -18.53 -6.89
C VAL D 456 3.38 -18.20 -7.22
N ARG D 457 4.14 -19.25 -7.46
CA ARG D 457 5.57 -19.19 -7.56
C ARG D 457 6.07 -19.66 -8.94
N ILE D 458 6.79 -18.78 -9.63
CA ILE D 458 7.39 -19.11 -10.93
C ILE D 458 8.89 -19.08 -10.77
N GLY D 459 9.51 -20.25 -10.87
CA GLY D 459 10.94 -20.38 -10.58
C GLY D 459 11.83 -19.59 -11.51
#